data_5WQ6
#
_entry.id   5WQ6
#
_cell.length_a   73.010
_cell.length_b   186.200
_cell.length_c   76.380
_cell.angle_alpha   90.00
_cell.angle_beta   89.78
_cell.angle_gamma   90.00
#
_symmetry.space_group_name_H-M   'P 1 21 1'
#
loop_
_entity.id
_entity.type
_entity.pdbx_description
1 polymer 'MBP tagged hMNDA-PYD'
2 branched alpha-D-glucopyranose-(1-4)-alpha-D-glucopyranose
3 non-polymer 1,2-ETHANEDIOL
4 non-polymer 'ACETATE ION'
5 water water
#
_entity_poly.entity_id   1
_entity_poly.type   'polypeptide(L)'
_entity_poly.pdbx_seq_one_letter_code
;MKIEEGKLVIWINGDKGYNGLAEVGKKFEKDTGIKVTVEHPDKLEEKFPQVAATGDGPDIIFWAHDRFGGYAQSGLLAEI
TPAAAFQDKLYPFTWDAVRYNGKLIAYPIAVEALSLIYNKDLLPNPPKTWEEIPALDKELKAKGKSALMFNLQEPYFTWP
LIAADGGYAFKYAAGKYDIKDVGVDNAGAKAGLTFLVDLIKNKHMNADTDYSIAEAAFNKGETAMTINGPWAWSNIDTSA
VNYGVTVLPTFKGQPSKPFVGVLSAGINAASPNKELAKEFLENYLLTDEGLEAVNKDKPLGAVALKSYEEELAKDPRIAA
TMENAQKGEIMPNIPQMSAFWYAVRTAVINAASGRQTVDAALAAAQTNAAAAAEYKKILLLKGFELMDDYHFTSIKSLLA
YDLGLTTKMQEEYNRIKITDLMEKKFQGVACLDKLIELAKDMPSLKNLVNNLRKEKSKVAKKIKTQEKLEHHHHHH
;
_entity_poly.pdbx_strand_id   A,B,C,D
#
loop_
_chem_comp.id
_chem_comp.type
_chem_comp.name
_chem_comp.formula
ACT non-polymer 'ACETATE ION' 'C2 H3 O2 -1'
EDO non-polymer 1,2-ETHANEDIOL 'C2 H6 O2'
GLC D-saccharide, alpha linking alpha-D-glucopyranose 'C6 H12 O6'
#
# COMPACT_ATOMS: atom_id res chain seq x y z
N LYS A 2 -15.20 19.47 29.13
CA LYS A 2 -14.27 20.58 28.94
C LYS A 2 -13.89 20.74 27.47
N ILE A 3 -13.53 19.62 26.84
CA ILE A 3 -13.24 19.63 25.41
C ILE A 3 -14.55 19.46 24.66
N GLU A 4 -14.77 20.32 23.67
CA GLU A 4 -16.06 20.41 23.02
C GLU A 4 -16.26 19.23 22.08
N GLU A 5 -17.38 18.53 22.25
CA GLU A 5 -17.71 17.42 21.37
C GLU A 5 -18.21 17.93 20.03
N GLY A 6 -17.81 17.27 18.95
CA GLY A 6 -18.31 17.60 17.63
C GLY A 6 -17.47 18.55 16.82
N LYS A 7 -16.24 18.84 17.25
CA LYS A 7 -15.27 19.60 16.48
C LYS A 7 -13.90 19.07 16.86
N LEU A 8 -12.87 19.52 16.14
CA LEU A 8 -11.50 19.13 16.49
C LEU A 8 -10.70 20.40 16.74
N VAL A 9 -9.99 20.45 17.85
CA VAL A 9 -9.01 21.49 18.14
C VAL A 9 -7.63 20.86 18.06
N ILE A 10 -6.73 21.50 17.32
CA ILE A 10 -5.39 20.97 17.09
C ILE A 10 -4.38 22.00 17.54
N TRP A 11 -3.36 21.56 18.28
CA TRP A 11 -2.23 22.42 18.62
C TRP A 11 -0.97 21.94 17.91
N ILE A 12 -0.25 22.88 17.28
CA ILE A 12 1.00 22.61 16.60
C ILE A 12 1.92 23.82 16.77
N ASN A 13 3.24 23.58 16.78
CA ASN A 13 4.17 24.66 17.09
C ASN A 13 4.20 25.73 16.01
N GLY A 14 4.52 26.96 16.44
CA GLY A 14 4.46 28.10 15.56
C GLY A 14 5.48 28.11 14.45
N ASP A 15 6.47 27.20 14.47
CA ASP A 15 7.42 27.12 13.38
C ASP A 15 7.04 26.09 12.32
N LYS A 16 5.88 25.43 12.46
CA LYS A 16 5.45 24.45 11.48
C LYS A 16 4.37 25.02 10.58
N GLY A 17 3.96 24.21 9.59
CA GLY A 17 3.01 24.64 8.58
C GLY A 17 1.57 24.62 9.03
N TYR A 18 1.22 25.45 10.03
CA TYR A 18 -0.13 25.39 10.60
C TYR A 18 -1.20 25.94 9.65
N ASN A 19 -0.83 26.82 8.72
CA ASN A 19 -1.85 27.24 7.76
C ASN A 19 -2.14 26.15 6.74
N GLY A 20 -1.11 25.41 6.32
CA GLY A 20 -1.36 24.23 5.50
C GLY A 20 -2.17 23.18 6.23
N LEU A 21 -1.90 22.99 7.53
CA LEU A 21 -2.68 22.02 8.28
C LEU A 21 -4.14 22.45 8.38
N ALA A 22 -4.38 23.76 8.53
CA ALA A 22 -5.76 24.26 8.55
C ALA A 22 -6.47 23.98 7.23
N GLU A 23 -5.74 23.99 6.11
CA GLU A 23 -6.38 23.68 4.84
CA GLU A 23 -6.34 23.66 4.82
C GLU A 23 -6.77 22.20 4.76
N VAL A 24 -5.96 21.30 5.32
CA VAL A 24 -6.40 19.92 5.47
C VAL A 24 -7.66 19.86 6.32
N GLY A 25 -7.71 20.67 7.38
CA GLY A 25 -8.90 20.69 8.22
C GLY A 25 -10.13 21.19 7.48
N LYS A 26 -9.95 22.12 6.54
CA LYS A 26 -11.08 22.62 5.76
C LYS A 26 -11.65 21.52 4.87
N LYS A 27 -10.77 20.71 4.26
CA LYS A 27 -11.23 19.57 3.49
C LYS A 27 -11.99 18.58 4.37
N PHE A 28 -11.47 18.32 5.57
CA PHE A 28 -12.17 17.45 6.52
C PHE A 28 -13.56 17.98 6.82
N GLU A 29 -13.68 19.29 7.03
CA GLU A 29 -14.98 19.87 7.35
C GLU A 29 -15.94 19.77 6.17
N LYS A 30 -15.43 19.93 4.95
CA LYS A 30 -16.29 19.83 3.78
C LYS A 30 -16.83 18.40 3.61
N ASP A 31 -16.04 17.39 3.95
CA ASP A 31 -16.49 16.01 3.84
C ASP A 31 -17.43 15.62 4.98
N THR A 32 -17.19 16.12 6.19
CA THR A 32 -17.83 15.60 7.38
C THR A 32 -18.72 16.58 8.11
N GLY A 33 -18.59 17.88 7.85
CA GLY A 33 -19.24 18.91 8.62
C GLY A 33 -18.58 19.22 9.94
N ILE A 34 -17.46 18.56 10.25
CA ILE A 34 -16.78 18.75 11.52
C ILE A 34 -15.74 19.84 11.36
N LYS A 35 -15.88 20.92 12.12
CA LYS A 35 -14.97 22.05 12.03
C LYS A 35 -13.65 21.70 12.71
N VAL A 36 -12.55 22.16 12.12
CA VAL A 36 -11.21 21.86 12.61
C VAL A 36 -10.50 23.18 12.84
N THR A 37 -10.17 23.47 14.10
CA THR A 37 -9.49 24.69 14.49
C THR A 37 -8.04 24.37 14.81
N VAL A 38 -7.10 25.03 14.13
CA VAL A 38 -5.67 24.87 14.37
C VAL A 38 -5.16 26.08 15.15
N GLU A 39 -4.47 25.82 16.26
CA GLU A 39 -3.86 26.87 17.07
C GLU A 39 -2.38 26.57 17.24
N HIS A 40 -1.58 27.62 17.48
CA HIS A 40 -0.14 27.46 17.73
C HIS A 40 0.24 28.23 19.00
N PRO A 41 -0.14 27.71 20.16
CA PRO A 41 0.15 28.40 21.42
C PRO A 41 1.65 28.51 21.70
N ASP A 42 2.03 29.58 22.40
CA ASP A 42 3.38 29.68 22.93
C ASP A 42 3.63 28.61 24.00
N LYS A 43 4.88 28.17 24.09
CA LYS A 43 5.31 27.17 25.09
C LYS A 43 4.40 25.96 25.05
N LEU A 44 4.11 25.52 23.83
CA LEU A 44 3.14 24.47 23.58
C LEU A 44 3.46 23.18 24.34
N GLU A 45 4.74 22.79 24.37
CA GLU A 45 5.10 21.51 24.95
C GLU A 45 4.98 21.50 26.46
N GLU A 46 4.93 22.68 27.07
CA GLU A 46 4.67 22.81 28.50
C GLU A 46 3.20 23.02 28.79
N LYS A 47 2.53 23.76 27.91
CA LYS A 47 1.12 24.07 28.11
C LYS A 47 0.25 22.84 27.97
N PHE A 48 0.54 21.99 26.97
CA PHE A 48 -0.28 20.80 26.81
C PHE A 48 -0.35 19.95 28.08
N PRO A 49 0.77 19.57 28.73
CA PRO A 49 0.62 18.72 29.91
C PRO A 49 -0.05 19.43 31.07
N GLN A 50 0.05 20.75 31.14
CA GLN A 50 -0.66 21.49 32.19
C GLN A 50 -2.17 21.35 32.04
N VAL A 51 -2.69 21.64 30.83
CA VAL A 51 -4.14 21.63 30.64
C VAL A 51 -4.67 20.21 30.50
N ALA A 52 -3.93 19.30 29.86
CA ALA A 52 -4.48 17.97 29.66
C ALA A 52 -4.56 17.18 30.95
N ALA A 53 -3.76 17.56 31.96
CA ALA A 53 -3.81 16.87 33.25
C ALA A 53 -5.19 16.91 33.89
N THR A 54 -5.97 17.95 33.58
CA THR A 54 -7.30 18.09 34.15
C THR A 54 -8.40 17.76 33.16
N GLY A 55 -8.03 17.27 31.97
CA GLY A 55 -9.01 16.92 30.96
C GLY A 55 -9.37 18.04 30.02
N ASP A 56 -8.59 19.12 29.99
CA ASP A 56 -8.75 20.24 29.07
C ASP A 56 -7.80 20.08 27.89
N GLY A 57 -7.78 21.10 27.02
CA GLY A 57 -6.80 21.18 25.94
C GLY A 57 -7.29 20.77 24.56
N PRO A 58 -6.36 20.61 23.62
CA PRO A 58 -6.75 20.25 22.26
C PRO A 58 -7.14 18.80 22.14
N ASP A 59 -7.85 18.48 21.05
CA ASP A 59 -8.10 17.09 20.72
C ASP A 59 -6.82 16.41 20.25
N ILE A 60 -5.99 17.13 19.49
CA ILE A 60 -4.78 16.60 18.88
C ILE A 60 -3.61 17.52 19.22
N ILE A 61 -2.48 16.93 19.63
CA ILE A 61 -1.26 17.66 19.97
C ILE A 61 -0.13 17.22 19.04
N PHE A 62 0.54 18.19 18.43
CA PHE A 62 1.73 17.93 17.61
C PHE A 62 2.98 18.36 18.36
N TRP A 63 3.97 17.47 18.39
CA TRP A 63 5.32 17.83 18.86
C TRP A 63 6.26 16.74 18.36
N ALA A 64 7.56 17.02 18.43
CA ALA A 64 8.51 15.93 18.23
C ALA A 64 8.27 14.83 19.26
N HIS A 65 8.62 13.60 18.87
CA HIS A 65 8.28 12.43 19.67
C HIS A 65 8.96 12.39 21.04
N ASP A 66 10.03 13.17 21.26
CA ASP A 66 10.77 13.02 22.52
C ASP A 66 9.92 13.38 23.72
N ARG A 67 8.90 14.23 23.56
CA ARG A 67 8.08 14.63 24.69
C ARG A 67 6.95 13.64 24.98
N PHE A 68 6.71 12.68 24.09
CA PHE A 68 5.45 11.94 24.14
C PHE A 68 5.47 10.82 25.18
N GLY A 69 6.64 10.24 25.49
CA GLY A 69 6.68 9.26 26.58
C GLY A 69 6.27 9.86 27.91
N GLY A 70 6.74 11.08 28.18
CA GLY A 70 6.29 11.77 29.39
C GLY A 70 4.79 12.02 29.40
N TYR A 71 4.23 12.45 28.27
CA TYR A 71 2.78 12.65 28.20
C TYR A 71 2.02 11.35 28.43
N ALA A 72 2.52 10.25 27.86
CA ALA A 72 1.85 8.95 27.99
C ALA A 72 1.97 8.40 29.41
N GLN A 73 3.14 8.56 30.03
CA GLN A 73 3.29 8.16 31.42
C GLN A 73 2.31 8.89 32.32
N SER A 74 2.00 10.13 31.99
CA SER A 74 1.05 10.96 32.73
C SER A 74 -0.40 10.66 32.35
N GLY A 75 -0.62 9.70 31.47
CA GLY A 75 -1.98 9.35 31.10
C GLY A 75 -2.69 10.38 30.25
N LEU A 76 -1.94 11.19 29.50
CA LEU A 76 -2.52 12.30 28.75
C LEU A 76 -2.89 11.93 27.32
N LEU A 77 -2.56 10.72 26.88
CA LEU A 77 -2.67 10.37 25.47
C LEU A 77 -3.49 9.11 25.31
N ALA A 78 -4.32 9.10 24.27
CA ALA A 78 -5.07 7.90 23.91
C ALA A 78 -4.18 6.94 23.13
N GLU A 79 -4.32 5.65 23.41
CA GLU A 79 -3.54 4.67 22.66
C GLU A 79 -4.00 4.64 21.21
N ILE A 80 -3.03 4.58 20.30
CA ILE A 80 -3.25 4.54 18.87
C ILE A 80 -3.23 3.08 18.44
N THR A 81 -4.27 2.64 17.71
CA THR A 81 -4.35 1.26 17.23
C THR A 81 -4.79 1.24 15.77
N PRO A 82 -3.92 1.68 14.86
CA PRO A 82 -4.30 1.66 13.44
C PRO A 82 -4.36 0.24 12.89
N ALA A 83 -5.23 0.04 11.91
CA ALA A 83 -5.26 -1.20 11.18
C ALA A 83 -3.91 -1.47 10.53
N ALA A 84 -3.57 -2.75 10.38
CA ALA A 84 -2.29 -3.09 9.77
C ALA A 84 -2.12 -2.46 8.40
N ALA A 85 -3.22 -2.31 7.65
CA ALA A 85 -3.14 -1.72 6.32
C ALA A 85 -2.68 -0.28 6.38
N PHE A 86 -3.10 0.46 7.40
CA PHE A 86 -2.56 1.80 7.57
C PHE A 86 -1.13 1.77 8.11
N GLN A 87 -0.86 0.93 9.12
CA GLN A 87 0.48 0.90 9.70
C GLN A 87 1.54 0.64 8.65
N ASP A 88 1.22 -0.20 7.66
CA ASP A 88 2.18 -0.52 6.61
C ASP A 88 2.52 0.67 5.73
N LYS A 89 1.71 1.73 5.74
CA LYS A 89 1.97 2.90 4.90
C LYS A 89 3.10 3.78 5.41
N LEU A 90 3.48 3.64 6.68
CA LEU A 90 4.55 4.44 7.28
C LEU A 90 5.77 3.58 7.54
N TYR A 91 6.95 4.20 7.51
CA TYR A 91 8.19 3.45 7.77
C TYR A 91 8.19 2.87 9.17
N PRO A 92 8.57 1.60 9.35
CA PRO A 92 8.60 1.01 10.71
C PRO A 92 9.37 1.82 11.74
N PHE A 93 10.51 2.40 11.39
CA PHE A 93 11.28 3.13 12.39
C PHE A 93 10.55 4.36 12.89
N THR A 94 9.61 4.92 12.10
CA THR A 94 8.87 6.04 12.64
C THR A 94 7.83 5.59 13.66
N TRP A 95 7.24 4.40 13.48
CA TRP A 95 6.36 3.86 14.51
C TRP A 95 7.13 3.55 15.79
N ASP A 96 8.39 3.11 15.67
CA ASP A 96 9.21 2.89 16.86
C ASP A 96 9.34 4.16 17.70
N ALA A 97 9.46 5.30 17.02
CA ALA A 97 9.64 6.56 17.75
C ALA A 97 8.44 6.94 18.59
N VAL A 98 7.24 6.45 18.25
CA VAL A 98 6.02 6.79 18.96
C VAL A 98 5.47 5.59 19.74
N ARG A 99 6.31 4.59 20.01
CA ARG A 99 5.91 3.45 20.82
C ARG A 99 6.49 3.61 22.22
N TYR A 100 5.64 3.47 23.24
CA TYR A 100 6.07 3.67 24.61
C TYR A 100 5.45 2.59 25.48
N ASN A 101 6.30 1.84 26.18
CA ASN A 101 5.86 0.71 27.01
C ASN A 101 4.92 -0.20 26.26
N GLY A 102 5.27 -0.48 25.00
CA GLY A 102 4.54 -1.41 24.16
C GLY A 102 3.35 -0.84 23.42
N LYS A 103 2.99 0.42 23.67
CA LYS A 103 1.79 1.01 23.10
C LYS A 103 2.16 2.12 22.13
N LEU A 104 1.48 2.18 20.99
CA LEU A 104 1.61 3.35 20.11
C LEU A 104 0.83 4.50 20.74
N ILE A 105 1.49 5.66 20.88
CA ILE A 105 0.90 6.80 21.58
C ILE A 105 0.79 8.03 20.70
N ALA A 106 1.11 7.91 19.41
CA ALA A 106 0.93 9.03 18.48
C ALA A 106 1.05 8.49 17.06
N TYR A 107 0.64 9.32 16.09
CA TYR A 107 0.93 9.07 14.69
C TYR A 107 2.20 9.79 14.29
N PRO A 108 3.19 9.10 13.73
CA PRO A 108 4.40 9.79 13.22
C PRO A 108 4.09 10.49 11.91
N ILE A 109 4.64 11.70 11.77
CA ILE A 109 4.39 12.54 10.61
C ILE A 109 5.64 12.71 9.75
N ALA A 110 6.75 13.13 10.36
CA ALA A 110 7.92 13.51 9.57
C ALA A 110 9.18 13.43 10.40
N VAL A 111 10.29 13.14 9.73
CA VAL A 111 11.60 12.98 10.34
C VAL A 111 12.34 14.29 10.18
N GLU A 112 12.75 14.89 11.29
CA GLU A 112 13.43 16.18 11.29
C GLU A 112 14.89 16.01 11.69
N ALA A 113 15.78 16.64 10.94
CA ALA A 113 17.14 16.78 11.42
C ALA A 113 17.65 18.13 10.97
N LEU A 114 18.54 18.71 11.77
CA LEU A 114 19.20 19.96 11.41
C LEU A 114 20.20 19.71 10.30
N SER A 115 20.35 20.72 9.43
CA SER A 115 21.41 20.75 8.44
C SER A 115 22.14 22.10 8.49
N LEU A 116 23.29 22.15 7.83
CA LEU A 116 23.95 23.42 7.56
C LEU A 116 23.29 24.08 6.35
N ILE A 117 22.80 25.30 6.55
CA ILE A 117 22.22 26.09 5.47
C ILE A 117 23.18 27.22 5.15
N TYR A 118 23.48 27.41 3.87
CA TYR A 118 24.51 28.40 3.54
C TYR A 118 24.10 29.23 2.34
N ASN A 119 24.65 30.46 2.30
CA ASN A 119 24.39 31.43 1.24
C ASN A 119 25.44 31.23 0.14
N LYS A 120 25.00 30.71 -1.00
CA LYS A 120 25.95 30.33 -2.06
C LYS A 120 26.66 31.53 -2.67
N ASP A 121 26.06 32.72 -2.61
CA ASP A 121 26.73 33.89 -3.17
C ASP A 121 27.85 34.38 -2.26
N LEU A 122 27.65 34.31 -0.94
CA LEU A 122 28.71 34.67 -0.01
C LEU A 122 29.74 33.56 0.14
N LEU A 123 29.32 32.32 -0.05
CA LEU A 123 30.10 31.15 0.36
C LEU A 123 29.83 30.02 -0.62
N PRO A 124 30.44 30.06 -1.80
CA PRO A 124 30.18 29.01 -2.79
C PRO A 124 30.58 27.62 -2.31
N ASN A 125 31.63 27.52 -1.50
CA ASN A 125 32.11 26.25 -0.97
C ASN A 125 31.98 26.28 0.54
N PRO A 126 30.92 25.70 1.13
CA PRO A 126 30.76 25.79 2.57
C PRO A 126 31.83 24.99 3.29
N PRO A 127 32.13 25.34 4.53
CA PRO A 127 33.22 24.65 5.24
C PRO A 127 32.83 23.24 5.62
N LYS A 128 33.79 22.32 5.50
CA LYS A 128 33.59 20.95 5.93
C LYS A 128 33.81 20.76 7.43
N THR A 129 34.54 21.67 8.09
CA THR A 129 34.86 21.53 9.50
C THR A 129 34.41 22.75 10.29
N TRP A 130 34.03 22.52 11.54
CA TRP A 130 33.80 23.62 12.47
C TRP A 130 35.05 24.44 12.65
N GLU A 131 36.21 23.78 12.61
CA GLU A 131 37.46 24.45 12.94
C GLU A 131 37.83 25.52 11.93
N GLU A 132 37.33 25.43 10.69
CA GLU A 132 37.57 26.47 9.69
C GLU A 132 36.74 27.71 9.89
N ILE A 133 35.69 27.64 10.70
CA ILE A 133 34.70 28.72 10.73
C ILE A 133 35.29 30.00 11.31
N PRO A 134 36.11 29.96 12.37
CA PRO A 134 36.73 31.21 12.85
C PRO A 134 37.45 32.01 11.77
N ALA A 135 38.31 31.37 10.97
CA ALA A 135 39.01 32.09 9.90
C ALA A 135 38.06 32.60 8.85
N LEU A 136 37.02 31.82 8.52
CA LEU A 136 36.03 32.27 7.56
CA LEU A 136 36.02 32.27 7.56
C LEU A 136 35.29 33.50 8.07
N ASP A 137 34.99 33.54 9.37
CA ASP A 137 34.32 34.70 9.94
C ASP A 137 35.20 35.94 9.85
N LYS A 138 36.50 35.79 10.14
CA LYS A 138 37.41 36.92 10.00
C LYS A 138 37.37 37.48 8.59
N GLU A 139 37.37 36.60 7.60
CA GLU A 139 37.35 37.01 6.20
C GLU A 139 36.03 37.69 5.85
N LEU A 140 34.91 37.18 6.38
CA LEU A 140 33.61 37.77 6.04
C LEU A 140 33.37 39.07 6.80
N LYS A 141 33.89 39.18 8.03
CA LYS A 141 33.74 40.43 8.77
C LYS A 141 34.39 41.59 8.04
N ALA A 142 35.48 41.31 7.30
CA ALA A 142 36.13 42.35 6.50
C ALA A 142 35.27 42.80 5.32
N LYS A 143 34.22 42.05 4.99
CA LYS A 143 33.25 42.45 3.97
C LYS A 143 31.93 42.89 4.59
N GLY A 144 31.88 43.13 5.90
CA GLY A 144 30.66 43.55 6.55
C GLY A 144 29.65 42.45 6.81
N LYS A 145 30.07 41.19 6.77
CA LYS A 145 29.20 40.03 6.98
C LYS A 145 29.73 39.21 8.17
N SER A 146 29.07 38.08 8.44
CA SER A 146 29.56 37.13 9.43
C SER A 146 29.44 35.74 8.85
N ALA A 147 30.13 34.78 9.49
CA ALA A 147 30.14 33.41 8.98
C ALA A 147 28.87 32.64 9.36
N LEU A 148 28.45 32.72 10.61
CA LEU A 148 27.48 31.76 11.13
C LEU A 148 26.64 32.38 12.23
N MET A 149 25.31 32.26 12.13
CA MET A 149 24.40 32.58 13.23
C MET A 149 23.32 31.52 13.31
N PHE A 150 23.12 31.00 14.52
CA PHE A 150 22.04 30.06 14.78
C PHE A 150 21.56 30.23 16.22
N ASN A 151 20.39 29.66 16.50
CA ASN A 151 19.73 29.81 17.79
C ASN A 151 20.55 29.21 18.92
N LEU A 152 21.01 30.05 19.85
CA LEU A 152 21.80 29.60 20.99
C LEU A 152 20.99 29.53 22.27
N GLN A 153 19.67 29.72 22.18
CA GLN A 153 18.83 29.65 23.36
C GLN A 153 18.20 28.27 23.56
N GLU A 154 18.12 27.47 22.50
CA GLU A 154 17.58 26.13 22.60
C GLU A 154 18.67 25.11 22.39
N PRO A 155 18.88 24.18 23.33
CA PRO A 155 20.03 23.26 23.23
C PRO A 155 19.96 22.31 22.05
N TYR A 156 18.76 22.10 21.50
CA TYR A 156 18.59 21.37 20.24
C TYR A 156 19.61 21.75 19.18
N PHE A 157 19.90 23.06 19.04
CA PHE A 157 20.75 23.55 17.95
C PHE A 157 22.23 23.42 18.23
N THR A 158 22.62 23.34 19.50
CA THR A 158 24.01 23.13 19.87
CA THR A 158 24.01 23.12 19.84
C THR A 158 24.33 21.66 20.08
N TRP A 159 23.31 20.83 20.32
CA TRP A 159 23.54 19.39 20.49
C TRP A 159 24.38 18.74 19.39
N PRO A 160 24.21 19.05 18.10
CA PRO A 160 25.04 18.35 17.10
C PRO A 160 26.53 18.48 17.38
N LEU A 161 26.94 19.63 17.94
CA LEU A 161 28.36 19.86 18.23
C LEU A 161 28.79 19.23 19.55
N ILE A 162 27.93 19.29 20.58
CA ILE A 162 28.21 18.60 21.84
C ILE A 162 28.34 17.11 21.61
N ALA A 163 27.50 16.54 20.76
CA ALA A 163 27.51 15.10 20.57
C ALA A 163 28.62 14.62 19.64
N ALA A 164 29.22 15.53 18.86
CA ALA A 164 30.10 15.11 17.77
C ALA A 164 31.26 14.26 18.28
N ASP A 165 31.95 14.71 19.32
CA ASP A 165 33.14 14.03 19.86
C ASP A 165 32.80 13.11 21.03
N GLY A 166 31.51 12.86 21.30
CA GLY A 166 31.18 11.83 22.28
C GLY A 166 30.08 12.09 23.30
N GLY A 167 29.57 13.32 23.38
CA GLY A 167 28.47 13.58 24.30
C GLY A 167 27.23 12.80 23.92
N TYR A 168 26.46 12.40 24.93
CA TYR A 168 25.20 11.70 24.70
C TYR A 168 24.23 12.04 25.82
N ALA A 169 22.96 11.69 25.61
CA ALA A 169 21.92 11.92 26.61
C ALA A 169 21.85 10.76 27.60
N PHE A 170 21.20 9.67 27.23
CA PHE A 170 21.11 8.48 28.06
C PHE A 170 21.71 7.31 27.31
N LYS A 171 22.53 6.53 28.00
CA LYS A 171 23.13 5.36 27.38
C LYS A 171 22.07 4.32 27.05
N TYR A 172 22.08 3.84 25.82
CA TYR A 172 21.20 2.76 25.40
C TYR A 172 21.93 1.45 25.68
N ALA A 173 21.45 0.68 26.65
CA ALA A 173 22.16 -0.50 27.14
C ALA A 173 21.22 -1.70 27.11
N ALA A 174 21.54 -2.69 26.28
CA ALA A 174 20.79 -3.94 26.23
C ALA A 174 19.28 -3.67 26.10
N GLY A 175 18.92 -2.92 25.07
CA GLY A 175 17.53 -2.76 24.70
C GLY A 175 16.77 -1.68 25.44
N LYS A 176 17.38 -0.96 26.37
CA LYS A 176 16.65 0.11 27.03
C LYS A 176 17.61 1.20 27.45
N TYR A 177 17.07 2.40 27.62
CA TYR A 177 17.89 3.50 28.10
C TYR A 177 18.16 3.35 29.57
N ASP A 178 19.40 3.61 29.95
CA ASP A 178 19.85 3.60 31.34
C ASP A 178 19.74 5.03 31.85
N ILE A 179 18.74 5.28 32.70
CA ILE A 179 18.41 6.66 33.05
C ILE A 179 19.43 7.18 34.06
N LYS A 180 20.33 6.30 34.49
CA LYS A 180 21.40 6.70 35.39
C LYS A 180 22.74 6.91 34.68
N ASP A 181 22.82 6.66 33.38
CA ASP A 181 24.05 6.79 32.61
C ASP A 181 23.84 7.93 31.61
N VAL A 182 24.23 9.14 32.02
CA VAL A 182 24.06 10.36 31.26
C VAL A 182 25.42 10.78 30.72
N GLY A 183 25.44 11.27 29.48
CA GLY A 183 26.74 11.54 28.87
C GLY A 183 26.97 12.99 28.53
N VAL A 184 26.52 13.91 29.39
CA VAL A 184 26.65 15.31 29.05
C VAL A 184 27.89 15.96 29.66
N ASP A 185 28.64 15.26 30.52
CA ASP A 185 29.86 15.86 31.05
C ASP A 185 31.10 15.00 30.78
N ASN A 186 31.06 14.19 29.72
CA ASN A 186 32.27 13.47 29.34
C ASN A 186 33.18 14.37 28.50
N ALA A 187 34.36 13.85 28.14
CA ALA A 187 35.34 14.69 27.46
C ALA A 187 34.82 15.19 26.12
N GLY A 188 34.02 14.37 25.42
CA GLY A 188 33.50 14.79 24.12
C GLY A 188 32.52 15.94 24.24
N ALA A 189 31.60 15.85 25.22
CA ALA A 189 30.64 16.93 25.44
C ALA A 189 31.35 18.21 25.80
N LYS A 190 32.34 18.12 26.71
CA LYS A 190 33.10 19.30 27.10
C LYS A 190 33.81 19.92 25.90
N ALA A 191 34.40 19.09 25.04
CA ALA A 191 35.12 19.64 23.90
C ALA A 191 34.19 20.42 22.98
N GLY A 192 33.01 19.87 22.71
CA GLY A 192 32.08 20.55 21.82
C GLY A 192 31.57 21.84 22.42
N LEU A 193 31.16 21.81 23.70
CA LEU A 193 30.65 23.03 24.30
C LEU A 193 31.75 24.06 24.41
N THR A 194 32.98 23.63 24.75
CA THR A 194 34.10 24.57 24.78
C THR A 194 34.29 25.27 23.43
N PHE A 195 34.13 24.54 22.33
CA PHE A 195 34.32 25.17 21.03
C PHE A 195 33.26 26.23 20.79
N LEU A 196 32.01 25.94 21.17
CA LEU A 196 30.94 26.93 21.09
C LEU A 196 31.26 28.16 21.91
N VAL A 197 31.69 27.97 23.16
CA VAL A 197 31.99 29.11 24.03
C VAL A 197 33.18 29.89 23.48
N ASP A 198 34.15 29.19 22.87
CA ASP A 198 35.28 29.88 22.26
C ASP A 198 34.84 30.73 21.06
N LEU A 199 33.87 30.24 20.26
CA LEU A 199 33.33 31.07 19.20
C LEU A 199 32.77 32.37 19.74
N ILE A 200 32.13 32.30 20.90
CA ILE A 200 31.53 33.49 21.50
C ILE A 200 32.61 34.39 22.10
N LYS A 201 33.59 33.80 22.79
CA LYS A 201 34.67 34.60 23.36
C LYS A 201 35.45 35.34 22.28
N ASN A 202 35.62 34.72 21.10
CA ASN A 202 36.36 35.30 19.99
C ASN A 202 35.47 36.12 19.06
N LYS A 203 34.24 36.45 19.48
CA LYS A 203 33.35 37.37 18.78
C LYS A 203 32.95 36.85 17.40
N HIS A 204 32.88 35.52 17.25
CA HIS A 204 32.33 34.95 16.04
C HIS A 204 30.85 34.65 16.17
N MET A 205 30.34 34.59 17.40
CA MET A 205 28.92 34.49 17.67
C MET A 205 28.62 35.27 18.94
N ASN A 206 27.34 35.58 19.13
CA ASN A 206 26.84 36.33 20.27
C ASN A 206 25.94 35.41 21.10
N ALA A 207 26.17 35.38 22.42
CA ALA A 207 25.40 34.49 23.28
C ALA A 207 23.89 34.78 23.25
N ASP A 208 23.49 36.00 22.92
CA ASP A 208 22.08 36.39 22.93
CA ASP A 208 22.07 36.34 22.95
C ASP A 208 21.33 35.98 21.66
N THR A 209 22.02 35.45 20.65
CA THR A 209 21.36 35.13 19.40
C THR A 209 20.30 34.06 19.61
N ASP A 210 19.09 34.35 19.14
CA ASP A 210 17.98 33.39 19.28
C ASP A 210 17.49 33.01 17.87
N TYR A 211 16.36 32.28 17.83
CA TYR A 211 15.84 31.82 16.55
C TYR A 211 15.53 32.98 15.61
N SER A 212 14.81 33.99 16.12
CA SER A 212 14.39 35.11 15.27
C SER A 212 15.58 35.90 14.75
N ILE A 213 16.57 36.16 15.61
CA ILE A 213 17.73 36.96 15.21
C ILE A 213 18.53 36.23 14.14
N ALA A 214 18.77 34.92 14.33
CA ALA A 214 19.53 34.17 13.35
C ALA A 214 18.77 34.06 12.03
N GLU A 215 17.47 33.82 12.09
CA GLU A 215 16.69 33.67 10.85
C GLU A 215 16.68 34.97 10.06
N ALA A 216 16.43 36.09 10.74
CA ALA A 216 16.46 37.39 10.07
C ALA A 216 17.82 37.65 9.44
N ALA A 217 18.90 37.37 10.17
CA ALA A 217 20.24 37.68 9.66
C ALA A 217 20.58 36.83 8.44
N PHE A 218 20.21 35.55 8.46
CA PHE A 218 20.51 34.74 7.28
C PHE A 218 19.63 35.14 6.10
N ASN A 219 18.35 35.37 6.34
CA ASN A 219 17.44 35.63 5.23
C ASN A 219 17.60 37.04 4.67
N LYS A 220 18.19 37.94 5.44
CA LYS A 220 18.57 39.26 4.94
C LYS A 220 19.96 39.28 4.30
N GLY A 221 20.67 38.15 4.26
CA GLY A 221 21.97 38.11 3.62
C GLY A 221 23.12 38.65 4.42
N GLU A 222 22.97 38.72 5.74
CA GLU A 222 24.01 39.32 6.59
C GLU A 222 25.00 38.31 7.13
N THR A 223 24.57 37.06 7.30
CA THR A 223 25.45 36.00 7.74
C THR A 223 25.46 34.88 6.70
N ALA A 224 26.61 34.24 6.53
CA ALA A 224 26.79 33.31 5.43
C ALA A 224 26.17 31.95 5.69
N MET A 225 25.93 31.60 6.95
CA MET A 225 25.48 30.25 7.29
C MET A 225 24.52 30.32 8.46
N THR A 226 23.63 29.33 8.52
CA THR A 226 22.82 29.12 9.71
C THR A 226 22.65 27.62 9.89
N ILE A 227 22.08 27.24 11.02
CA ILE A 227 21.77 25.83 11.30
C ILE A 227 20.30 25.77 11.64
N ASN A 228 19.54 24.98 10.89
CA ASN A 228 18.10 24.96 11.08
C ASN A 228 17.53 23.73 10.38
N GLY A 229 16.25 23.50 10.62
CA GLY A 229 15.56 22.34 10.07
C GLY A 229 14.75 22.70 8.84
N PRO A 230 14.06 21.71 8.28
CA PRO A 230 13.36 21.92 7.00
C PRO A 230 12.25 22.96 7.06
N TRP A 231 11.61 23.15 8.23
CA TRP A 231 10.56 24.15 8.36
C TRP A 231 11.04 25.56 8.01
N ALA A 232 12.35 25.80 8.06
CA ALA A 232 12.92 27.10 7.77
C ALA A 232 13.04 27.39 6.28
N TRP A 233 12.93 26.37 5.42
CA TRP A 233 13.32 26.57 4.02
C TRP A 233 12.38 27.52 3.28
N SER A 234 11.09 27.50 3.60
CA SER A 234 10.19 28.29 2.76
C SER A 234 10.38 29.78 2.98
N ASN A 235 10.74 30.21 4.20
CA ASN A 235 11.05 31.62 4.40
C ASN A 235 12.32 32.03 3.66
N ILE A 236 13.31 31.13 3.54
CA ILE A 236 14.47 31.46 2.73
C ILE A 236 14.08 31.53 1.25
N ASP A 237 13.18 30.64 0.81
CA ASP A 237 12.70 30.69 -0.57
C ASP A 237 12.18 32.08 -0.91
N THR A 238 11.39 32.67 -0.01
CA THR A 238 10.78 33.98 -0.28
C THR A 238 11.81 35.10 -0.21
N SER A 239 12.90 34.91 0.52
CA SER A 239 13.99 35.87 0.61
C SER A 239 14.79 35.90 -0.68
N ALA A 240 15.71 36.85 -0.76
CA ALA A 240 16.59 36.99 -1.92
C ALA A 240 17.82 36.08 -1.85
N VAL A 241 17.87 35.11 -0.95
CA VAL A 241 19.08 34.33 -0.72
C VAL A 241 19.09 33.07 -1.59
N ASN A 242 20.18 32.90 -2.33
CA ASN A 242 20.43 31.69 -3.10
C ASN A 242 21.12 30.70 -2.16
N TYR A 243 20.37 29.74 -1.63
CA TYR A 243 20.88 28.94 -0.53
C TYR A 243 21.06 27.48 -0.91
N GLY A 244 21.91 26.80 -0.13
CA GLY A 244 22.03 25.36 -0.21
C GLY A 244 21.88 24.76 1.17
N VAL A 245 21.57 23.47 1.19
CA VAL A 245 21.39 22.70 2.42
C VAL A 245 22.37 21.54 2.34
N THR A 246 23.18 21.37 3.39
CA THR A 246 24.29 20.41 3.25
C THR A 246 24.61 19.76 4.60
N VAL A 247 25.56 18.83 4.55
CA VAL A 247 26.01 18.13 5.75
C VAL A 247 26.61 19.13 6.72
N LEU A 248 26.33 18.93 8.02
CA LEU A 248 26.91 19.78 9.05
C LEU A 248 28.43 19.62 9.07
N PRO A 249 29.16 20.64 9.52
CA PRO A 249 30.62 20.53 9.59
C PRO A 249 31.03 19.45 10.58
N THR A 250 32.20 18.85 10.35
CA THR A 250 32.73 17.92 11.31
C THR A 250 33.40 18.67 12.46
N PHE A 251 33.54 18.00 13.60
CA PHE A 251 34.28 18.53 14.73
C PHE A 251 35.29 17.48 15.18
N LYS A 252 36.55 17.88 15.31
CA LYS A 252 37.63 16.96 15.63
C LYS A 252 37.59 15.75 14.70
N GLY A 253 37.28 16.02 13.43
CA GLY A 253 37.18 15.01 12.39
C GLY A 253 35.96 14.12 12.44
N GLN A 254 35.07 14.31 13.41
CA GLN A 254 33.87 13.50 13.59
CA GLN A 254 33.89 13.48 13.53
C GLN A 254 32.64 14.25 13.07
N PRO A 255 31.68 13.56 12.46
CA PRO A 255 30.47 14.24 12.02
C PRO A 255 29.73 14.85 13.20
N SER A 256 29.10 16.01 12.95
CA SER A 256 28.13 16.53 13.91
C SER A 256 26.97 15.57 13.97
N LYS A 257 26.39 15.41 15.15
CA LYS A 257 25.40 14.36 15.42
C LYS A 257 24.10 14.97 15.93
N PRO A 258 23.24 15.45 15.04
CA PRO A 258 21.99 16.06 15.50
C PRO A 258 21.06 15.04 16.13
N PHE A 259 20.27 15.49 17.10
CA PHE A 259 19.17 14.68 17.61
C PHE A 259 18.05 14.68 16.59
N VAL A 260 17.65 13.49 16.15
CA VAL A 260 16.61 13.35 15.12
C VAL A 260 15.26 13.30 15.82
N GLY A 261 14.34 14.16 15.38
CA GLY A 261 12.99 14.24 15.93
C GLY A 261 11.99 13.73 14.92
N VAL A 262 10.96 13.06 15.40
CA VAL A 262 9.85 12.64 14.54
C VAL A 262 8.66 13.50 14.95
N LEU A 263 8.28 14.44 14.08
CA LEU A 263 7.05 15.20 14.33
C LEU A 263 5.91 14.20 14.41
N SER A 264 5.15 14.28 15.50
CA SER A 264 4.13 13.28 15.81
C SER A 264 2.85 13.97 16.27
N ALA A 265 1.72 13.29 16.06
CA ALA A 265 0.42 13.82 16.46
C ALA A 265 -0.23 12.84 17.42
N GLY A 266 -0.46 13.31 18.66
CA GLY A 266 -1.14 12.51 19.66
C GLY A 266 -2.57 12.97 19.86
N ILE A 267 -3.39 12.07 20.38
CA ILE A 267 -4.80 12.31 20.68
C ILE A 267 -4.95 12.44 22.19
N ASN A 268 -5.52 13.56 22.63
CA ASN A 268 -5.77 13.79 24.05
C ASN A 268 -6.62 12.68 24.65
N ALA A 269 -6.16 12.09 25.75
CA ALA A 269 -6.92 11.02 26.40
C ALA A 269 -8.32 11.48 26.82
N ALA A 270 -8.50 12.78 27.03
CA ALA A 270 -9.78 13.34 27.44
C ALA A 270 -10.65 13.75 26.26
N SER A 271 -10.17 13.59 25.04
CA SER A 271 -10.97 14.02 23.88
C SER A 271 -12.24 13.20 23.75
N PRO A 272 -13.40 13.85 23.57
CA PRO A 272 -14.61 13.12 23.19
C PRO A 272 -14.74 12.88 21.70
N ASN A 273 -13.70 13.19 20.94
CA ASN A 273 -13.69 13.14 19.48
C ASN A 273 -12.59 12.20 18.96
N LYS A 274 -12.31 11.10 19.67
CA LYS A 274 -11.17 10.26 19.30
C LYS A 274 -11.38 9.59 17.93
N GLU A 275 -12.61 9.16 17.63
CA GLU A 275 -12.89 8.55 16.33
C GLU A 275 -12.65 9.53 15.19
N LEU A 276 -13.15 10.77 15.33
CA LEU A 276 -12.93 11.81 14.33
C LEU A 276 -11.46 12.19 14.23
N ALA A 277 -10.78 12.30 15.36
CA ALA A 277 -9.35 12.63 15.31
C ALA A 277 -8.57 11.58 14.54
N LYS A 278 -8.88 10.29 14.78
CA LYS A 278 -8.23 9.23 14.03
C LYS A 278 -8.55 9.33 12.54
N GLU A 279 -9.80 9.65 12.21
CA GLU A 279 -10.15 9.73 10.81
C GLU A 279 -9.39 10.85 10.13
N PHE A 280 -9.27 12.00 10.80
CA PHE A 280 -8.54 13.13 10.26
C PHE A 280 -7.06 12.79 10.08
N LEU A 281 -6.45 12.20 11.10
CA LEU A 281 -5.01 11.98 11.02
C LEU A 281 -4.65 10.90 10.01
N GLU A 282 -5.40 9.78 9.99
CA GLU A 282 -5.05 8.68 9.09
C GLU A 282 -5.44 8.98 7.64
N ASN A 283 -6.63 9.53 7.42
CA ASN A 283 -7.18 9.55 6.09
C ASN A 283 -7.28 10.94 5.48
N TYR A 284 -6.89 11.99 6.22
CA TYR A 284 -6.77 13.31 5.63
C TYR A 284 -5.34 13.83 5.71
N LEU A 285 -4.72 13.81 6.89
CA LEU A 285 -3.35 14.31 6.99
C LEU A 285 -2.32 13.35 6.39
N LEU A 286 -2.34 12.08 6.79
CA LEU A 286 -1.32 11.11 6.35
C LEU A 286 -1.69 10.51 4.99
N THR A 287 -1.82 11.42 4.04
CA THR A 287 -2.01 11.13 2.62
C THR A 287 -1.05 12.01 1.83
N ASP A 288 -0.83 11.68 0.55
CA ASP A 288 0.03 12.52 -0.26
C ASP A 288 -0.48 13.95 -0.27
N GLU A 289 -1.77 14.14 -0.49
CA GLU A 289 -2.34 15.47 -0.64
C GLU A 289 -2.35 16.22 0.70
N GLY A 290 -2.53 15.50 1.81
CA GLY A 290 -2.54 16.15 3.10
C GLY A 290 -1.17 16.65 3.51
N LEU A 291 -0.17 15.78 3.37
CA LEU A 291 1.20 16.19 3.69
C LEU A 291 1.69 17.26 2.73
N GLU A 292 1.29 17.19 1.45
CA GLU A 292 1.70 18.27 0.53
C GLU A 292 1.14 19.61 0.96
N ALA A 293 -0.10 19.64 1.46
CA ALA A 293 -0.69 20.89 1.90
C ALA A 293 0.12 21.50 3.04
N VAL A 294 0.55 20.69 3.99
CA VAL A 294 1.37 21.17 5.09
C VAL A 294 2.75 21.56 4.58
N ASN A 295 3.33 20.73 3.72
CA ASN A 295 4.70 20.90 3.24
C ASN A 295 4.86 22.18 2.43
N LYS A 296 3.82 22.57 1.66
CA LYS A 296 3.94 23.80 0.86
C LYS A 296 3.96 25.03 1.74
N ASP A 297 3.38 24.94 2.94
CA ASP A 297 3.43 26.03 3.91
C ASP A 297 4.82 26.10 4.54
N LYS A 298 5.16 25.07 5.31
CA LYS A 298 6.51 24.93 5.89
CA LYS A 298 6.51 24.93 5.88
C LYS A 298 6.96 23.49 5.66
N PRO A 299 8.10 23.25 5.03
CA PRO A 299 8.50 21.87 4.73
C PRO A 299 8.61 21.00 5.99
N LEU A 300 8.13 19.77 5.88
CA LEU A 300 8.10 18.81 6.98
C LEU A 300 9.44 18.11 7.21
N GLY A 301 10.25 17.97 6.18
CA GLY A 301 11.40 17.08 6.27
C GLY A 301 11.12 15.79 5.51
N ALA A 302 11.71 14.69 5.96
CA ALA A 302 11.51 13.38 5.34
C ALA A 302 10.30 12.72 5.98
N VAL A 303 9.22 12.61 5.22
CA VAL A 303 7.94 12.27 5.83
C VAL A 303 7.89 10.76 6.15
N ALA A 304 7.04 10.44 7.11
CA ALA A 304 6.85 9.04 7.51
C ALA A 304 6.05 8.25 6.49
N LEU A 305 5.26 8.92 5.66
CA LEU A 305 4.41 8.24 4.68
C LEU A 305 5.24 7.84 3.46
N LYS A 306 5.36 6.53 3.23
CA LYS A 306 6.26 6.01 2.20
C LYS A 306 5.94 6.58 0.84
N SER A 307 4.65 6.64 0.47
CA SER A 307 4.30 7.04 -0.89
C SER A 307 4.74 8.47 -1.18
N TYR A 308 4.62 9.38 -0.20
CA TYR A 308 4.99 10.76 -0.45
C TYR A 308 6.50 10.97 -0.28
N GLU A 309 7.14 10.20 0.60
CA GLU A 309 8.59 10.33 0.77
C GLU A 309 9.32 9.93 -0.51
N GLU A 310 8.77 8.99 -1.27
CA GLU A 310 9.40 8.63 -2.53
C GLU A 310 9.49 9.82 -3.48
N GLU A 311 8.57 10.76 -3.38
CA GLU A 311 8.69 11.99 -4.18
C GLU A 311 9.65 12.98 -3.54
N LEU A 312 9.59 13.14 -2.23
CA LEU A 312 10.45 14.15 -1.60
C LEU A 312 11.92 13.73 -1.62
N ALA A 313 12.20 12.43 -1.60
CA ALA A 313 13.57 11.95 -1.53
C ALA A 313 14.44 12.43 -2.69
N LYS A 314 13.84 12.82 -3.81
CA LYS A 314 14.61 13.31 -4.95
C LYS A 314 15.12 14.74 -4.77
N ASP A 315 14.67 15.42 -3.72
CA ASP A 315 15.10 16.80 -3.44
C ASP A 315 16.45 16.78 -2.73
N PRO A 316 17.49 17.43 -3.26
CA PRO A 316 18.79 17.41 -2.58
C PRO A 316 18.74 17.93 -1.15
N ARG A 317 17.77 18.81 -0.83
CA ARG A 317 17.65 19.32 0.53
C ARG A 317 17.19 18.23 1.49
N ILE A 318 16.31 17.35 1.02
CA ILE A 318 15.88 16.21 1.81
C ILE A 318 17.00 15.18 1.89
N ALA A 319 17.73 14.98 0.79
CA ALA A 319 18.90 14.10 0.85
C ALA A 319 19.87 14.57 1.92
N ALA A 320 20.09 15.89 2.00
CA ALA A 320 20.99 16.44 3.01
C ALA A 320 20.42 16.26 4.41
N THR A 321 19.11 16.45 4.56
CA THR A 321 18.46 16.22 5.84
C THR A 321 18.68 14.79 6.33
N MET A 322 18.53 13.81 5.43
CA MET A 322 18.69 12.43 5.87
C MET A 322 20.15 12.07 6.08
N GLU A 323 21.06 12.66 5.30
CA GLU A 323 22.47 12.44 5.55
C GLU A 323 22.84 12.90 6.96
N ASN A 324 22.38 14.10 7.33
CA ASN A 324 22.59 14.55 8.70
C ASN A 324 21.87 13.65 9.71
N ALA A 325 20.64 13.23 9.41
CA ALA A 325 19.92 12.38 10.36
C ALA A 325 20.68 11.09 10.61
N GLN A 326 21.25 10.50 9.55
CA GLN A 326 21.94 9.22 9.66
C GLN A 326 23.24 9.32 10.42
N LYS A 327 23.76 10.53 10.60
CA LYS A 327 24.95 10.69 11.42
C LYS A 327 24.59 10.96 12.88
N GLY A 328 23.32 11.22 13.18
CA GLY A 328 22.86 11.48 14.51
C GLY A 328 22.08 10.33 15.13
N GLU A 329 21.35 10.63 16.19
CA GLU A 329 20.57 9.63 16.89
C GLU A 329 19.12 10.07 16.98
N ILE A 330 18.19 9.12 16.80
CA ILE A 330 16.79 9.39 17.11
C ILE A 330 16.69 9.65 18.60
N MET A 331 15.94 10.70 18.97
CA MET A 331 15.83 11.02 20.38
C MET A 331 15.12 9.90 21.13
N PRO A 332 15.47 9.67 22.38
CA PRO A 332 14.62 8.83 23.22
C PRO A 332 13.28 9.51 23.40
N ASN A 333 12.24 8.71 23.66
CA ASN A 333 10.95 9.29 24.03
C ASN A 333 10.65 9.14 25.51
N ILE A 334 11.63 8.71 26.31
CA ILE A 334 11.39 8.35 27.72
C ILE A 334 11.01 9.58 28.53
N PRO A 335 10.32 9.41 29.66
CA PRO A 335 9.82 10.58 30.41
C PRO A 335 10.93 11.48 30.93
N GLN A 336 12.13 10.93 31.12
CA GLN A 336 13.27 11.66 31.62
C GLN A 336 13.80 12.69 30.61
N MET A 337 13.30 12.69 29.37
CA MET A 337 13.81 13.65 28.39
C MET A 337 13.53 15.08 28.82
N SER A 338 12.40 15.32 29.48
CA SER A 338 12.08 16.69 29.90
C SER A 338 13.16 17.22 30.84
N ALA A 339 13.56 16.42 31.83
CA ALA A 339 14.60 16.82 32.76
C ALA A 339 15.95 16.96 32.07
N PHE A 340 16.24 16.07 31.11
CA PHE A 340 17.49 16.19 30.36
C PHE A 340 17.55 17.53 29.62
N TRP A 341 16.49 17.88 28.89
CA TRP A 341 16.52 19.10 28.10
C TRP A 341 16.60 20.34 28.99
N TYR A 342 15.91 20.34 30.14
CA TYR A 342 15.98 21.48 31.04
C TYR A 342 17.39 21.67 31.58
N ALA A 343 18.02 20.55 31.97
CA ALA A 343 19.38 20.62 32.51
C ALA A 343 20.35 21.11 31.45
N VAL A 344 20.24 20.58 30.23
CA VAL A 344 21.20 20.95 29.18
C VAL A 344 20.95 22.38 28.72
N ARG A 345 19.69 22.81 28.65
CA ARG A 345 19.42 24.20 28.29
CA ARG A 345 19.39 24.20 28.32
C ARG A 345 20.11 25.15 29.27
N THR A 346 19.98 24.88 30.57
CA THR A 346 20.64 25.70 31.59
C THR A 346 22.15 25.68 31.40
N ALA A 347 22.73 24.51 31.12
CA ALA A 347 24.19 24.43 30.97
C ALA A 347 24.67 25.26 29.79
N VAL A 348 24.02 25.13 28.62
CA VAL A 348 24.49 25.84 27.44
C VAL A 348 24.33 27.34 27.60
N ILE A 349 23.19 27.77 28.16
CA ILE A 349 22.98 29.20 28.36
C ILE A 349 23.98 29.76 29.38
N ASN A 350 24.21 29.02 30.48
CA ASN A 350 25.15 29.51 31.50
C ASN A 350 26.58 29.52 30.99
N ALA A 351 26.97 28.53 30.18
CA ALA A 351 28.34 28.54 29.65
C ALA A 351 28.51 29.63 28.60
N ALA A 352 27.51 29.79 27.72
CA ALA A 352 27.62 30.78 26.66
C ALA A 352 27.68 32.20 27.20
N SER A 353 26.99 32.45 28.32
CA SER A 353 26.92 33.79 28.89
C SER A 353 28.09 34.09 29.82
N GLY A 354 28.88 33.09 30.16
CA GLY A 354 29.93 33.25 31.14
C GLY A 354 29.48 33.10 32.58
N ARG A 355 28.20 32.78 32.82
CA ARG A 355 27.73 32.57 34.18
C ARG A 355 28.41 31.38 34.84
N GLN A 356 28.69 30.32 34.09
CA GLN A 356 29.44 29.17 34.59
C GLN A 356 30.55 28.83 33.62
N THR A 357 31.62 28.23 34.13
CA THR A 357 32.58 27.59 33.26
C THR A 357 31.93 26.40 32.55
N VAL A 358 32.56 25.95 31.47
CA VAL A 358 32.05 24.77 30.76
C VAL A 358 32.01 23.56 31.68
N ASP A 359 33.09 23.34 32.44
CA ASP A 359 33.12 22.15 33.32
C ASP A 359 32.03 22.23 34.37
N ALA A 360 31.84 23.41 34.96
CA ALA A 360 30.85 23.52 36.04
C ALA A 360 29.45 23.42 35.49
N ALA A 361 29.20 24.00 34.33
CA ALA A 361 27.87 23.94 33.72
C ALA A 361 27.50 22.51 33.37
N LEU A 362 28.42 21.77 32.74
CA LEU A 362 28.07 20.41 32.36
C LEU A 362 28.04 19.45 33.54
N ALA A 363 28.88 19.67 34.56
CA ALA A 363 28.81 18.83 35.74
C ALA A 363 27.43 18.91 36.39
N ALA A 364 26.89 20.12 36.48
CA ALA A 364 25.56 20.30 37.07
C ALA A 364 24.48 19.66 36.21
N ALA A 365 24.56 19.85 34.89
CA ALA A 365 23.57 19.25 34.01
C ALA A 365 23.61 17.73 34.10
N GLN A 366 24.81 17.16 34.20
CA GLN A 366 24.96 15.72 34.31
C GLN A 366 24.28 15.19 35.57
N THR A 367 24.59 15.80 36.70
CA THR A 367 24.01 15.36 37.96
C THR A 367 22.51 15.53 37.96
N ASN A 368 22.04 16.68 37.48
CA ASN A 368 20.60 16.98 37.58
C ASN A 368 19.78 16.17 36.59
N ALA A 369 20.30 15.91 35.38
CA ALA A 369 19.56 15.04 34.47
C ALA A 369 19.43 13.64 35.06
N ALA A 370 20.45 13.17 35.77
CA ALA A 370 20.42 11.83 36.32
C ALA A 370 19.63 11.75 37.62
N ALA A 371 19.62 12.82 38.41
CA ALA A 371 19.19 12.73 39.79
C ALA A 371 18.08 13.69 40.19
N ALA A 372 17.56 14.52 39.27
CA ALA A 372 16.50 15.45 39.64
C ALA A 372 15.30 14.71 40.24
N ALA A 373 14.90 13.60 39.60
CA ALA A 373 13.74 12.85 40.08
C ALA A 373 13.94 12.37 41.52
N GLU A 374 15.15 11.94 41.85
CA GLU A 374 15.41 11.45 43.20
C GLU A 374 15.37 12.59 44.23
N TYR A 375 15.97 13.74 43.92
CA TYR A 375 15.88 14.87 44.83
C TYR A 375 14.43 15.30 45.00
N LYS A 376 13.65 15.28 43.93
CA LYS A 376 12.23 15.65 44.03
C LYS A 376 11.45 14.65 44.87
N LYS A 377 11.78 13.35 44.78
CA LYS A 377 11.12 12.37 45.65
C LYS A 377 11.42 12.63 47.12
N ILE A 378 12.66 12.98 47.44
CA ILE A 378 13.01 13.31 48.83
C ILE A 378 12.27 14.56 49.27
N LEU A 379 12.30 15.61 48.44
CA LEU A 379 11.64 16.85 48.79
C LEU A 379 10.15 16.63 49.09
N LEU A 380 9.50 15.80 48.26
CA LEU A 380 8.07 15.56 48.44
C LEU A 380 7.80 14.67 49.63
N LEU A 381 8.42 13.48 49.66
CA LEU A 381 8.02 12.45 50.63
C LEU A 381 8.64 12.68 51.99
N LYS A 382 9.86 13.20 52.04
CA LYS A 382 10.54 13.49 53.30
C LYS A 382 10.46 14.95 53.70
N GLY A 383 9.94 15.82 52.83
CA GLY A 383 9.80 17.20 53.18
C GLY A 383 8.34 17.62 53.27
N PHE A 384 7.70 17.82 52.13
CA PHE A 384 6.37 18.41 52.13
C PHE A 384 5.33 17.48 52.74
N GLU A 385 5.42 16.18 52.49
CA GLU A 385 4.39 15.28 53.02
C GLU A 385 4.56 15.01 54.52
N LEU A 386 5.60 15.54 55.14
CA LEU A 386 5.78 15.43 56.59
C LEU A 386 5.47 16.74 57.31
N MET A 387 4.91 17.73 56.62
CA MET A 387 4.49 18.96 57.26
C MET A 387 3.00 19.16 57.05
N ASP A 388 2.34 19.81 58.01
CA ASP A 388 0.90 19.96 57.92
C ASP A 388 0.54 21.11 56.99
N ASP A 389 -0.76 21.25 56.73
CA ASP A 389 -1.24 22.24 55.79
C ASP A 389 -0.85 23.66 56.22
N TYR A 390 -0.90 23.91 57.53
CA TYR A 390 -0.49 25.22 58.04
C TYR A 390 0.94 25.56 57.62
N HIS A 391 1.87 24.64 57.85
CA HIS A 391 3.26 24.91 57.50
C HIS A 391 3.47 24.94 55.98
N PHE A 392 2.75 24.08 55.25
CA PHE A 392 2.84 24.10 53.80
C PHE A 392 2.39 25.44 53.23
N THR A 393 1.28 25.99 53.74
CA THR A 393 0.85 27.31 53.31
C THR A 393 1.92 28.35 53.62
N SER A 394 2.56 28.26 54.78
CA SER A 394 3.59 29.22 55.15
C SER A 394 4.81 29.11 54.25
N ILE A 395 5.19 27.88 53.88
CA ILE A 395 6.33 27.70 52.99
C ILE A 395 6.03 28.26 51.60
N LYS A 396 4.80 28.05 51.11
CA LYS A 396 4.42 28.63 49.82
C LYS A 396 4.49 30.15 49.87
N SER A 397 4.16 30.75 51.03
CA SER A 397 4.27 32.20 51.17
C SER A 397 5.73 32.64 51.15
N LEU A 398 6.60 31.89 51.80
CA LEU A 398 8.03 32.22 51.80
C LEU A 398 8.65 32.04 50.41
N LEU A 399 8.14 31.10 49.63
CA LEU A 399 8.62 30.85 48.27
C LEU A 399 7.93 31.71 47.22
N ALA A 400 7.04 32.63 47.61
CA ALA A 400 6.18 33.29 46.63
C ALA A 400 7.00 34.10 45.62
N TYR A 401 8.02 34.81 46.09
CA TYR A 401 8.83 35.57 45.15
C TYR A 401 9.67 34.64 44.28
N ASP A 402 10.26 33.60 44.88
CA ASP A 402 11.15 32.72 44.14
C ASP A 402 10.41 31.93 43.07
N LEU A 403 9.20 31.47 43.36
CA LEU A 403 8.43 30.68 42.40
C LEU A 403 7.36 31.49 41.68
N GLY A 404 7.18 32.77 42.02
CA GLY A 404 6.21 33.60 41.34
C GLY A 404 4.78 33.21 41.63
N LEU A 405 4.45 33.02 42.90
CA LEU A 405 3.15 32.49 43.30
C LEU A 405 2.21 33.64 43.67
N THR A 406 1.12 33.77 42.92
CA THR A 406 0.05 34.67 43.30
C THR A 406 -0.66 34.14 44.56
N THR A 407 -1.65 34.90 45.04
CA THR A 407 -2.40 34.42 46.19
C THR A 407 -3.23 33.19 45.83
N LYS A 408 -3.86 33.20 44.66
CA LYS A 408 -4.62 32.03 44.22
C LYS A 408 -3.71 30.82 44.03
N MET A 409 -2.52 31.02 43.46
CA MET A 409 -1.59 29.91 43.31
C MET A 409 -1.11 29.39 44.65
N GLN A 410 -0.80 30.30 45.58
CA GLN A 410 -0.46 29.89 46.92
C GLN A 410 -1.59 29.08 47.55
N GLU A 411 -2.83 29.35 47.12
CA GLU A 411 -3.99 28.65 47.66
C GLU A 411 -4.20 27.29 46.98
N GLU A 412 -4.06 27.24 45.66
CA GLU A 412 -4.45 26.06 44.90
C GLU A 412 -3.34 25.02 44.75
N TYR A 413 -2.08 25.41 44.85
CA TYR A 413 -1.00 24.51 44.48
C TYR A 413 -0.73 23.49 45.57
N ASN A 414 -0.72 22.21 45.20
CA ASN A 414 -0.49 21.15 46.17
C ASN A 414 1.01 20.85 46.30
N ARG A 415 1.34 19.88 47.16
CA ARG A 415 2.74 19.61 47.44
C ARG A 415 3.47 19.02 46.24
N ILE A 416 2.78 18.28 45.39
CA ILE A 416 3.42 17.76 44.19
C ILE A 416 3.78 18.90 43.24
N LYS A 417 2.83 19.81 42.99
CA LYS A 417 3.09 20.95 42.12
C LYS A 417 4.23 21.81 42.66
N ILE A 418 4.21 22.12 43.95
CA ILE A 418 5.28 22.95 44.53
C ILE A 418 6.63 22.25 44.41
N THR A 419 6.65 20.93 44.63
CA THR A 419 7.88 20.16 44.48
C THR A 419 8.44 20.32 43.07
N ASP A 420 7.59 20.15 42.06
CA ASP A 420 7.97 20.37 40.67
C ASP A 420 8.50 21.77 40.46
N LEU A 421 7.74 22.78 40.90
CA LEU A 421 8.14 24.17 40.67
C LEU A 421 9.43 24.49 41.41
N MET A 422 9.55 24.00 42.64
CA MET A 422 10.71 24.32 43.46
C MET A 422 12.00 23.76 42.84
N GLU A 423 11.95 22.54 42.30
CA GLU A 423 13.17 21.97 41.71
C GLU A 423 13.48 22.60 40.37
N LYS A 424 12.47 23.07 39.63
CA LYS A 424 12.77 23.85 38.43
C LYS A 424 13.57 25.10 38.78
N LYS A 425 13.20 25.78 39.87
CA LYS A 425 13.93 26.97 40.29
C LYS A 425 15.26 26.63 40.95
N PHE A 426 15.27 25.62 41.81
CA PHE A 426 16.44 25.22 42.59
C PHE A 426 16.78 23.79 42.18
N GLN A 427 17.57 23.65 41.12
CA GLN A 427 17.74 22.34 40.49
C GLN A 427 18.53 21.39 41.38
N GLY A 428 18.14 20.12 41.35
CA GLY A 428 18.89 19.07 42.03
C GLY A 428 18.91 19.27 43.54
N VAL A 429 20.11 19.14 44.12
CA VAL A 429 20.26 19.25 45.57
C VAL A 429 19.81 20.63 46.07
N ALA A 430 19.79 21.64 45.20
CA ALA A 430 19.44 22.99 45.64
C ALA A 430 18.03 23.06 46.21
N CYS A 431 17.12 22.20 45.75
CA CYS A 431 15.76 22.28 46.27
C CYS A 431 15.69 21.75 47.71
N LEU A 432 16.51 20.75 48.05
CA LEU A 432 16.60 20.30 49.43
C LEU A 432 17.24 21.36 50.30
N ASP A 433 18.35 21.95 49.84
CA ASP A 433 19.00 23.02 50.60
C ASP A 433 18.03 24.16 50.89
N LYS A 434 17.22 24.53 49.89
CA LYS A 434 16.28 25.64 50.06
C LYS A 434 15.25 25.31 51.13
N LEU A 435 14.64 24.12 51.08
CA LEU A 435 13.65 23.78 52.10
C LEU A 435 14.27 23.73 53.49
N ILE A 436 15.47 23.14 53.60
CA ILE A 436 16.20 23.14 54.87
C ILE A 436 16.37 24.57 55.38
N GLU A 437 16.80 25.47 54.49
CA GLU A 437 17.02 26.86 54.88
C GLU A 437 15.72 27.52 55.32
N LEU A 438 14.63 27.30 54.58
CA LEU A 438 13.36 27.94 54.92
C LEU A 438 12.76 27.41 56.21
N ALA A 439 13.03 26.15 56.56
CA ALA A 439 12.40 25.52 57.70
C ALA A 439 13.36 25.35 58.88
N LYS A 440 14.56 25.93 58.79
CA LYS A 440 15.51 25.91 59.91
C LYS A 440 14.85 26.34 61.21
N ASP A 441 14.13 27.46 61.19
CA ASP A 441 13.71 28.17 62.39
C ASP A 441 12.25 27.91 62.76
N MET A 442 11.57 27.03 62.06
CA MET A 442 10.19 26.70 62.41
C MET A 442 10.19 25.64 63.50
N PRO A 443 9.69 25.94 64.70
CA PRO A 443 9.82 24.99 65.82
C PRO A 443 9.24 23.62 65.52
N SER A 444 8.02 23.55 65.00
CA SER A 444 7.37 22.28 64.74
C SER A 444 8.04 21.50 63.61
N LEU A 445 8.91 22.13 62.82
CA LEU A 445 9.55 21.46 61.69
C LEU A 445 11.01 21.12 61.93
N LYS A 446 11.54 21.37 63.14
CA LYS A 446 12.95 21.09 63.39
C LYS A 446 13.27 19.61 63.21
N ASN A 447 12.36 18.74 63.62
CA ASN A 447 12.58 17.31 63.42
C ASN A 447 12.58 16.96 61.94
N LEU A 448 11.59 17.46 61.19
CA LEU A 448 11.58 17.28 59.75
C LEU A 448 12.89 17.72 59.11
N VAL A 449 13.41 18.88 59.54
CA VAL A 449 14.62 19.42 58.93
C VAL A 449 15.81 18.51 59.19
N ASN A 450 15.92 17.97 60.41
CA ASN A 450 17.04 17.11 60.74
C ASN A 450 17.11 15.89 59.81
N ASN A 451 15.96 15.28 59.52
CA ASN A 451 15.96 14.11 58.64
C ASN A 451 16.27 14.49 57.20
N LEU A 452 15.87 15.68 56.76
CA LEU A 452 16.22 16.12 55.41
C LEU A 452 17.73 16.24 55.24
N ARG A 453 18.43 16.73 56.28
CA ARG A 453 19.89 16.73 56.23
C ARG A 453 20.43 15.32 56.06
N LYS A 454 19.87 14.37 56.79
CA LYS A 454 20.29 12.98 56.65
C LYS A 454 19.97 12.44 55.27
N GLU A 455 18.79 12.78 54.74
CA GLU A 455 18.45 12.34 53.39
C GLU A 455 19.38 12.98 52.36
N LYS A 456 19.69 14.27 52.53
CA LYS A 456 20.64 14.91 51.63
C LYS A 456 21.97 14.17 51.62
N SER A 457 22.47 13.76 52.79
CA SER A 457 23.75 13.08 52.85
C SER A 457 23.68 11.71 52.18
N LYS A 458 22.56 11.01 52.33
CA LYS A 458 22.42 9.66 51.77
C LYS A 458 22.55 9.68 50.25
N VAL A 459 21.86 10.62 49.59
CA VAL A 459 21.89 10.67 48.14
C VAL A 459 23.25 11.12 47.63
N ALA A 460 23.92 11.99 48.38
CA ALA A 460 25.26 12.42 48.00
C ALA A 460 26.20 11.22 47.87
N LYS A 461 26.13 10.30 48.84
CA LYS A 461 26.90 9.05 48.73
C LYS A 461 26.48 8.27 47.50
N LYS A 462 25.17 8.06 47.33
CA LYS A 462 24.65 7.26 46.23
C LYS A 462 25.01 7.87 44.87
N ILE A 463 25.17 9.20 44.80
CA ILE A 463 25.55 9.84 43.55
C ILE A 463 26.99 9.50 43.18
N LYS A 464 27.88 9.48 44.17
CA LYS A 464 29.29 9.19 43.91
C LYS A 464 29.48 7.74 43.47
N THR A 465 28.85 6.79 44.18
CA THR A 465 28.95 5.39 43.81
C THR A 465 28.49 5.15 42.37
N GLN A 466 27.63 6.03 41.86
CA GLN A 466 27.17 5.92 40.48
C GLN A 466 28.27 6.30 39.49
N GLU A 467 29.04 7.35 39.80
CA GLU A 467 30.04 7.84 38.85
C GLU A 467 31.29 6.97 38.81
N LYS A 468 31.60 6.24 39.87
CA LYS A 468 32.74 5.32 39.86
C LYS A 468 32.31 3.90 40.20
N LYS B 2 1.59 -30.68 5.15
CA LYS B 2 2.75 -31.49 5.53
C LYS B 2 2.87 -31.61 7.04
N ILE B 3 2.49 -30.54 7.73
CA ILE B 3 2.50 -30.53 9.19
C ILE B 3 1.17 -31.11 9.67
N GLU B 4 1.26 -32.02 10.64
CA GLU B 4 0.09 -32.79 11.08
C GLU B 4 -0.84 -31.93 11.90
N GLU B 5 -2.13 -31.94 11.55
CA GLU B 5 -3.14 -31.20 12.30
C GLU B 5 -3.53 -31.95 13.57
N GLY B 6 -3.74 -31.21 14.64
CA GLY B 6 -4.21 -31.78 15.89
C GLY B 6 -3.12 -32.21 16.86
N LYS B 7 -1.88 -31.81 16.63
CA LYS B 7 -0.79 -32.00 17.59
C LYS B 7 0.16 -30.83 17.41
N LEU B 8 1.11 -30.70 18.34
CA LEU B 8 2.15 -29.68 18.24
C LEU B 8 3.50 -30.34 18.21
N VAL B 9 4.33 -29.95 17.25
CA VAL B 9 5.74 -30.32 17.22
C VAL B 9 6.56 -29.08 17.49
N ILE B 10 7.49 -29.17 18.44
CA ILE B 10 8.32 -28.05 18.87
C ILE B 10 9.77 -28.39 18.64
N TRP B 11 10.52 -27.44 18.07
CA TRP B 11 11.97 -27.55 17.95
C TRP B 11 12.66 -26.52 18.84
N ILE B 12 13.65 -26.98 19.60
CA ILE B 12 14.44 -26.11 20.47
C ILE B 12 15.86 -26.66 20.51
N ASN B 13 16.84 -25.78 20.73
CA ASN B 13 18.22 -26.22 20.66
C ASN B 13 18.59 -27.19 21.79
N GLY B 14 19.54 -28.08 21.49
CA GLY B 14 19.96 -29.12 22.41
C GLY B 14 20.68 -28.63 23.66
N ASP B 15 21.01 -27.33 23.76
CA ASP B 15 21.58 -26.82 25.00
C ASP B 15 20.53 -26.21 25.93
N LYS B 16 19.25 -26.27 25.57
CA LYS B 16 18.20 -25.67 26.38
C LYS B 16 17.45 -26.75 27.15
N GLY B 17 16.52 -26.31 28.01
CA GLY B 17 15.78 -27.22 28.87
C GLY B 17 14.62 -27.91 28.19
N TYR B 18 14.92 -28.76 27.19
CA TYR B 18 13.87 -29.36 26.40
C TYR B 18 13.09 -30.44 27.13
N ASN B 19 13.68 -31.04 28.16
CA ASN B 19 12.91 -31.99 28.96
C ASN B 19 11.91 -31.27 29.85
N GLY B 20 12.31 -30.13 30.42
CA GLY B 20 11.33 -29.29 31.12
C GLY B 20 10.23 -28.80 30.20
N LEU B 21 10.58 -28.42 28.96
CA LEU B 21 9.56 -27.97 28.02
C LEU B 21 8.60 -29.10 27.68
N ALA B 22 9.12 -30.33 27.54
CA ALA B 22 8.25 -31.48 27.32
C ALA B 22 7.27 -31.69 28.46
N GLU B 23 7.68 -31.35 29.70
CA GLU B 23 6.77 -31.45 30.83
CA GLU B 23 6.77 -31.44 30.83
C GLU B 23 5.63 -30.44 30.73
N VAL B 24 5.93 -29.22 30.28
CA VAL B 24 4.86 -28.27 29.99
C VAL B 24 3.96 -28.82 28.90
N GLY B 25 4.56 -29.47 27.89
CA GLY B 25 3.75 -30.12 26.87
C GLY B 25 2.81 -31.17 27.44
N LYS B 26 3.30 -31.96 28.40
CA LYS B 26 2.46 -33.00 29.00
C LYS B 26 1.28 -32.39 29.74
N LYS B 27 1.49 -31.27 30.44
CA LYS B 27 0.37 -30.58 31.08
C LYS B 27 -0.63 -30.08 30.04
N PHE B 28 -0.14 -29.50 28.94
CA PHE B 28 -1.02 -29.09 27.85
C PHE B 28 -1.86 -30.26 27.34
N GLU B 29 -1.22 -31.43 27.17
CA GLU B 29 -1.92 -32.60 26.66
C GLU B 29 -3.00 -33.07 27.62
N LYS B 30 -2.70 -33.06 28.92
CA LYS B 30 -3.72 -33.48 29.89
C LYS B 30 -4.92 -32.53 29.90
N ASP B 31 -4.70 -31.23 29.65
CA ASP B 31 -5.81 -30.29 29.64
C ASP B 31 -6.60 -30.30 28.33
N THR B 32 -5.95 -30.61 27.20
CA THR B 32 -6.57 -30.41 25.89
C THR B 32 -6.68 -31.68 25.06
N GLY B 33 -5.98 -32.75 25.41
CA GLY B 33 -5.88 -33.92 24.56
C GLY B 33 -4.89 -33.79 23.43
N ILE B 34 -4.27 -32.62 23.27
CA ILE B 34 -3.36 -32.36 22.17
C ILE B 34 -1.95 -32.77 22.58
N LYS B 35 -1.39 -33.72 21.87
CA LYS B 35 -0.04 -34.19 22.16
C LYS B 35 0.98 -33.14 21.72
N VAL B 36 2.05 -33.02 22.51
CA VAL B 36 3.13 -32.08 22.26
C VAL B 36 4.43 -32.85 22.22
N THR B 37 5.11 -32.81 21.07
CA THR B 37 6.38 -33.50 20.87
C THR B 37 7.48 -32.46 20.75
N VAL B 38 8.47 -32.54 21.65
CA VAL B 38 9.61 -31.63 21.65
C VAL B 38 10.81 -32.35 21.06
N GLU B 39 11.45 -31.74 20.07
CA GLU B 39 12.66 -32.27 19.47
C GLU B 39 13.77 -31.23 19.53
N HIS B 40 15.03 -31.69 19.51
CA HIS B 40 16.21 -30.81 19.49
C HIS B 40 17.13 -31.22 18.36
N PRO B 41 16.76 -30.93 17.12
CA PRO B 41 17.59 -31.33 15.96
C PRO B 41 18.95 -30.62 15.95
N ASP B 42 19.94 -31.30 15.37
CA ASP B 42 21.23 -30.66 15.12
C ASP B 42 21.10 -29.58 14.06
N LYS B 43 21.91 -28.54 14.20
CA LYS B 43 21.93 -27.41 13.27
C LYS B 43 20.53 -26.82 13.09
N LEU B 44 19.85 -26.64 14.21
CA LEU B 44 18.45 -26.23 14.22
C LEU B 44 18.23 -24.94 13.42
N GLU B 45 19.10 -23.96 13.61
CA GLU B 45 18.87 -22.64 13.03
C GLU B 45 18.99 -22.66 11.51
N GLU B 46 19.62 -23.69 10.96
CA GLU B 46 19.73 -23.88 9.52
C GLU B 46 18.66 -24.82 8.98
N LYS B 47 18.35 -25.87 9.72
CA LYS B 47 17.37 -26.84 9.29
C LYS B 47 15.96 -26.24 9.26
N PHE B 48 15.63 -25.38 10.24
CA PHE B 48 14.30 -24.78 10.21
C PHE B 48 14.02 -24.03 8.92
N PRO B 49 14.87 -23.11 8.46
CA PRO B 49 14.54 -22.39 7.22
C PRO B 49 14.53 -23.30 6.00
N GLN B 50 15.30 -24.39 6.01
CA GLN B 50 15.29 -25.31 4.87
C GLN B 50 13.96 -26.05 4.76
N VAL B 51 13.44 -26.56 5.88
CA VAL B 51 12.19 -27.32 5.81
C VAL B 51 10.99 -26.41 5.77
N ALA B 52 11.02 -25.26 6.46
CA ALA B 52 9.84 -24.42 6.50
C ALA B 52 9.61 -23.69 5.18
N ALA B 53 10.66 -23.56 4.36
CA ALA B 53 10.50 -22.88 3.07
C ALA B 53 9.50 -23.58 2.18
N THR B 54 9.32 -24.89 2.36
CA THR B 54 8.36 -25.65 1.57
C THR B 54 7.12 -26.03 2.37
N GLY B 55 6.93 -25.44 3.54
CA GLY B 55 5.74 -25.69 4.33
C GLY B 55 5.82 -26.86 5.28
N ASP B 56 7.03 -27.36 5.57
CA ASP B 56 7.22 -28.45 6.50
C ASP B 56 7.81 -27.91 7.80
N GLY B 57 8.20 -28.83 8.69
CA GLY B 57 8.89 -28.47 9.91
C GLY B 57 7.98 -28.47 11.12
N PRO B 58 8.48 -27.90 12.22
CA PRO B 58 7.71 -27.88 13.47
C PRO B 58 6.62 -26.82 13.45
N ASP B 59 5.67 -26.98 14.38
CA ASP B 59 4.69 -25.92 14.58
C ASP B 59 5.33 -24.70 15.24
N ILE B 60 6.27 -24.94 16.15
CA ILE B 60 6.88 -23.90 16.97
C ILE B 60 8.39 -24.07 16.88
N ILE B 61 9.09 -22.96 16.67
CA ILE B 61 10.55 -22.94 16.58
C ILE B 61 11.12 -22.03 17.66
N PHE B 62 12.09 -22.55 18.42
CA PHE B 62 12.79 -21.73 19.42
C PHE B 62 14.20 -21.41 18.92
N TRP B 63 14.59 -20.15 19.05
CA TRP B 63 15.98 -19.73 18.83
C TRP B 63 16.13 -18.34 19.45
N ALA B 64 17.36 -17.88 19.57
CA ALA B 64 17.53 -16.48 19.91
C ALA B 64 16.95 -15.59 18.81
N HIS B 65 16.56 -14.37 19.20
CA HIS B 65 15.78 -13.52 18.31
C HIS B 65 16.57 -13.09 17.06
N ASP B 66 17.90 -13.21 17.06
CA ASP B 66 18.65 -12.62 15.94
C ASP B 66 18.36 -13.30 14.61
N ARG B 67 17.91 -14.55 14.61
CA ARG B 67 17.60 -15.23 13.34
C ARG B 67 16.19 -14.98 12.86
N PHE B 68 15.33 -14.35 13.66
CA PHE B 68 13.91 -14.34 13.36
C PHE B 68 13.54 -13.30 12.30
N GLY B 69 14.28 -12.21 12.17
CA GLY B 69 13.99 -11.30 11.06
C GLY B 69 14.18 -11.95 9.71
N GLY B 70 15.24 -12.74 9.58
CA GLY B 70 15.44 -13.50 8.35
C GLY B 70 14.30 -14.49 8.10
N TYR B 71 13.88 -15.20 9.16
CA TYR B 71 12.76 -16.12 9.00
C TYR B 71 11.50 -15.37 8.57
N ALA B 72 11.25 -14.21 9.17
CA ALA B 72 10.03 -13.47 8.84
C ALA B 72 10.08 -12.94 7.41
N GLN B 73 11.24 -12.42 6.99
CA GLN B 73 11.40 -11.93 5.64
C GLN B 73 11.18 -13.04 4.61
N SER B 74 11.52 -14.27 4.97
CA SER B 74 11.33 -15.43 4.10
C SER B 74 9.94 -16.02 4.18
N GLY B 75 9.01 -15.37 4.88
CA GLY B 75 7.64 -15.86 4.97
C GLY B 75 7.47 -17.13 5.79
N LEU B 76 8.36 -17.37 6.75
CA LEU B 76 8.33 -18.63 7.49
C LEU B 76 7.55 -18.54 8.78
N LEU B 77 7.13 -17.35 9.21
CA LEU B 77 6.58 -17.13 10.54
C LEU B 77 5.19 -16.52 10.49
N ALA B 78 4.34 -16.96 11.41
CA ALA B 78 3.04 -16.36 11.59
C ALA B 78 3.16 -15.10 12.43
N GLU B 79 2.42 -14.07 12.05
CA GLU B 79 2.37 -12.87 12.86
C GLU B 79 1.72 -13.19 14.21
N ILE B 80 2.31 -12.63 15.26
CA ILE B 80 1.84 -12.76 16.64
C ILE B 80 1.04 -11.50 16.99
N THR B 81 -0.19 -11.67 17.45
CA THR B 81 -1.01 -10.54 17.90
C THR B 81 -1.67 -10.88 19.23
N PRO B 82 -0.88 -10.93 20.30
CA PRO B 82 -1.45 -11.23 21.62
C PRO B 82 -2.32 -10.07 22.08
N ALA B 83 -3.30 -10.39 22.91
CA ALA B 83 -4.12 -9.37 23.54
C ALA B 83 -3.26 -8.45 24.39
N ALA B 84 -3.71 -7.20 24.53
CA ALA B 84 -2.97 -6.21 25.32
C ALA B 84 -2.67 -6.74 26.72
N ALA B 85 -3.61 -7.47 27.31
CA ALA B 85 -3.41 -7.96 28.67
C ALA B 85 -2.29 -8.99 28.73
N PHE B 86 -2.09 -9.77 27.67
CA PHE B 86 -0.95 -10.66 27.69
C PHE B 86 0.35 -9.91 27.42
N GLN B 87 0.34 -8.99 26.44
CA GLN B 87 1.56 -8.25 26.14
C GLN B 87 2.10 -7.53 27.37
N ASP B 88 1.20 -6.96 28.18
CA ASP B 88 1.65 -6.25 29.36
C ASP B 88 2.36 -7.15 30.36
N LYS B 89 2.21 -8.48 30.25
CA LYS B 89 2.87 -9.37 31.19
C LYS B 89 4.38 -9.51 30.93
N LEU B 90 4.86 -9.11 29.76
CA LEU B 90 6.27 -9.23 29.40
C LEU B 90 6.91 -7.85 29.28
N TYR B 91 8.21 -7.79 29.56
CA TYR B 91 8.94 -6.51 29.50
C TYR B 91 8.91 -5.93 28.09
N PRO B 92 8.58 -4.65 27.92
CA PRO B 92 8.53 -4.06 26.57
C PRO B 92 9.78 -4.28 25.74
N PHE B 93 10.98 -4.18 26.32
CA PHE B 93 12.17 -4.33 25.50
C PHE B 93 12.30 -5.73 24.94
N THR B 94 11.67 -6.74 25.56
CA THR B 94 11.75 -8.07 24.96
C THR B 94 10.80 -8.20 23.76
N TRP B 95 9.65 -7.53 23.79
CA TRP B 95 8.83 -7.46 22.59
C TRP B 95 9.56 -6.75 21.46
N ASP B 96 10.36 -5.72 21.77
CA ASP B 96 11.13 -5.04 20.73
C ASP B 96 12.03 -6.02 19.98
N ALA B 97 12.62 -6.99 20.70
CA ALA B 97 13.55 -7.93 20.08
C ALA B 97 12.89 -8.82 19.04
N VAL B 98 11.58 -9.03 19.14
CA VAL B 98 10.83 -9.94 18.27
C VAL B 98 9.89 -9.16 17.35
N ARG B 99 10.10 -7.85 17.23
CA ARG B 99 9.32 -7.03 16.31
C ARG B 99 10.14 -6.78 15.07
N TYR B 100 9.56 -7.05 13.90
CA TYR B 100 10.25 -6.92 12.63
C TYR B 100 9.31 -6.27 11.63
N ASN B 101 9.77 -5.17 11.03
CA ASN B 101 8.97 -4.42 10.05
C ASN B 101 7.56 -4.15 10.56
N GLY B 102 7.48 -3.79 11.85
CA GLY B 102 6.25 -3.42 12.51
C GLY B 102 5.43 -4.54 13.07
N LYS B 103 5.79 -5.81 12.84
CA LYS B 103 4.97 -6.95 13.22
C LYS B 103 5.69 -7.74 14.31
N LEU B 104 4.94 -8.21 15.31
CA LEU B 104 5.50 -9.19 16.24
C LEU B 104 5.56 -10.54 15.55
N ILE B 105 6.74 -11.18 15.57
CA ILE B 105 6.97 -12.41 14.83
CA ILE B 105 6.84 -12.44 14.84
C ILE B 105 7.32 -13.59 15.71
N ALA B 106 7.33 -13.40 17.03
CA ALA B 106 7.66 -14.46 17.97
C ALA B 106 7.24 -14.01 19.34
N TYR B 107 7.17 -14.98 20.26
CA TYR B 107 7.01 -14.67 21.68
C TYR B 107 8.37 -14.64 22.34
N PRO B 108 8.72 -13.57 23.04
CA PRO B 108 9.99 -13.55 23.77
C PRO B 108 9.90 -14.37 25.04
N ILE B 109 10.97 -15.12 25.35
CA ILE B 109 10.99 -16.04 26.49
C ILE B 109 11.97 -15.60 27.57
N ALA B 110 13.22 -15.33 27.20
CA ALA B 110 14.21 -15.03 28.22
C ALA B 110 15.40 -14.32 27.61
N VAL B 111 16.10 -13.57 28.45
CA VAL B 111 17.23 -12.73 28.06
C VAL B 111 18.50 -13.48 28.44
N GLU B 112 19.36 -13.72 27.45
CA GLU B 112 20.59 -14.48 27.61
C GLU B 112 21.80 -13.56 27.43
N ALA B 113 22.77 -13.69 28.33
CA ALA B 113 24.07 -13.07 28.12
C ALA B 113 25.12 -13.98 28.72
N LEU B 114 26.28 -14.02 28.08
CA LEU B 114 27.43 -14.75 28.62
C LEU B 114 27.95 -14.08 29.88
N SER B 115 28.42 -14.92 30.81
CA SER B 115 29.16 -14.46 31.97
C SER B 115 30.47 -15.23 32.11
N LEU B 116 31.34 -14.74 32.99
CA LEU B 116 32.51 -15.50 33.38
C LEU B 116 32.11 -16.46 34.50
N ILE B 117 32.40 -17.74 34.31
CA ILE B 117 32.10 -18.77 35.29
C ILE B 117 33.42 -19.30 35.81
N TYR B 118 33.57 -19.36 37.14
CA TYR B 118 34.88 -19.70 37.67
C TYR B 118 34.75 -20.67 38.84
N ASN B 119 35.82 -21.44 39.04
CA ASN B 119 35.91 -22.46 40.08
C ASN B 119 36.48 -21.81 41.33
N LYS B 120 35.63 -21.65 42.36
CA LYS B 120 36.03 -20.91 43.56
C LYS B 120 37.15 -21.61 44.33
N ASP B 121 37.27 -22.93 44.18
CA ASP B 121 38.33 -23.65 44.91
C ASP B 121 39.67 -23.55 44.20
N LEU B 122 39.67 -23.47 42.87
CA LEU B 122 40.92 -23.25 42.14
C LEU B 122 41.29 -21.78 42.08
N LEU B 123 40.29 -20.91 42.16
CA LEU B 123 40.48 -19.48 41.85
C LEU B 123 39.51 -18.67 42.68
N PRO B 124 39.80 -18.46 43.97
CA PRO B 124 38.86 -17.73 44.82
C PRO B 124 38.65 -16.29 44.38
N ASN B 125 39.63 -15.66 43.74
CA ASN B 125 39.54 -14.28 43.28
C ASN B 125 39.79 -14.23 41.78
N PRO B 126 38.73 -14.33 40.97
CA PRO B 126 38.91 -14.40 39.52
C PRO B 126 39.41 -13.09 38.95
N PRO B 127 40.09 -13.13 37.79
CA PRO B 127 40.72 -11.93 37.26
C PRO B 127 39.70 -10.92 36.77
N LYS B 128 39.97 -9.65 37.03
CA LYS B 128 39.13 -8.58 36.50
C LYS B 128 39.50 -8.19 35.08
N THR B 129 40.65 -8.62 34.58
CA THR B 129 41.10 -8.24 33.23
C THR B 129 41.49 -9.48 32.43
N TRP B 130 41.30 -9.38 31.12
CA TRP B 130 41.82 -10.39 30.20
C TRP B 130 43.34 -10.45 30.26
N GLU B 131 43.98 -9.29 30.43
CA GLU B 131 45.43 -9.21 30.39
C GLU B 131 46.10 -10.05 31.47
N GLU B 132 45.40 -10.34 32.57
CA GLU B 132 45.93 -11.15 33.66
C GLU B 132 45.95 -12.64 33.36
N ILE B 133 45.19 -13.09 32.37
CA ILE B 133 44.96 -14.53 32.21
C ILE B 133 46.21 -15.30 31.80
N PRO B 134 47.10 -14.79 30.94
CA PRO B 134 48.33 -15.55 30.65
C PRO B 134 49.15 -15.89 31.90
N ALA B 135 49.35 -14.93 32.79
CA ALA B 135 50.12 -15.20 34.01
C ALA B 135 49.38 -16.18 34.90
N LEU B 136 48.06 -16.06 34.97
CA LEU B 136 47.26 -17.00 35.76
C LEU B 136 47.38 -18.42 35.21
N ASP B 137 47.33 -18.56 33.88
CA ASP B 137 47.46 -19.89 33.29
C ASP B 137 48.83 -20.49 33.58
N LYS B 138 49.90 -19.68 33.54
CA LYS B 138 51.21 -20.23 33.85
C LYS B 138 51.25 -20.75 35.27
N GLU B 139 50.69 -20.01 36.21
CA GLU B 139 50.61 -20.48 37.59
C GLU B 139 49.80 -21.78 37.68
N LEU B 140 48.67 -21.86 36.97
CA LEU B 140 47.83 -23.05 37.10
C LEU B 140 48.41 -24.24 36.37
N LYS B 141 49.13 -24.03 35.26
CA LYS B 141 49.75 -25.15 34.55
C LYS B 141 50.77 -25.85 35.44
N ALA B 142 51.40 -25.10 36.34
CA ALA B 142 52.34 -25.71 37.28
C ALA B 142 51.64 -26.59 38.31
N LYS B 143 50.32 -26.48 38.45
CA LYS B 143 49.54 -27.38 39.28
C LYS B 143 48.74 -28.39 38.47
N GLY B 144 49.04 -28.54 37.18
CA GLY B 144 48.30 -29.45 36.33
C GLY B 144 46.92 -28.98 35.96
N LYS B 145 46.65 -27.67 36.05
CA LYS B 145 45.35 -27.10 35.70
C LYS B 145 45.55 -26.07 34.58
N SER B 146 44.45 -25.45 34.15
CA SER B 146 44.55 -24.37 33.19
C SER B 146 43.63 -23.24 33.63
N ALA B 147 43.85 -22.05 33.07
CA ALA B 147 43.08 -20.89 33.52
C ALA B 147 41.70 -20.83 32.89
N LEU B 148 41.59 -21.07 31.58
CA LEU B 148 40.38 -20.69 30.87
C LEU B 148 40.15 -21.60 29.67
N MET B 149 38.94 -22.15 29.55
CA MET B 149 38.53 -22.86 28.35
C MET B 149 37.10 -22.49 28.03
N PHE B 150 36.85 -22.12 26.77
CA PHE B 150 35.51 -21.86 26.28
C PHE B 150 35.44 -22.15 24.79
N ASN B 151 34.22 -22.21 24.27
CA ASN B 151 33.96 -22.63 22.89
C ASN B 151 34.58 -21.65 21.90
N LEU B 152 35.60 -22.09 21.16
CA LEU B 152 36.21 -21.27 20.13
C LEU B 152 35.67 -21.57 18.73
N GLN B 153 34.62 -22.39 18.62
CA GLN B 153 34.09 -22.69 17.30
C GLN B 153 32.90 -21.84 16.92
N GLU B 154 32.29 -21.13 17.87
CA GLU B 154 31.14 -20.28 17.61
C GLU B 154 31.51 -18.84 17.95
N PRO B 155 31.38 -17.90 17.02
CA PRO B 155 31.83 -16.52 17.31
C PRO B 155 31.05 -15.84 18.40
N TYR B 156 29.87 -16.35 18.74
CA TYR B 156 29.13 -15.84 19.91
C TYR B 156 30.01 -15.73 21.14
N PHE B 157 30.90 -16.72 21.37
CA PHE B 157 31.66 -16.74 22.61
C PHE B 157 32.90 -15.85 22.57
N THR B 158 33.40 -15.52 21.38
CA THR B 158 34.53 -14.62 21.21
CA THR B 158 34.52 -14.61 21.25
C THR B 158 34.09 -13.17 21.01
N TRP B 159 32.85 -12.95 20.56
CA TRP B 159 32.37 -11.59 20.36
C TRP B 159 32.57 -10.67 21.56
N PRO B 160 32.35 -11.09 22.82
CA PRO B 160 32.49 -10.12 23.92
C PRO B 160 33.86 -9.48 23.94
N LEU B 161 34.90 -10.23 23.55
CA LEU B 161 36.26 -9.69 23.55
C LEU B 161 36.53 -8.86 22.30
N ILE B 162 36.02 -9.32 21.15
CA ILE B 162 36.15 -8.56 19.90
C ILE B 162 35.47 -7.20 20.01
N ALA B 163 34.34 -7.14 20.70
CA ALA B 163 33.58 -5.90 20.80
C ALA B 163 34.07 -4.98 21.91
N ALA B 164 34.90 -5.49 22.82
CA ALA B 164 35.24 -4.73 24.03
C ALA B 164 35.85 -3.37 23.70
N ASP B 165 36.86 -3.36 22.83
CA ASP B 165 37.62 -2.16 22.48
C ASP B 165 37.07 -1.47 21.23
N GLY B 166 35.91 -1.91 20.72
CA GLY B 166 35.26 -1.15 19.68
C GLY B 166 34.59 -1.89 18.53
N GLY B 167 34.78 -3.21 18.41
CA GLY B 167 34.13 -3.94 17.34
C GLY B 167 32.63 -3.87 17.45
N TYR B 168 31.95 -3.93 16.29
CA TYR B 168 30.49 -3.96 16.27
C TYR B 168 30.01 -4.66 15.00
N ALA B 169 28.71 -4.97 14.96
CA ALA B 169 28.14 -5.71 13.84
C ALA B 169 27.64 -4.76 12.75
N PHE B 170 26.44 -4.20 12.94
CA PHE B 170 25.91 -3.17 12.07
C PHE B 170 25.69 -1.89 12.86
N LYS B 171 26.11 -0.77 12.30
CA LYS B 171 25.89 0.51 12.96
C LYS B 171 24.40 0.82 13.02
N TYR B 172 23.95 1.24 14.21
CA TYR B 172 22.57 1.68 14.39
C TYR B 172 22.53 3.18 14.16
N ALA B 173 21.80 3.62 13.15
CA ALA B 173 21.84 5.00 12.68
C ALA B 173 20.43 5.51 12.45
N ALA B 174 20.03 6.52 13.21
CA ALA B 174 18.75 7.19 13.01
C ALA B 174 17.61 6.18 12.99
N GLY B 175 17.61 5.28 13.97
CA GLY B 175 16.51 4.37 14.19
C GLY B 175 16.52 3.11 13.35
N LYS B 176 17.55 2.88 12.55
CA LYS B 176 17.60 1.64 11.77
C LYS B 176 19.06 1.23 11.60
N TYR B 177 19.28 -0.07 11.44
CA TYR B 177 20.63 -0.56 11.21
C TYR B 177 21.05 -0.25 9.78
N ASP B 178 22.27 0.24 9.64
CA ASP B 178 22.86 0.52 8.35
C ASP B 178 23.60 -0.74 7.91
N ILE B 179 23.01 -1.47 6.96
CA ILE B 179 23.55 -2.77 6.59
C ILE B 179 24.84 -2.65 5.81
N LYS B 180 25.24 -1.44 5.45
CA LYS B 180 26.51 -1.21 4.79
C LYS B 180 27.59 -0.71 5.73
N ASP B 181 27.26 -0.42 6.99
CA ASP B 181 28.22 0.06 7.99
C ASP B 181 28.47 -1.08 8.97
N VAL B 182 29.50 -1.88 8.70
CA VAL B 182 29.86 -3.04 9.50
C VAL B 182 31.12 -2.72 10.30
N GLY B 183 31.19 -3.20 11.54
CA GLY B 183 32.29 -2.81 12.39
C GLY B 183 33.23 -3.92 12.84
N VAL B 184 33.49 -4.91 12.00
CA VAL B 184 34.26 -6.07 12.43
C VAL B 184 35.73 -5.96 12.07
N ASP B 185 36.15 -4.91 11.36
CA ASP B 185 37.57 -4.79 11.02
CA ASP B 185 37.52 -4.73 10.90
C ASP B 185 38.17 -3.47 11.49
N ASN B 186 37.60 -2.88 12.54
CA ASN B 186 38.19 -1.67 13.08
C ASN B 186 39.28 -2.02 14.09
N ALA B 187 39.93 -0.99 14.65
CA ALA B 187 41.08 -1.24 15.50
C ALA B 187 40.70 -2.00 16.76
N GLY B 188 39.50 -1.75 17.30
CA GLY B 188 39.07 -2.48 18.49
C GLY B 188 38.86 -3.95 18.22
N ALA B 189 38.20 -4.27 17.09
CA ALA B 189 37.99 -5.67 16.74
C ALA B 189 39.33 -6.36 16.51
N LYS B 190 40.24 -5.70 15.79
CA LYS B 190 41.57 -6.29 15.56
C LYS B 190 42.29 -6.57 16.87
N ALA B 191 42.20 -5.64 17.83
CA ALA B 191 42.94 -5.83 19.07
C ALA B 191 42.40 -7.03 19.84
N GLY B 192 41.08 -7.16 19.90
CA GLY B 192 40.49 -8.25 20.66
C GLY B 192 40.82 -9.61 20.06
N LEU B 193 40.69 -9.73 18.74
CA LEU B 193 40.95 -11.02 18.11
C LEU B 193 42.44 -11.37 18.18
N THR B 194 43.30 -10.36 18.02
CA THR B 194 44.74 -10.59 18.21
C THR B 194 45.03 -11.15 19.59
N PHE B 195 44.40 -10.61 20.65
CA PHE B 195 44.63 -11.15 21.98
C PHE B 195 44.20 -12.61 22.08
N LEU B 196 43.05 -12.95 21.52
CA LEU B 196 42.60 -14.33 21.52
C LEU B 196 43.59 -15.24 20.79
N VAL B 197 44.04 -14.81 19.61
CA VAL B 197 44.99 -15.61 18.84
C VAL B 197 46.30 -15.76 19.60
N ASP B 198 46.73 -14.71 20.30
CA ASP B 198 47.97 -14.80 21.08
C ASP B 198 47.83 -15.75 22.27
N LEU B 199 46.66 -15.80 22.90
CA LEU B 199 46.42 -16.83 23.91
C LEU B 199 46.64 -18.23 23.34
N ILE B 200 46.18 -18.47 22.12
CA ILE B 200 46.37 -19.77 21.49
C ILE B 200 47.84 -20.00 21.14
N LYS B 201 48.47 -19.00 20.53
CA LYS B 201 49.87 -19.18 20.13
C LYS B 201 50.78 -19.45 21.32
N ASN B 202 50.43 -18.95 22.49
CA ASN B 202 51.26 -19.11 23.68
C ASN B 202 50.72 -20.18 24.62
N LYS B 203 49.87 -21.07 24.10
CA LYS B 203 49.51 -22.31 24.77
C LYS B 203 48.65 -22.08 26.00
N HIS B 204 47.90 -20.99 26.05
CA HIS B 204 46.92 -20.79 27.10
C HIS B 204 45.52 -21.23 26.67
N MET B 205 45.31 -21.46 25.38
CA MET B 205 44.07 -22.00 24.85
C MET B 205 44.43 -22.81 23.61
N ASN B 206 43.51 -23.68 23.20
CA ASN B 206 43.69 -24.53 22.03
C ASN B 206 42.62 -24.17 21.01
N ALA B 207 43.05 -23.98 19.75
CA ALA B 207 42.12 -23.57 18.69
C ALA B 207 41.00 -24.57 18.47
N ASP B 208 41.18 -25.83 18.85
CA ASP B 208 40.18 -26.86 18.61
CA ASP B 208 40.16 -26.84 18.60
C ASP B 208 39.13 -26.95 19.71
N THR B 209 39.25 -26.15 20.77
CA THR B 209 38.31 -26.28 21.88
C THR B 209 36.91 -25.90 21.42
N ASP B 210 35.94 -26.76 21.72
CA ASP B 210 34.55 -26.50 21.34
C ASP B 210 33.68 -26.52 22.60
N TYR B 211 32.36 -26.52 22.40
CA TYR B 211 31.46 -26.43 23.54
C TYR B 211 31.65 -27.63 24.48
N SER B 212 31.68 -28.84 23.90
CA SER B 212 31.75 -30.06 24.72
C SER B 212 33.08 -30.15 25.46
N ILE B 213 34.18 -29.87 24.76
CA ILE B 213 35.49 -29.92 25.40
C ILE B 213 35.56 -28.94 26.58
N ALA B 214 35.13 -27.69 26.36
CA ALA B 214 35.21 -26.69 27.42
C ALA B 214 34.31 -27.06 28.60
N GLU B 215 33.10 -27.54 28.32
CA GLU B 215 32.18 -27.87 29.41
C GLU B 215 32.70 -29.05 30.22
N ALA B 216 33.23 -30.07 29.54
CA ALA B 216 33.80 -31.21 30.25
C ALA B 216 34.97 -30.78 31.14
N ALA B 217 35.87 -29.95 30.61
CA ALA B 217 37.04 -29.57 31.38
C ALA B 217 36.67 -28.73 32.60
N PHE B 218 35.70 -27.81 32.46
CA PHE B 218 35.36 -27.00 33.63
C PHE B 218 34.61 -27.83 34.67
N ASN B 219 33.65 -28.63 34.23
CA ASN B 219 32.82 -29.38 35.16
C ASN B 219 33.58 -30.54 35.80
N LYS B 220 34.68 -30.98 35.19
CA LYS B 220 35.57 -31.96 35.80
C LYS B 220 36.66 -31.32 36.66
N GLY B 221 36.70 -29.99 36.75
CA GLY B 221 37.65 -29.34 37.63
C GLY B 221 39.04 -29.18 37.05
N GLU B 222 39.17 -29.24 35.72
CA GLU B 222 40.48 -29.20 35.08
C GLU B 222 40.90 -27.79 34.68
N THR B 223 39.94 -26.90 34.46
CA THR B 223 40.22 -25.52 34.11
C THR B 223 39.50 -24.61 35.09
N ALA B 224 40.09 -23.47 35.39
CA ALA B 224 39.58 -22.63 36.47
C ALA B 224 38.41 -21.74 36.03
N MET B 225 38.26 -21.48 34.73
CA MET B 225 37.24 -20.57 34.24
C MET B 225 36.67 -21.07 32.93
N THR B 226 35.41 -20.69 32.67
CA THR B 226 34.83 -20.86 31.35
C THR B 226 33.96 -19.65 31.07
N ILE B 227 33.51 -19.53 29.83
CA ILE B 227 32.56 -18.48 29.44
C ILE B 227 31.34 -19.18 28.87
N ASN B 228 30.18 -18.92 29.46
CA ASN B 228 28.97 -19.62 29.04
C ASN B 228 27.74 -18.88 29.56
N GLY B 229 26.57 -19.34 29.11
CA GLY B 229 25.33 -18.70 29.48
C GLY B 229 24.60 -19.48 30.55
N PRO B 230 23.43 -18.97 30.96
CA PRO B 230 22.67 -19.58 32.07
C PRO B 230 22.32 -21.04 31.87
N TRP B 231 22.10 -21.47 30.62
CA TRP B 231 21.75 -22.87 30.36
C TRP B 231 22.80 -23.83 30.90
N ALA B 232 24.05 -23.38 31.04
CA ALA B 232 25.13 -24.25 31.47
C ALA B 232 25.14 -24.52 32.97
N TRP B 233 24.37 -23.76 33.76
CA TRP B 233 24.59 -23.81 35.21
C TRP B 233 24.14 -25.14 35.81
N SER B 234 23.07 -25.76 35.28
CA SER B 234 22.57 -26.94 35.99
C SER B 234 23.53 -28.11 35.87
N ASN B 235 24.27 -28.23 34.75
CA ASN B 235 25.28 -29.28 34.67
C ASN B 235 26.43 -29.02 35.63
N ILE B 236 26.79 -27.77 35.86
CA ILE B 236 27.80 -27.48 36.89
C ILE B 236 27.23 -27.81 38.27
N ASP B 237 25.93 -27.56 38.48
CA ASP B 237 25.31 -27.90 39.77
C ASP B 237 25.51 -29.37 40.09
N THR B 238 25.27 -30.24 39.11
CA THR B 238 25.41 -31.68 39.31
C THR B 238 26.88 -32.10 39.48
N SER B 239 27.81 -31.31 38.96
CA SER B 239 29.23 -31.61 39.08
C SER B 239 29.75 -31.30 40.47
N ALA B 240 31.00 -31.69 40.71
CA ALA B 240 31.66 -31.45 41.98
C ALA B 240 32.18 -30.03 42.13
N VAL B 241 31.97 -29.15 41.16
CA VAL B 241 32.64 -27.85 41.13
C VAL B 241 31.84 -26.83 41.93
N ASN B 242 32.52 -26.12 42.81
CA ASN B 242 31.98 -24.99 43.57
C ASN B 242 32.24 -23.73 42.75
N TYR B 243 31.20 -23.20 42.09
CA TYR B 243 31.39 -22.19 41.07
C TYR B 243 30.72 -20.87 41.42
N GLY B 244 31.26 -19.79 40.84
CA GLY B 244 30.62 -18.49 40.82
C GLY B 244 30.36 -18.00 39.42
N VAL B 245 29.44 -17.04 39.27
CA VAL B 245 29.10 -16.42 38.00
C VAL B 245 29.33 -14.92 38.16
N THR B 246 30.13 -14.32 37.29
CA THR B 246 30.56 -12.94 37.56
C THR B 246 30.73 -12.15 36.26
N VAL B 247 31.12 -10.88 36.42
CA VAL B 247 31.32 -10.01 35.28
C VAL B 247 32.49 -10.52 34.43
N LEU B 248 32.34 -10.40 33.11
CA LEU B 248 33.41 -10.80 32.23
C LEU B 248 34.63 -9.89 32.45
N PRO B 249 35.83 -10.39 32.17
CA PRO B 249 37.01 -9.53 32.35
C PRO B 249 37.00 -8.35 31.39
N THR B 250 37.65 -7.26 31.80
CA THR B 250 37.83 -6.13 30.90
C THR B 250 38.98 -6.42 29.93
N PHE B 251 39.00 -5.66 28.84
CA PHE B 251 40.08 -5.73 27.86
C PHE B 251 40.48 -4.31 27.51
N LYS B 252 41.77 -4.00 27.66
CA LYS B 252 42.26 -2.63 27.51
C LYS B 252 41.43 -1.67 28.34
N GLY B 253 41.00 -2.13 29.52
CA GLY B 253 40.20 -1.37 30.46
C GLY B 253 38.74 -1.20 30.11
N GLN B 254 38.29 -1.75 29.02
CA GLN B 254 36.90 -1.67 28.58
C GLN B 254 36.14 -2.94 28.97
N PRO B 255 34.87 -2.83 29.36
CA PRO B 255 34.09 -4.05 29.62
C PRO B 255 34.02 -4.92 28.38
N SER B 256 34.07 -6.24 28.58
CA SER B 256 33.66 -7.14 27.52
C SER B 256 32.19 -6.89 27.20
N LYS B 257 31.83 -7.00 25.92
CA LYS B 257 30.52 -6.55 25.45
C LYS B 257 29.80 -7.70 24.77
N PRO B 258 29.17 -8.59 25.55
CA PRO B 258 28.51 -9.75 24.94
C PRO B 258 27.31 -9.30 24.13
N PHE B 259 27.00 -10.08 23.08
N PHE B 259 27.10 -9.98 23.01
CA PHE B 259 25.81 -9.85 22.25
CA PHE B 259 25.81 -9.88 22.38
C PHE B 259 24.61 -10.54 22.89
C PHE B 259 24.77 -10.37 23.37
N VAL B 260 23.61 -9.76 23.32
CA VAL B 260 22.51 -10.21 24.17
C VAL B 260 21.43 -10.82 23.29
N GLY B 261 21.02 -12.05 23.63
CA GLY B 261 20.02 -12.78 22.89
C GLY B 261 18.73 -12.88 23.68
N VAL B 262 17.61 -12.83 22.98
CA VAL B 262 16.32 -13.10 23.59
C VAL B 262 15.84 -14.43 23.03
N LEU B 263 15.86 -15.48 23.86
CA LEU B 263 15.27 -16.75 23.44
C LEU B 263 13.82 -16.50 23.10
N SER B 264 13.41 -16.95 21.91
CA SER B 264 12.12 -16.58 21.34
C SER B 264 11.46 -17.80 20.72
N ALA B 265 10.12 -17.80 20.70
CA ALA B 265 9.37 -18.92 20.14
C ALA B 265 8.47 -18.40 19.05
N GLY B 266 8.71 -18.86 17.81
CA GLY B 266 7.89 -18.50 16.68
C GLY B 266 6.97 -19.63 16.26
N ILE B 267 5.89 -19.25 15.57
CA ILE B 267 4.92 -20.18 15.02
C ILE B 267 5.13 -20.28 13.50
N ASN B 268 5.30 -21.51 13.01
CA ASN B 268 5.48 -21.76 11.58
C ASN B 268 4.30 -21.24 10.77
N ALA B 269 4.60 -20.42 9.75
CA ALA B 269 3.56 -19.88 8.86
C ALA B 269 2.70 -20.99 8.27
N ALA B 270 3.25 -22.18 8.10
CA ALA B 270 2.54 -23.30 7.50
C ALA B 270 1.84 -24.19 8.52
N SER B 271 1.88 -23.85 9.81
CA SER B 271 1.24 -24.70 10.81
C SER B 271 -0.28 -24.66 10.67
N PRO B 272 -0.95 -25.81 10.66
CA PRO B 272 -2.41 -25.82 10.77
C PRO B 272 -2.90 -25.75 12.21
N ASN B 273 -1.99 -25.50 13.16
CA ASN B 273 -2.27 -25.54 14.59
C ASN B 273 -1.95 -24.21 15.27
N LYS B 274 -2.15 -23.10 14.56
CA LYS B 274 -1.71 -21.81 15.09
C LYS B 274 -2.44 -21.43 16.37
N GLU B 275 -3.75 -21.72 16.44
CA GLU B 275 -4.52 -21.40 17.64
CA GLU B 275 -4.47 -21.35 17.65
C GLU B 275 -4.03 -22.19 18.85
N LEU B 276 -3.79 -23.50 18.64
CA LEU B 276 -3.28 -24.33 19.72
C LEU B 276 -1.85 -23.93 20.11
N ALA B 277 -1.03 -23.53 19.15
CA ALA B 277 0.32 -23.09 19.49
C ALA B 277 0.29 -21.81 20.33
N LYS B 278 -0.60 -20.88 19.99
CA LYS B 278 -0.71 -19.67 20.79
C LYS B 278 -1.21 -19.98 22.20
N GLU B 279 -2.16 -20.91 22.32
CA GLU B 279 -2.64 -21.32 23.63
C GLU B 279 -1.50 -21.88 24.47
N PHE B 280 -0.68 -22.74 23.86
CA PHE B 280 0.43 -23.35 24.57
C PHE B 280 1.44 -22.29 25.00
N LEU B 281 1.84 -21.42 24.08
CA LEU B 281 2.90 -20.48 24.41
C LEU B 281 2.44 -19.44 25.43
N GLU B 282 1.24 -18.86 25.24
CA GLU B 282 0.78 -17.78 26.13
C GLU B 282 0.37 -18.33 27.50
N ASN B 283 -0.35 -19.44 27.54
CA ASN B 283 -1.06 -19.81 28.75
C ASN B 283 -0.52 -21.07 29.40
N TYR B 284 0.45 -21.74 28.79
CA TYR B 284 1.16 -22.83 29.44
C TYR B 284 2.64 -22.52 29.64
N LEU B 285 3.36 -22.08 28.60
CA LEU B 285 4.77 -21.79 28.77
C LEU B 285 5.01 -20.47 29.51
N LEU B 286 4.40 -19.38 29.03
CA LEU B 286 4.70 -18.05 29.57
C LEU B 286 3.84 -17.78 30.81
N THR B 287 4.02 -18.67 31.78
CA THR B 287 3.44 -18.59 33.11
C THR B 287 4.55 -18.86 34.11
N ASP B 288 4.33 -18.48 35.37
CA ASP B 288 5.32 -18.82 36.39
C ASP B 288 5.62 -20.31 36.39
N GLU B 289 4.58 -21.14 36.30
CA GLU B 289 4.75 -22.58 36.44
C GLU B 289 5.42 -23.19 35.21
N GLY B 290 5.13 -22.65 34.03
CA GLY B 290 5.70 -23.17 32.81
C GLY B 290 7.17 -22.82 32.69
N LEU B 291 7.51 -21.56 32.94
CA LEU B 291 8.91 -21.16 32.91
C LEU B 291 9.71 -21.87 33.99
N GLU B 292 9.10 -22.10 35.17
CA GLU B 292 9.79 -22.83 36.22
C GLU B 292 10.14 -24.24 35.78
N ALA B 293 9.22 -24.90 35.06
CA ALA B 293 9.50 -26.26 34.61
C ALA B 293 10.69 -26.29 33.67
N VAL B 294 10.78 -25.32 32.76
CA VAL B 294 11.92 -25.27 31.84
C VAL B 294 13.19 -24.89 32.59
N ASN B 295 13.07 -23.90 33.47
CA ASN B 295 14.22 -23.35 34.20
C ASN B 295 14.87 -24.41 35.08
N LYS B 296 14.06 -25.27 35.70
CA LYS B 296 14.58 -26.32 36.56
C LYS B 296 15.43 -27.30 35.76
N ASP B 297 15.12 -27.49 34.49
CA ASP B 297 15.90 -28.34 33.61
C ASP B 297 17.22 -27.66 33.26
N LYS B 298 17.16 -26.53 32.56
CA LYS B 298 18.33 -25.71 32.22
C LYS B 298 17.92 -24.26 32.40
N PRO B 299 18.66 -23.48 33.18
CA PRO B 299 18.21 -22.11 33.47
C PRO B 299 18.05 -21.28 32.20
N LEU B 300 16.98 -20.48 32.17
CA LEU B 300 16.65 -19.65 31.02
C LEU B 300 17.43 -18.34 30.98
N GLY B 301 17.91 -17.85 32.12
CA GLY B 301 18.41 -16.49 32.20
C GLY B 301 17.38 -15.56 32.83
N ALA B 302 17.38 -14.30 32.42
CA ALA B 302 16.42 -13.32 32.93
C ALA B 302 15.17 -13.38 32.06
N VAL B 303 14.08 -13.96 32.60
CA VAL B 303 12.95 -14.25 31.75
C VAL B 303 12.18 -12.98 31.37
N ALA B 304 11.41 -13.10 30.30
CA ALA B 304 10.63 -11.96 29.81
C ALA B 304 9.38 -11.73 30.64
N LEU B 305 8.94 -12.75 31.37
CA LEU B 305 7.70 -12.70 32.14
C LEU B 305 7.98 -11.97 33.46
N LYS B 306 7.35 -10.80 33.64
CA LYS B 306 7.66 -9.94 34.78
C LYS B 306 7.45 -10.66 36.10
N SER B 307 6.34 -11.41 36.21
CA SER B 307 5.99 -12.02 37.50
C SER B 307 7.04 -13.03 37.94
N TYR B 308 7.59 -13.80 37.01
CA TYR B 308 8.57 -14.80 37.39
C TYR B 308 9.98 -14.19 37.50
N GLU B 309 10.27 -13.16 36.70
CA GLU B 309 11.58 -12.52 36.80
C GLU B 309 11.78 -11.88 38.16
N GLU B 310 10.70 -11.42 38.79
CA GLU B 310 10.85 -10.80 40.10
C GLU B 310 11.46 -11.76 41.11
N GLU B 311 11.21 -13.06 40.95
CA GLU B 311 11.85 -14.05 41.81
C GLU B 311 13.27 -14.38 41.34
N LEU B 312 13.45 -14.61 40.04
CA LEU B 312 14.78 -14.95 39.55
C LEU B 312 15.79 -13.84 39.81
N ALA B 313 15.35 -12.58 39.82
CA ALA B 313 16.29 -11.47 39.96
C ALA B 313 17.01 -11.47 41.31
N LYS B 314 16.50 -12.19 42.31
CA LYS B 314 17.21 -12.28 43.59
C LYS B 314 18.39 -13.24 43.55
N ASP B 315 18.57 -13.96 42.45
CA ASP B 315 19.67 -14.92 42.30
C ASP B 315 20.92 -14.16 41.84
N PRO B 316 22.05 -14.26 42.57
CA PRO B 316 23.25 -13.51 42.16
C PRO B 316 23.76 -13.90 40.79
N ARG B 317 23.47 -15.12 40.33
CA ARG B 317 23.88 -15.53 38.99
C ARG B 317 23.08 -14.75 37.93
N ILE B 318 21.81 -14.47 38.21
CA ILE B 318 21.01 -13.67 37.30
C ILE B 318 21.43 -12.19 37.37
N ALA B 319 21.73 -11.70 38.57
CA ALA B 319 22.28 -10.35 38.66
C ALA B 319 23.55 -10.23 37.83
N ALA B 320 24.42 -11.25 37.88
CA ALA B 320 25.63 -11.25 37.07
C ALA B 320 25.29 -11.29 35.59
N THR B 321 24.31 -12.13 35.22
CA THR B 321 23.90 -12.21 33.82
C THR B 321 23.46 -10.84 33.32
N MET B 322 22.68 -10.12 34.11
CA MET B 322 22.18 -8.83 33.67
C MET B 322 23.25 -7.75 33.72
N GLU B 323 24.21 -7.85 34.64
CA GLU B 323 25.35 -6.94 34.62
C GLU B 323 26.12 -7.06 33.31
N ASN B 324 26.38 -8.30 32.88
CA ASN B 324 27.07 -8.49 31.61
C ASN B 324 26.20 -8.03 30.44
N ALA B 325 24.91 -8.34 30.48
CA ALA B 325 23.99 -7.89 29.43
C ALA B 325 24.03 -6.38 29.27
N GLN B 326 24.02 -5.65 30.40
CA GLN B 326 23.97 -4.19 30.36
C GLN B 326 25.22 -3.58 29.79
N LYS B 327 26.32 -4.33 29.73
CA LYS B 327 27.53 -3.88 29.09
C LYS B 327 27.57 -4.20 27.60
N GLY B 328 26.63 -5.00 27.10
CA GLY B 328 26.63 -5.43 25.74
C GLY B 328 25.49 -4.83 24.94
N GLU B 329 25.23 -5.40 23.77
CA GLU B 329 24.20 -4.91 22.87
C GLU B 329 23.21 -6.03 22.60
N ILE B 330 21.91 -5.71 22.58
CA ILE B 330 20.93 -6.68 22.11
C ILE B 330 21.13 -6.87 20.62
N MET B 331 21.17 -8.12 20.17
CA MET B 331 21.49 -8.38 18.78
C MET B 331 20.44 -7.75 17.87
N PRO B 332 20.84 -7.27 16.69
CA PRO B 332 19.85 -6.97 15.66
C PRO B 332 19.10 -8.25 15.31
N ASN B 333 17.86 -8.09 14.85
CA ASN B 333 17.14 -9.24 14.30
C ASN B 333 17.06 -9.20 12.78
N ILE B 334 17.79 -8.31 12.12
CA ILE B 334 17.64 -8.09 10.69
C ILE B 334 18.07 -9.30 9.87
N PRO B 335 17.56 -9.45 8.65
CA PRO B 335 17.91 -10.64 7.85
C PRO B 335 19.40 -10.81 7.59
N GLN B 336 20.16 -9.70 7.59
CA GLN B 336 21.58 -9.72 7.34
C GLN B 336 22.39 -10.36 8.46
N MET B 337 21.76 -10.68 9.60
CA MET B 337 22.52 -11.32 10.68
C MET B 337 23.07 -12.68 10.29
N SER B 338 22.37 -13.44 9.44
CA SER B 338 22.90 -14.75 9.03
C SER B 338 24.24 -14.59 8.30
N ALA B 339 24.31 -13.66 7.35
CA ALA B 339 25.56 -13.41 6.64
C ALA B 339 26.64 -12.86 7.56
N PHE B 340 26.26 -11.99 8.49
CA PHE B 340 27.22 -11.48 9.47
C PHE B 340 27.84 -12.62 10.26
N TRP B 341 27.01 -13.52 10.81
CA TRP B 341 27.55 -14.56 11.66
C TRP B 341 28.42 -15.53 10.87
N TYR B 342 28.01 -15.85 9.65
CA TYR B 342 28.80 -16.75 8.83
C TYR B 342 30.18 -16.15 8.54
N ALA B 343 30.22 -14.86 8.21
CA ALA B 343 31.49 -14.21 7.90
C ALA B 343 32.38 -14.12 9.15
N VAL B 344 31.78 -13.78 10.30
CA VAL B 344 32.58 -13.66 11.52
C VAL B 344 33.06 -15.03 11.99
N ARG B 345 32.20 -16.05 11.90
CA ARG B 345 32.62 -17.41 12.21
CA ARG B 345 32.64 -17.40 12.23
C ARG B 345 33.87 -17.79 11.40
N THR B 346 33.82 -17.54 10.09
CA THR B 346 34.96 -17.84 9.24
C THR B 346 36.21 -17.10 9.71
N ALA B 347 36.07 -15.82 10.05
CA ALA B 347 37.22 -15.03 10.45
C ALA B 347 37.84 -15.56 11.74
N VAL B 348 37.01 -15.85 12.75
CA VAL B 348 37.54 -16.30 14.03
C VAL B 348 38.21 -17.66 13.88
N ILE B 349 37.59 -18.58 13.12
CA ILE B 349 38.17 -19.90 12.97
C ILE B 349 39.47 -19.83 12.17
N ASN B 350 39.50 -19.02 11.10
CA ASN B 350 40.70 -18.93 10.30
C ASN B 350 41.83 -18.23 11.06
N ALA B 351 41.47 -17.22 11.87
CA ALA B 351 42.50 -16.54 12.66
C ALA B 351 43.04 -17.44 13.76
N ALA B 352 42.15 -18.15 14.48
CA ALA B 352 42.59 -19.00 15.57
C ALA B 352 43.43 -20.17 15.08
N SER B 353 43.16 -20.65 13.88
CA SER B 353 43.90 -21.81 13.35
C SER B 353 45.18 -21.40 12.64
N GLY B 354 45.38 -20.11 12.40
CA GLY B 354 46.53 -19.63 11.67
C GLY B 354 46.35 -19.63 10.18
N ARG B 355 45.16 -19.98 9.68
CA ARG B 355 44.89 -20.01 8.24
C ARG B 355 44.99 -18.61 7.64
N GLN B 356 44.53 -17.59 8.38
CA GLN B 356 44.65 -16.20 7.98
C GLN B 356 45.22 -15.40 9.14
N THR B 357 45.88 -14.30 8.81
CA THR B 357 46.21 -13.31 9.83
C THR B 357 44.94 -12.64 10.34
N VAL B 358 45.04 -12.03 11.52
CA VAL B 358 43.89 -11.32 12.08
C VAL B 358 43.42 -10.23 11.12
N ASP B 359 44.35 -9.44 10.59
CA ASP B 359 43.97 -8.35 9.69
C ASP B 359 43.25 -8.88 8.46
N ALA B 360 43.79 -9.93 7.83
CA ALA B 360 43.18 -10.43 6.61
C ALA B 360 41.84 -11.11 6.90
N ALA B 361 41.75 -11.82 8.03
CA ALA B 361 40.49 -12.50 8.36
C ALA B 361 39.38 -11.49 8.60
N LEU B 362 39.68 -10.42 9.34
CA LEU B 362 38.65 -9.44 9.67
C LEU B 362 38.34 -8.52 8.50
N ALA B 363 39.33 -8.23 7.65
CA ALA B 363 39.03 -7.47 6.44
C ALA B 363 38.04 -8.22 5.55
N ALA B 364 38.23 -9.53 5.41
CA ALA B 364 37.31 -10.33 4.63
C ALA B 364 35.93 -10.37 5.26
N ALA B 365 35.87 -10.55 6.59
CA ALA B 365 34.56 -10.61 7.24
C ALA B 365 33.82 -9.29 7.11
N GLN B 366 34.54 -8.18 7.21
CA GLN B 366 33.95 -6.85 7.04
C GLN B 366 33.30 -6.71 5.67
N THR B 367 34.06 -6.97 4.61
CA THR B 367 33.51 -6.82 3.27
C THR B 367 32.35 -7.77 3.05
N ASN B 368 32.51 -9.02 3.47
CA ASN B 368 31.51 -10.03 3.14
C ASN B 368 30.24 -9.88 3.97
N ALA B 369 30.33 -9.45 5.22
CA ALA B 369 29.11 -9.14 5.95
C ALA B 369 28.32 -8.05 5.23
N ALA B 370 29.01 -7.08 4.65
CA ALA B 370 28.35 -5.96 4.01
C ALA B 370 27.97 -6.24 2.55
N ALA B 371 28.69 -7.11 1.86
CA ALA B 371 28.54 -7.19 0.40
C ALA B 371 28.19 -8.57 -0.14
N ALA B 372 28.04 -9.59 0.71
CA ALA B 372 27.71 -10.93 0.20
C ALA B 372 26.41 -10.92 -0.60
N ALA B 373 25.40 -10.19 -0.12
CA ALA B 373 24.13 -10.15 -0.83
C ALA B 373 24.30 -9.55 -2.22
N GLU B 374 25.14 -8.52 -2.34
CA GLU B 374 25.36 -7.91 -3.65
C GLU B 374 26.13 -8.85 -4.57
N TYR B 375 27.16 -9.54 -4.05
CA TYR B 375 27.90 -10.46 -4.89
C TYR B 375 27.02 -11.60 -5.37
N LYS B 376 26.12 -12.07 -4.52
CA LYS B 376 25.20 -13.13 -4.91
C LYS B 376 24.20 -12.65 -5.95
N LYS B 377 23.75 -11.39 -5.85
CA LYS B 377 22.86 -10.83 -6.87
C LYS B 377 23.55 -10.79 -8.23
N ILE B 378 24.81 -10.36 -8.27
CA ILE B 378 25.55 -10.36 -9.53
C ILE B 378 25.75 -11.77 -10.06
N LEU B 379 26.17 -12.68 -9.18
CA LEU B 379 26.41 -14.07 -9.60
C LEU B 379 25.14 -14.68 -10.18
N LEU B 380 24.00 -14.40 -9.56
CA LEU B 380 22.75 -14.97 -10.05
C LEU B 380 22.28 -14.27 -11.32
N LEU B 381 22.14 -12.93 -11.26
CA LEU B 381 21.46 -12.21 -12.34
C LEU B 381 22.36 -12.00 -13.55
N LYS B 382 23.65 -11.77 -13.33
CA LYS B 382 24.59 -11.54 -14.43
C LYS B 382 25.43 -12.78 -14.73
N GLY B 383 25.28 -13.84 -13.96
CA GLY B 383 25.99 -15.08 -14.24
C GLY B 383 25.03 -16.19 -14.64
N PHE B 384 24.42 -16.83 -13.64
CA PHE B 384 23.65 -18.05 -13.91
C PHE B 384 22.42 -17.77 -14.77
N GLU B 385 21.76 -16.64 -14.58
CA GLU B 385 20.56 -16.39 -15.38
C GLU B 385 20.87 -16.05 -16.82
N LEU B 386 22.13 -15.84 -17.17
CA LEU B 386 22.52 -15.53 -18.54
C LEU B 386 23.12 -16.75 -19.24
N MET B 387 23.04 -17.93 -18.64
CA MET B 387 23.47 -19.16 -19.30
C MET B 387 22.29 -20.12 -19.41
N ASP B 388 22.28 -20.89 -20.50
CA ASP B 388 21.19 -21.83 -20.71
C ASP B 388 21.32 -23.04 -19.77
N ASP B 389 20.27 -23.86 -19.74
CA ASP B 389 20.22 -25.02 -18.86
C ASP B 389 21.35 -26.00 -19.14
N TYR B 390 21.76 -26.11 -20.41
CA TYR B 390 22.87 -27.01 -20.75
C TYR B 390 24.15 -26.57 -20.04
N HIS B 391 24.50 -25.29 -20.16
CA HIS B 391 25.71 -24.80 -19.52
C HIS B 391 25.58 -24.83 -18.00
N PHE B 392 24.38 -24.55 -17.48
CA PHE B 392 24.17 -24.56 -16.03
C PHE B 392 24.38 -25.96 -15.47
N THR B 393 23.88 -26.99 -16.16
CA THR B 393 24.17 -28.35 -15.75
C THR B 393 25.67 -28.63 -15.80
N SER B 394 26.36 -28.10 -16.82
CA SER B 394 27.78 -28.34 -16.93
C SER B 394 28.55 -27.65 -15.80
N ILE B 395 28.17 -26.42 -15.47
CA ILE B 395 28.81 -25.73 -14.35
C ILE B 395 28.55 -26.49 -13.03
N LYS B 396 27.34 -27.02 -12.85
CA LYS B 396 27.06 -27.78 -11.64
C LYS B 396 27.95 -29.03 -11.56
N SER B 397 28.26 -29.63 -12.70
CA SER B 397 29.16 -30.77 -12.70
C SER B 397 30.58 -30.35 -12.35
N LEU B 398 31.04 -29.22 -12.91
CA LEU B 398 32.37 -28.72 -12.60
C LEU B 398 32.50 -28.31 -11.14
N LEU B 399 31.40 -27.91 -10.52
CA LEU B 399 31.40 -27.50 -9.11
C LEU B 399 31.08 -28.64 -8.16
N ALA B 400 30.94 -29.88 -8.67
CA ALA B 400 30.40 -30.95 -7.84
C ALA B 400 31.26 -31.24 -6.62
N TYR B 401 32.58 -31.20 -6.78
CA TYR B 401 33.41 -31.51 -5.63
C TYR B 401 33.45 -30.35 -4.64
N ASP B 402 33.53 -29.12 -5.15
CA ASP B 402 33.62 -27.96 -4.27
C ASP B 402 32.37 -27.75 -3.44
N LEU B 403 31.20 -28.12 -3.97
CA LEU B 403 29.93 -27.87 -3.31
C LEU B 403 29.30 -29.15 -2.76
N GLY B 404 29.90 -30.31 -2.99
CA GLY B 404 29.36 -31.56 -2.47
C GLY B 404 28.05 -31.96 -3.13
N LEU B 405 28.00 -31.87 -4.43
CA LEU B 405 26.84 -32.15 -5.19
C LEU B 405 26.69 -33.56 -5.70
N THR B 406 25.72 -34.26 -5.15
CA THR B 406 25.46 -35.58 -5.63
C THR B 406 24.83 -35.52 -7.00
N THR B 407 24.63 -36.69 -7.57
CA THR B 407 24.04 -36.80 -8.89
C THR B 407 22.68 -36.15 -8.90
N LYS B 408 21.87 -36.45 -7.89
CA LYS B 408 20.53 -35.92 -7.70
C LYS B 408 20.58 -34.40 -7.54
N MET B 409 21.50 -33.90 -6.73
CA MET B 409 21.61 -32.45 -6.56
C MET B 409 21.98 -31.77 -7.86
N GLN B 410 22.88 -32.37 -8.64
CA GLN B 410 23.30 -31.76 -9.90
C GLN B 410 22.14 -31.62 -10.88
N GLU B 411 21.19 -32.54 -10.87
CA GLU B 411 20.07 -32.46 -11.81
C GLU B 411 18.91 -31.63 -11.30
N GLU B 412 18.81 -31.44 -9.98
CA GLU B 412 17.63 -30.82 -9.40
C GLU B 412 17.85 -29.41 -8.88
N TYR B 413 19.08 -29.06 -8.47
CA TYR B 413 19.32 -27.75 -7.86
C TYR B 413 19.17 -26.62 -8.88
N ASN B 414 18.43 -25.58 -8.51
CA ASN B 414 18.25 -24.44 -9.42
C ASN B 414 19.30 -23.37 -9.19
N ARG B 415 19.23 -22.30 -9.99
CA ARG B 415 20.29 -21.29 -9.98
C ARG B 415 20.32 -20.49 -8.69
N ILE B 416 19.17 -20.32 -8.03
CA ILE B 416 19.17 -19.63 -6.74
C ILE B 416 19.88 -20.47 -5.69
N LYS B 417 19.57 -21.77 -5.67
CA LYS B 417 20.21 -22.70 -4.75
C LYS B 417 21.72 -22.76 -4.96
N ILE B 418 22.14 -22.88 -6.23
CA ILE B 418 23.56 -22.93 -6.51
C ILE B 418 24.23 -21.62 -6.14
N THR B 419 23.57 -20.48 -6.39
CA THR B 419 24.17 -19.20 -6.01
C THR B 419 24.42 -19.16 -4.50
N ASP B 420 23.44 -19.61 -3.71
CA ASP B 420 23.61 -19.64 -2.26
CA ASP B 420 23.61 -19.64 -2.26
C ASP B 420 24.76 -20.56 -1.87
N LEU B 421 24.77 -21.79 -2.38
CA LEU B 421 25.82 -22.73 -2.03
C LEU B 421 27.19 -22.25 -2.49
N MET B 422 27.24 -21.63 -3.67
CA MET B 422 28.52 -21.20 -4.22
C MET B 422 29.14 -20.08 -3.38
N GLU B 423 28.34 -19.11 -2.95
CA GLU B 423 28.91 -18.02 -2.15
C GLU B 423 29.25 -18.48 -0.74
N LYS B 424 28.56 -19.50 -0.21
CA LYS B 424 28.96 -20.06 1.08
C LYS B 424 30.37 -20.64 1.00
N LYS B 425 30.69 -21.30 -0.11
CA LYS B 425 32.01 -21.91 -0.25
C LYS B 425 33.06 -20.91 -0.73
N PHE B 426 32.68 -19.98 -1.59
CA PHE B 426 33.57 -18.99 -2.17
C PHE B 426 33.00 -17.62 -1.78
N GLN B 427 33.34 -17.15 -0.59
CA GLN B 427 32.62 -16.01 -0.03
C GLN B 427 32.96 -14.71 -0.76
N GLY B 428 31.95 -13.84 -0.83
CA GLY B 428 32.15 -12.52 -1.43
C GLY B 428 32.55 -12.59 -2.89
N VAL B 429 33.58 -11.81 -3.24
CA VAL B 429 34.06 -11.73 -4.62
C VAL B 429 34.55 -13.07 -5.13
N ALA B 430 34.91 -13.99 -4.23
CA ALA B 430 35.44 -15.28 -4.65
C ALA B 430 34.44 -16.07 -5.48
N CYS B 431 33.13 -15.87 -5.24
CA CYS B 431 32.18 -16.64 -6.04
C CYS B 431 32.13 -16.14 -7.48
N LEU B 432 32.31 -14.83 -7.70
CA LEU B 432 32.44 -14.32 -9.06
C LEU B 432 33.74 -14.79 -9.69
N ASP B 433 34.84 -14.71 -8.95
CA ASP B 433 36.13 -15.18 -9.48
C ASP B 433 36.03 -16.64 -9.91
N LYS B 434 35.34 -17.46 -9.12
CA LYS B 434 35.22 -18.88 -9.43
C LYS B 434 34.41 -19.11 -10.69
N LEU B 435 33.29 -18.40 -10.86
CA LEU B 435 32.51 -18.60 -12.09
C LEU B 435 33.27 -18.07 -13.30
N ILE B 436 33.98 -16.96 -13.16
CA ILE B 436 34.82 -16.47 -14.26
C ILE B 436 35.87 -17.52 -14.62
N GLU B 437 36.51 -18.10 -13.60
CA GLU B 437 37.55 -19.09 -13.84
C GLU B 437 36.98 -20.34 -14.51
N LEU B 438 35.75 -20.74 -14.14
CA LEU B 438 35.17 -21.95 -14.69
C LEU B 438 34.69 -21.75 -16.13
N ALA B 439 34.26 -20.55 -16.49
CA ALA B 439 33.63 -20.32 -17.77
C ALA B 439 34.47 -19.51 -18.74
N LYS B 440 35.72 -19.17 -18.37
CA LYS B 440 36.54 -18.33 -19.23
C LYS B 440 36.88 -19.02 -20.54
N ASP B 441 36.96 -20.36 -20.54
CA ASP B 441 37.33 -21.12 -21.73
C ASP B 441 36.13 -21.72 -22.45
N MET B 442 34.91 -21.47 -21.97
CA MET B 442 33.73 -22.02 -22.62
C MET B 442 33.32 -21.13 -23.80
N PRO B 443 33.03 -21.72 -24.96
CA PRO B 443 32.80 -20.91 -26.17
C PRO B 443 31.55 -20.04 -26.08
N SER B 444 30.43 -20.62 -25.63
CA SER B 444 29.17 -19.88 -25.59
C SER B 444 29.10 -18.87 -24.46
N LEU B 445 29.94 -19.01 -23.43
CA LEU B 445 29.88 -18.13 -22.27
C LEU B 445 30.93 -17.03 -22.29
N LYS B 446 31.70 -16.91 -23.37
CA LYS B 446 32.74 -15.90 -23.42
C LYS B 446 32.18 -14.50 -23.23
N ASN B 447 31.00 -14.22 -23.82
CA ASN B 447 30.35 -12.93 -23.61
C ASN B 447 29.98 -12.74 -22.15
N LEU B 448 29.29 -13.74 -21.58
CA LEU B 448 28.86 -13.70 -20.19
C LEU B 448 30.04 -13.41 -19.25
N VAL B 449 31.16 -14.11 -19.46
CA VAL B 449 32.32 -13.96 -18.59
C VAL B 449 32.87 -12.54 -18.68
N ASN B 450 33.00 -12.03 -19.90
CA ASN B 450 33.50 -10.66 -20.09
C ASN B 450 32.66 -9.65 -19.30
N ASN B 451 31.34 -9.83 -19.30
CA ASN B 451 30.50 -8.91 -18.53
C ASN B 451 30.64 -9.15 -17.04
N LEU B 452 30.94 -10.39 -16.62
CA LEU B 452 31.15 -10.65 -15.21
C LEU B 452 32.34 -9.86 -14.67
N ARG B 453 33.44 -9.83 -15.43
CA ARG B 453 34.60 -9.06 -14.99
C ARG B 453 34.25 -7.59 -14.77
N LYS B 454 33.42 -7.03 -15.65
CA LYS B 454 33.03 -5.63 -15.50
C LYS B 454 32.10 -5.44 -14.32
N GLU B 455 31.24 -6.42 -14.05
CA GLU B 455 30.45 -6.36 -12.82
C GLU B 455 31.33 -6.47 -11.59
N LYS B 456 32.39 -7.28 -11.66
CA LYS B 456 33.33 -7.38 -10.56
C LYS B 456 34.02 -6.05 -10.30
N SER B 457 34.46 -5.37 -11.38
CA SER B 457 35.11 -4.07 -11.22
C SER B 457 34.15 -3.04 -10.63
N LYS B 458 32.88 -3.12 -11.00
CA LYS B 458 31.91 -2.12 -10.56
C LYS B 458 31.70 -2.16 -9.04
N VAL B 459 31.50 -3.37 -8.49
CA VAL B 459 31.24 -3.47 -7.06
C VAL B 459 32.46 -3.08 -6.25
N ALA B 460 33.65 -3.45 -6.73
CA ALA B 460 34.89 -3.02 -6.09
C ALA B 460 34.89 -1.52 -5.87
N LYS B 461 34.60 -0.75 -6.93
CA LYS B 461 34.50 0.70 -6.80
C LYS B 461 33.46 1.09 -5.76
N LYS B 462 32.25 0.51 -5.86
CA LYS B 462 31.20 0.80 -4.91
C LYS B 462 31.60 0.44 -3.48
N ILE B 463 32.38 -0.62 -3.31
CA ILE B 463 32.87 -0.99 -1.99
C ILE B 463 33.96 -0.02 -1.52
N LYS B 464 34.88 0.34 -2.43
CA LYS B 464 35.97 1.25 -2.08
C LYS B 464 35.47 2.61 -1.63
N THR B 465 34.23 2.97 -1.97
CA THR B 465 33.67 4.25 -1.55
C THR B 465 33.20 4.23 -0.09
N GLN B 466 32.66 3.11 0.35
CA GLN B 466 32.21 2.95 1.74
C GLN B 466 33.38 2.59 2.65
N LYS C 2 9.50 -1.53 -25.10
CA LYS C 2 8.16 -1.27 -24.60
C LYS C 2 7.90 -1.96 -23.27
N ILE C 3 8.33 -3.21 -23.18
CA ILE C 3 8.27 -3.95 -21.93
C ILE C 3 9.55 -3.69 -21.16
N GLU C 4 9.40 -3.33 -19.89
CA GLU C 4 10.50 -2.83 -19.09
C GLU C 4 11.44 -3.97 -18.70
N GLU C 5 12.72 -3.82 -19.02
CA GLU C 5 13.69 -4.81 -18.60
C GLU C 5 14.00 -4.68 -17.11
N GLY C 6 14.14 -5.81 -16.42
CA GLY C 6 14.53 -5.80 -15.03
C GLY C 6 13.41 -5.86 -14.01
N LYS C 7 12.17 -6.10 -14.46
CA LYS C 7 11.04 -6.38 -13.59
C LYS C 7 10.16 -7.38 -14.30
N LEU C 8 9.14 -7.86 -13.60
CA LEU C 8 8.16 -8.75 -14.21
C LEU C 8 6.77 -8.14 -14.04
N VAL C 9 6.02 -8.07 -15.13
CA VAL C 9 4.61 -7.69 -15.10
C VAL C 9 3.81 -8.92 -15.46
N ILE C 10 2.82 -9.24 -14.63
CA ILE C 10 2.02 -10.45 -14.80
C ILE C 10 0.55 -10.04 -14.92
N TRP C 11 -0.15 -10.62 -15.89
CA TRP C 11 -1.60 -10.45 -16.01
C TRP C 11 -2.31 -11.77 -15.70
N ILE C 12 -3.35 -11.71 -14.87
CA ILE C 12 -4.16 -12.86 -14.51
C ILE C 12 -5.60 -12.39 -14.32
N ASN C 13 -6.56 -13.28 -14.58
CA ASN C 13 -7.96 -12.85 -14.56
C ASN C 13 -8.42 -12.49 -13.15
N GLY C 14 -9.40 -11.58 -13.07
CA GLY C 14 -9.85 -11.04 -11.80
C GLY C 14 -10.60 -12.01 -10.92
N ASP C 15 -10.95 -13.19 -11.42
CA ASP C 15 -11.57 -14.20 -10.56
C ASP C 15 -10.55 -15.15 -9.94
N LYS C 16 -9.27 -14.94 -10.19
CA LYS C 16 -8.24 -15.83 -9.65
C LYS C 16 -7.51 -15.18 -8.49
N GLY C 17 -6.65 -15.98 -7.84
CA GLY C 17 -5.95 -15.53 -6.65
C GLY C 17 -4.80 -14.58 -6.90
N TYR C 18 -5.08 -13.37 -7.43
CA TYR C 18 -4.00 -12.49 -7.83
C TYR C 18 -3.27 -11.89 -6.62
N ASN C 19 -3.92 -11.77 -5.47
CA ASN C 19 -3.20 -11.26 -4.32
C ASN C 19 -2.24 -12.32 -3.78
N GLY C 20 -2.67 -13.59 -3.77
CA GLY C 20 -1.73 -14.65 -3.46
C GLY C 20 -0.57 -14.73 -4.44
N LEU C 21 -0.84 -14.51 -5.72
CA LEU C 21 0.24 -14.52 -6.70
C LEU C 21 1.22 -13.38 -6.44
N ALA C 22 0.72 -12.22 -6.02
CA ALA C 22 1.61 -11.11 -5.67
C ALA C 22 2.49 -11.45 -4.48
N GLU C 23 1.99 -12.26 -3.54
CA GLU C 23 2.83 -12.71 -2.43
C GLU C 23 3.99 -13.57 -2.90
N VAL C 24 3.73 -14.47 -3.86
CA VAL C 24 4.82 -15.19 -4.51
C VAL C 24 5.79 -14.22 -5.17
N GLY C 25 5.25 -13.19 -5.82
CA GLY C 25 6.13 -12.19 -6.42
C GLY C 25 6.99 -11.47 -5.40
N LYS C 26 6.45 -11.23 -4.20
CA LYS C 26 7.23 -10.59 -3.16
C LYS C 26 8.39 -11.47 -2.73
N LYS C 27 8.15 -12.78 -2.59
CA LYS C 27 9.26 -13.69 -2.26
C LYS C 27 10.31 -13.67 -3.35
N PHE C 28 9.89 -13.65 -4.62
CA PHE C 28 10.84 -13.55 -5.72
C PHE C 28 11.67 -12.29 -5.62
N GLU C 29 11.04 -11.17 -5.26
CA GLU C 29 11.76 -9.91 -5.16
C GLU C 29 12.77 -9.93 -4.01
N LYS C 30 12.41 -10.56 -2.89
CA LYS C 30 13.35 -10.66 -1.76
CA LYS C 30 13.37 -10.62 -1.78
C LYS C 30 14.57 -11.48 -2.12
N ASP C 31 14.40 -12.49 -2.99
CA ASP C 31 15.51 -13.35 -3.37
C ASP C 31 16.38 -12.75 -4.47
N THR C 32 15.79 -11.94 -5.35
CA THR C 32 16.45 -11.54 -6.58
C THR C 32 16.60 -10.05 -6.74
N GLY C 33 15.82 -9.25 -6.02
CA GLY C 33 15.74 -7.84 -6.26
C GLY C 33 14.79 -7.43 -7.36
N ILE C 34 14.20 -8.40 -8.06
CA ILE C 34 13.35 -8.13 -9.22
C ILE C 34 11.92 -7.94 -8.74
N LYS C 35 11.37 -6.75 -8.99
CA LYS C 35 10.00 -6.44 -8.59
C LYS C 35 9.01 -7.13 -9.52
N VAL C 36 7.93 -7.65 -8.94
CA VAL C 36 6.90 -8.39 -9.67
C VAL C 36 5.58 -7.65 -9.47
N THR C 37 5.00 -7.16 -10.55
CA THR C 37 3.73 -6.45 -10.53
C THR C 37 2.66 -7.36 -11.12
N VAL C 38 1.61 -7.62 -10.35
CA VAL C 38 0.48 -8.43 -10.80
C VAL C 38 -0.71 -7.52 -11.08
N GLU C 39 -1.29 -7.64 -12.27
CA GLU C 39 -2.45 -6.86 -12.67
C GLU C 39 -3.54 -7.80 -13.14
N HIS C 40 -4.80 -7.33 -13.09
CA HIS C 40 -5.94 -8.13 -13.55
C HIS C 40 -6.83 -7.26 -14.43
N PRO C 41 -6.37 -6.97 -15.65
CA PRO C 41 -7.15 -6.13 -16.56
C PRO C 41 -8.48 -6.77 -16.95
N ASP C 42 -9.47 -5.93 -17.22
CA ASP C 42 -10.71 -6.41 -17.81
C ASP C 42 -10.47 -6.94 -19.23
N LYS C 43 -11.29 -7.91 -19.64
CA LYS C 43 -11.24 -8.50 -20.99
C LYS C 43 -9.82 -8.93 -21.33
N LEU C 44 -9.19 -9.57 -20.33
CA LEU C 44 -7.79 -9.94 -20.40
C LEU C 44 -7.45 -10.74 -21.64
N GLU C 45 -8.30 -11.71 -21.99
CA GLU C 45 -8.01 -12.63 -23.08
C GLU C 45 -8.09 -11.94 -24.43
N GLU C 46 -8.73 -10.78 -24.49
CA GLU C 46 -8.77 -9.95 -25.68
C GLU C 46 -7.70 -8.89 -25.69
N LYS C 47 -7.41 -8.32 -24.53
CA LYS C 47 -6.42 -7.27 -24.43
C LYS C 47 -5.02 -7.79 -24.71
N PHE C 48 -4.68 -8.97 -24.18
CA PHE C 48 -3.32 -9.49 -24.40
C PHE C 48 -2.98 -9.61 -25.88
N PRO C 49 -3.80 -10.25 -26.73
CA PRO C 49 -3.38 -10.35 -28.13
C PRO C 49 -3.30 -8.99 -28.82
N GLN C 50 -4.09 -8.02 -28.37
CA GLN C 50 -4.03 -6.68 -28.96
C GLN C 50 -2.69 -6.01 -28.68
N VAL C 51 -2.25 -6.02 -27.42
CA VAL C 51 -1.02 -5.31 -27.08
C VAL C 51 0.22 -6.13 -27.45
N ALA C 52 0.16 -7.45 -27.29
CA ALA C 52 1.36 -8.24 -27.55
C ALA C 52 1.72 -8.26 -29.03
N ALA C 53 0.74 -8.02 -29.91
CA ALA C 53 1.00 -8.04 -31.34
C ALA C 53 2.01 -6.96 -31.74
N THR C 54 2.13 -5.90 -30.96
CA THR C 54 3.09 -4.84 -31.26
C THR C 54 4.28 -4.88 -30.33
N GLY C 55 4.43 -5.95 -29.56
CA GLY C 55 5.55 -6.09 -28.64
C GLY C 55 5.34 -5.44 -27.29
N ASP C 56 4.09 -5.11 -26.94
CA ASP C 56 3.72 -4.52 -25.66
C ASP C 56 3.16 -5.61 -24.73
N GLY C 57 2.74 -5.20 -23.54
CA GLY C 57 1.98 -6.06 -22.66
C GLY C 57 2.79 -6.62 -21.50
N PRO C 58 2.23 -7.63 -20.82
CA PRO C 58 2.90 -8.21 -19.66
C PRO C 58 4.02 -9.15 -20.09
N ASP C 59 4.92 -9.42 -19.14
CA ASP C 59 5.91 -10.48 -19.35
C ASP C 59 5.26 -11.85 -19.34
N ILE C 60 4.27 -12.05 -18.46
CA ILE C 60 3.60 -13.33 -18.24
C ILE C 60 2.10 -13.12 -18.33
N ILE C 61 1.42 -14.01 -19.07
CA ILE C 61 -0.04 -13.96 -19.23
C ILE C 61 -0.62 -15.27 -18.71
N PHE C 62 -1.63 -15.16 -17.83
CA PHE C 62 -2.38 -16.31 -17.33
C PHE C 62 -3.74 -16.38 -18.00
N TRP C 63 -4.12 -17.56 -18.50
CA TRP C 63 -5.48 -17.84 -18.95
C TRP C 63 -5.62 -19.34 -19.02
N ALA C 64 -6.86 -19.82 -19.19
CA ALA C 64 -7.02 -21.22 -19.49
C ALA C 64 -6.38 -21.53 -20.85
N HIS C 65 -5.97 -22.78 -21.01
CA HIS C 65 -5.13 -23.14 -22.16
C HIS C 65 -5.83 -23.01 -23.50
N ASP C 66 -7.18 -22.90 -23.52
CA ASP C 66 -7.86 -22.90 -24.82
C ASP C 66 -7.50 -21.70 -25.67
N ARG C 67 -7.08 -20.59 -25.06
CA ARG C 67 -6.72 -19.42 -25.85
C ARG C 67 -5.29 -19.47 -26.36
N PHE C 68 -4.46 -20.39 -25.87
CA PHE C 68 -3.03 -20.25 -26.08
C PHE C 68 -2.58 -20.68 -27.48
N GLY C 69 -3.26 -21.63 -28.13
CA GLY C 69 -2.87 -21.97 -29.50
C GLY C 69 -3.01 -20.80 -30.45
N GLY C 70 -4.09 -20.02 -30.27
CA GLY C 70 -4.23 -18.81 -31.06
C GLY C 70 -3.14 -17.80 -30.79
N TYR C 71 -2.77 -17.62 -29.51
CA TYR C 71 -1.66 -16.71 -29.22
C TYR C 71 -0.37 -17.20 -29.85
N ALA C 72 -0.10 -18.50 -29.75
CA ALA C 72 1.13 -19.04 -30.31
C ALA C 72 1.13 -18.93 -31.83
N GLN C 73 -0.01 -19.20 -32.47
CA GLN C 73 -0.11 -19.05 -33.92
CA GLN C 73 -0.08 -19.05 -33.92
C GLN C 73 0.21 -17.62 -34.36
N SER C 74 -0.12 -16.65 -33.51
CA SER C 74 0.13 -15.24 -33.79
C SER C 74 1.53 -14.80 -33.38
N GLY C 75 2.36 -15.72 -32.91
CA GLY C 75 3.73 -15.37 -32.53
C GLY C 75 3.85 -14.58 -31.26
N LEU C 76 2.88 -14.70 -30.35
CA LEU C 76 2.87 -13.86 -29.15
C LEU C 76 3.54 -14.51 -27.95
N LEU C 77 3.95 -15.77 -28.05
CA LEU C 77 4.42 -16.54 -26.92
C LEU C 77 5.82 -17.08 -27.17
N ALA C 78 6.65 -17.01 -26.14
CA ALA C 78 7.95 -17.66 -26.17
C ALA C 78 7.79 -19.16 -25.97
N GLU C 79 8.54 -19.95 -26.73
CA GLU C 79 8.53 -21.39 -26.48
C GLU C 79 9.18 -21.63 -25.12
N ILE C 80 8.63 -22.54 -24.34
CA ILE C 80 9.27 -22.91 -23.09
C ILE C 80 9.82 -24.31 -23.22
N THR C 81 11.01 -24.51 -22.67
CA THR C 81 11.75 -25.77 -22.79
C THR C 81 12.31 -26.12 -21.42
N PRO C 82 11.45 -26.49 -20.48
CA PRO C 82 11.94 -26.82 -19.14
C PRO C 82 12.79 -28.07 -19.18
N ALA C 83 13.72 -28.16 -18.24
CA ALA C 83 14.52 -29.36 -18.12
C ALA C 83 13.62 -30.54 -17.77
N ALA C 84 14.05 -31.75 -18.16
CA ALA C 84 13.27 -32.94 -17.90
C ALA C 84 12.94 -33.05 -16.41
N ALA C 85 13.87 -32.66 -15.54
CA ALA C 85 13.66 -32.76 -14.11
C ALA C 85 12.46 -31.92 -13.68
N PHE C 86 12.30 -30.73 -14.27
CA PHE C 86 11.11 -29.97 -13.94
C PHE C 86 9.87 -30.54 -14.62
N GLN C 87 9.97 -30.93 -15.90
CA GLN C 87 8.79 -31.45 -16.59
C GLN C 87 8.18 -32.62 -15.82
N ASP C 88 9.04 -33.46 -15.23
CA ASP C 88 8.55 -34.64 -14.52
C ASP C 88 7.74 -34.27 -13.27
N LYS C 89 7.83 -33.04 -12.79
CA LYS C 89 7.07 -32.65 -11.60
C LYS C 89 5.59 -32.40 -11.88
N LEU C 90 5.19 -32.21 -13.13
CA LEU C 90 3.80 -31.94 -13.49
C LEU C 90 3.20 -33.14 -14.20
N TYR C 91 1.87 -33.29 -14.09
CA TYR C 91 1.22 -34.42 -14.75
C TYR C 91 1.35 -34.31 -16.26
N PRO C 92 1.70 -35.40 -16.97
CA PRO C 92 1.83 -35.33 -18.44
C PRO C 92 0.62 -34.75 -19.15
N PHE C 93 -0.60 -35.06 -18.71
CA PHE C 93 -1.74 -34.54 -19.46
C PHE C 93 -1.85 -33.03 -19.37
N THR C 94 -1.29 -32.42 -18.32
CA THR C 94 -1.32 -30.96 -18.28
C THR C 94 -0.33 -30.36 -19.25
N TRP C 95 0.82 -31.01 -19.48
CA TRP C 95 1.72 -30.53 -20.53
C TRP C 95 1.08 -30.67 -21.92
N ASP C 96 0.28 -31.72 -22.13
CA ASP C 96 -0.43 -31.87 -23.41
C ASP C 96 -1.32 -30.66 -23.69
N ALA C 97 -1.95 -30.11 -22.65
CA ALA C 97 -2.86 -29.00 -22.85
C ALA C 97 -2.14 -27.74 -23.34
N VAL C 98 -0.84 -27.61 -23.05
CA VAL C 98 -0.09 -26.42 -23.43
C VAL C 98 0.92 -26.72 -24.54
N ARG C 99 0.74 -27.81 -25.26
CA ARG C 99 1.58 -28.13 -26.40
C ARG C 99 0.84 -27.79 -27.68
N TYR C 100 1.50 -27.03 -28.56
CA TYR C 100 0.87 -26.55 -29.77
C TYR C 100 1.86 -26.69 -30.93
N ASN C 101 1.45 -27.44 -31.96
CA ASN C 101 2.32 -27.73 -33.09
C ASN C 101 3.68 -28.21 -32.64
N GLY C 102 3.67 -29.11 -31.65
CA GLY C 102 4.87 -29.74 -31.15
C GLY C 102 5.66 -28.97 -30.12
N LYS C 103 5.29 -27.72 -29.81
CA LYS C 103 6.06 -26.89 -28.90
C LYS C 103 5.25 -26.64 -27.64
N LEU C 104 5.92 -26.65 -26.48
CA LEU C 104 5.30 -26.17 -25.25
C LEU C 104 5.25 -24.66 -25.30
N ILE C 105 4.07 -24.09 -25.07
CA ILE C 105 3.84 -22.66 -25.21
C ILE C 105 3.37 -22.02 -23.91
N ALA C 106 3.34 -22.79 -22.82
CA ALA C 106 2.99 -22.22 -21.51
C ALA C 106 3.34 -23.24 -20.43
N TYR C 107 3.33 -22.76 -19.17
CA TYR C 107 3.42 -23.65 -18.02
C TYR C 107 2.02 -23.97 -17.52
N PRO C 108 1.64 -25.24 -17.41
CA PRO C 108 0.33 -25.57 -16.83
C PRO C 108 0.36 -25.37 -15.32
N ILE C 109 -0.72 -24.81 -14.80
CA ILE C 109 -0.83 -24.51 -13.37
C ILE C 109 -1.88 -25.39 -12.69
N ALA C 110 -3.10 -25.44 -13.22
CA ALA C 110 -4.15 -26.11 -12.46
C ALA C 110 -5.30 -26.53 -13.38
N VAL C 111 -5.99 -27.58 -12.99
CA VAL C 111 -7.07 -28.16 -13.78
C VAL C 111 -8.38 -27.66 -13.21
N GLU C 112 -9.17 -27.01 -14.05
CA GLU C 112 -10.44 -26.39 -13.65
C GLU C 112 -11.60 -27.14 -14.27
N ALA C 113 -12.60 -27.46 -13.46
CA ALA C 113 -13.86 -27.93 -13.99
C ALA C 113 -14.96 -27.36 -13.13
N LEU C 114 -16.10 -27.10 -13.75
CA LEU C 114 -17.28 -26.65 -13.05
C LEU C 114 -17.88 -27.80 -12.25
N SER C 115 -18.45 -27.46 -11.09
CA SER C 115 -19.21 -28.41 -10.28
C SER C 115 -20.55 -27.76 -9.89
N LEU C 116 -21.45 -28.61 -9.37
CA LEU C 116 -22.66 -28.12 -8.73
C LEU C 116 -22.32 -27.74 -7.30
N ILE C 117 -22.58 -26.48 -6.93
CA ILE C 117 -22.40 -26.00 -5.55
C ILE C 117 -23.79 -25.81 -4.95
N TYR C 118 -24.01 -26.35 -3.75
CA TYR C 118 -25.36 -26.29 -3.19
C TYR C 118 -25.32 -25.90 -1.72
N ASN C 119 -26.41 -25.31 -1.27
CA ASN C 119 -26.59 -24.86 0.10
C ASN C 119 -27.22 -25.99 0.90
N LYS C 120 -26.45 -26.58 1.82
CA LYS C 120 -26.89 -27.77 2.53
C LYS C 120 -28.06 -27.49 3.48
N ASP C 121 -28.24 -26.24 3.90
CA ASP C 121 -29.34 -25.91 4.79
C ASP C 121 -30.67 -25.79 4.03
N LEU C 122 -30.62 -25.28 2.79
CA LEU C 122 -31.83 -25.23 1.97
C LEU C 122 -32.11 -26.56 1.29
N LEU C 123 -31.06 -27.35 1.05
CA LEU C 123 -31.12 -28.48 0.14
C LEU C 123 -30.14 -29.55 0.59
N PRO C 124 -30.48 -30.30 1.64
CA PRO C 124 -29.54 -31.30 2.15
C PRO C 124 -29.25 -32.41 1.16
N ASN C 125 -30.17 -32.65 0.21
CA ASN C 125 -29.99 -33.66 -0.83
C ASN C 125 -30.07 -32.95 -2.17
N PRO C 126 -28.92 -32.66 -2.80
CA PRO C 126 -28.96 -31.98 -4.09
C PRO C 126 -29.55 -32.88 -5.17
N PRO C 127 -30.14 -32.30 -6.20
CA PRO C 127 -30.77 -33.13 -7.23
C PRO C 127 -29.73 -33.80 -8.11
N LYS C 128 -30.03 -35.05 -8.48
CA LYS C 128 -29.15 -35.79 -9.38
C LYS C 128 -29.42 -35.49 -10.85
N THR C 129 -30.58 -34.89 -11.17
CA THR C 129 -30.96 -34.65 -12.56
C THR C 129 -31.36 -33.19 -12.74
N TRP C 130 -31.06 -32.66 -13.94
CA TRP C 130 -31.57 -31.36 -14.34
C TRP C 130 -33.09 -31.36 -14.35
N GLU C 131 -33.69 -32.50 -14.73
CA GLU C 131 -35.13 -32.55 -14.92
C GLU C 131 -35.90 -32.35 -13.63
N GLU C 132 -35.28 -32.61 -12.47
CA GLU C 132 -35.93 -32.37 -11.19
C GLU C 132 -35.93 -30.91 -10.77
N ILE C 133 -35.10 -30.08 -11.38
CA ILE C 133 -34.87 -28.73 -10.86
C ILE C 133 -36.12 -27.85 -10.96
N PRO C 134 -36.93 -27.91 -12.02
CA PRO C 134 -38.15 -27.08 -12.03
C PRO C 134 -39.08 -27.31 -10.85
N ALA C 135 -39.33 -28.56 -10.46
CA ALA C 135 -40.19 -28.84 -9.31
C ALA C 135 -39.54 -28.35 -8.02
N LEU C 136 -38.22 -28.51 -7.90
CA LEU C 136 -37.51 -28.00 -6.74
C LEU C 136 -37.62 -26.49 -6.64
N ASP C 137 -37.52 -25.78 -7.77
CA ASP C 137 -37.68 -24.33 -7.77
C ASP C 137 -39.06 -23.94 -7.29
N LYS C 138 -40.10 -24.64 -7.75
CA LYS C 138 -41.45 -24.38 -7.28
C LYS C 138 -41.53 -24.45 -5.76
N GLU C 139 -40.95 -25.52 -5.19
CA GLU C 139 -40.97 -25.68 -3.73
C GLU C 139 -40.24 -24.54 -3.03
N LEU C 140 -39.06 -24.18 -3.53
CA LEU C 140 -38.28 -23.16 -2.85
C LEU C 140 -38.90 -21.78 -3.03
N LYS C 141 -39.54 -21.53 -4.18
CA LYS C 141 -40.17 -20.23 -4.39
C LYS C 141 -41.27 -19.99 -3.37
N ALA C 142 -41.93 -21.05 -2.92
CA ALA C 142 -42.93 -20.91 -1.86
C ALA C 142 -42.29 -20.48 -0.54
N LYS C 143 -41.01 -20.77 -0.33
CA LYS C 143 -40.28 -20.34 0.87
C LYS C 143 -39.50 -19.06 0.63
N GLY C 144 -39.73 -18.37 -0.48
CA GLY C 144 -39.02 -17.14 -0.77
C GLY C 144 -37.63 -17.31 -1.32
N LYS C 145 -37.31 -18.48 -1.88
CA LYS C 145 -35.97 -18.78 -2.40
C LYS C 145 -36.10 -19.24 -3.85
N SER C 146 -34.98 -19.58 -4.46
CA SER C 146 -34.99 -20.17 -5.80
C SER C 146 -34.05 -21.38 -5.80
N ALA C 147 -34.19 -22.22 -6.83
CA ALA C 147 -33.40 -23.44 -6.88
C ALA C 147 -31.97 -23.19 -7.36
N LEU C 148 -31.82 -22.44 -8.45
CA LEU C 148 -30.55 -22.42 -9.17
C LEU C 148 -30.31 -21.07 -9.83
N MET C 149 -29.12 -20.49 -9.61
CA MET C 149 -28.67 -19.33 -10.36
C MET C 149 -27.21 -19.51 -10.74
N PHE C 150 -26.90 -19.27 -12.02
CA PHE C 150 -25.52 -19.29 -12.50
C PHE C 150 -25.38 -18.38 -13.71
N ASN C 151 -24.14 -18.06 -14.06
CA ASN C 151 -23.82 -17.07 -15.06
C ASN C 151 -24.34 -17.49 -16.43
N LEU C 152 -25.28 -16.75 -16.99
CA LEU C 152 -25.83 -17.08 -18.31
C LEU C 152 -25.23 -16.23 -19.41
N GLN C 153 -24.24 -15.39 -19.10
CA GLN C 153 -23.66 -14.53 -20.11
C GLN C 153 -22.41 -15.14 -20.75
N GLU C 154 -21.79 -16.12 -20.10
CA GLU C 154 -20.63 -16.79 -20.65
C GLU C 154 -20.96 -18.23 -20.98
N PRO C 155 -20.73 -18.67 -22.22
CA PRO C 155 -21.18 -20.02 -22.61
C PRO C 155 -20.45 -21.12 -21.89
N TYR C 156 -19.28 -20.82 -21.31
CA TYR C 156 -18.59 -21.78 -20.47
C TYR C 156 -19.53 -22.45 -19.46
N PHE C 157 -20.47 -21.68 -18.88
CA PHE C 157 -21.29 -22.20 -17.80
C PHE C 157 -22.49 -23.01 -18.28
N THR C 158 -22.95 -22.77 -19.50
CA THR C 158 -24.04 -23.54 -20.10
CA THR C 158 -24.03 -23.56 -20.07
C THR C 158 -23.53 -24.74 -20.89
N TRP C 159 -22.27 -24.72 -21.32
CA TRP C 159 -21.70 -25.84 -22.07
C TRP C 159 -21.92 -27.21 -21.42
N PRO C 160 -21.79 -27.40 -20.09
CA PRO C 160 -21.99 -28.76 -19.54
C PRO C 160 -23.32 -29.36 -19.94
N LEU C 161 -24.37 -28.52 -20.00
CA LEU C 161 -25.72 -28.98 -20.36
C LEU C 161 -25.86 -29.19 -21.86
N ILE C 162 -25.30 -28.28 -22.67
CA ILE C 162 -25.31 -28.45 -24.12
C ILE C 162 -24.59 -29.73 -24.53
N ALA C 163 -23.47 -30.04 -23.88
CA ALA C 163 -22.68 -31.18 -24.27
C ALA C 163 -23.25 -32.50 -23.75
N ALA C 164 -24.13 -32.44 -22.74
CA ALA C 164 -24.54 -33.66 -22.04
C ALA C 164 -25.08 -34.73 -22.99
N ASP C 165 -26.03 -34.37 -23.84
CA ASP C 165 -26.71 -35.32 -24.73
C ASP C 165 -26.11 -35.32 -26.13
N GLY C 166 -24.96 -34.66 -26.33
CA GLY C 166 -24.24 -34.88 -27.58
C GLY C 166 -23.54 -33.70 -28.24
N GLY C 167 -23.78 -32.47 -27.77
CA GLY C 167 -23.10 -31.34 -28.37
C GLY C 167 -21.60 -31.44 -28.21
N TYR C 168 -20.87 -30.89 -29.18
CA TYR C 168 -19.43 -30.79 -29.09
C TYR C 168 -18.93 -29.60 -29.87
N ALA C 169 -17.66 -29.28 -29.68
CA ALA C 169 -17.05 -28.15 -30.36
C ALA C 169 -16.47 -28.59 -31.69
N PHE C 170 -15.27 -29.16 -31.69
CA PHE C 170 -14.67 -29.71 -32.90
C PHE C 170 -14.46 -31.20 -32.72
N LYS C 171 -14.84 -31.98 -33.73
CA LYS C 171 -14.63 -33.42 -33.71
C LYS C 171 -13.15 -33.75 -33.70
N TYR C 172 -12.76 -34.64 -32.80
CA TYR C 172 -11.38 -35.12 -32.72
C TYR C 172 -11.30 -36.40 -33.53
N ALA C 173 -10.60 -36.34 -34.67
CA ALA C 173 -10.58 -37.43 -35.62
C ALA C 173 -9.14 -37.78 -35.95
N ALA C 174 -8.74 -39.03 -35.66
CA ALA C 174 -7.41 -39.53 -36.01
C ALA C 174 -6.31 -38.56 -35.56
N GLY C 175 -6.34 -38.22 -34.27
CA GLY C 175 -5.26 -37.47 -33.65
C GLY C 175 -5.27 -35.97 -33.87
N LYS C 176 -6.27 -35.43 -34.57
CA LYS C 176 -6.34 -34.01 -34.86
C LYS C 176 -7.77 -33.55 -34.75
N TYR C 177 -7.96 -32.29 -34.38
CA TYR C 177 -9.30 -31.72 -34.47
C TYR C 177 -9.64 -31.39 -35.92
N ASP C 178 -10.85 -31.75 -36.30
CA ASP C 178 -11.39 -31.44 -37.63
C ASP C 178 -12.12 -30.11 -37.53
N ILE C 179 -11.49 -29.04 -38.02
CA ILE C 179 -12.05 -27.71 -37.84
C ILE C 179 -13.30 -27.49 -38.68
N LYS C 180 -13.64 -28.44 -39.55
CA LYS C 180 -14.87 -28.35 -40.33
C LYS C 180 -15.99 -29.18 -39.72
N ASP C 181 -15.73 -29.95 -38.67
CA ASP C 181 -16.73 -30.82 -38.06
C ASP C 181 -17.06 -30.22 -36.69
N VAL C 182 -18.08 -29.38 -36.67
CA VAL C 182 -18.53 -28.69 -35.46
C VAL C 182 -19.82 -29.35 -34.97
N GLY C 183 -19.99 -29.41 -33.66
CA GLY C 183 -21.11 -30.17 -33.13
C GLY C 183 -22.06 -29.34 -32.29
N VAL C 184 -22.30 -28.09 -32.68
CA VAL C 184 -23.12 -27.21 -31.84
C VAL C 184 -24.58 -27.17 -32.29
N ASP C 185 -24.92 -27.69 -33.46
CA ASP C 185 -26.33 -27.71 -33.85
C ASP C 185 -26.86 -29.13 -34.06
N ASN C 186 -26.26 -30.14 -33.42
CA ASN C 186 -26.80 -31.49 -33.51
C ASN C 186 -27.94 -31.66 -32.49
N ALA C 187 -28.57 -32.83 -32.50
CA ALA C 187 -29.77 -33.02 -31.68
C ALA C 187 -29.47 -32.85 -30.19
N GLY C 188 -28.30 -33.32 -29.74
CA GLY C 188 -27.98 -33.22 -28.32
C GLY C 188 -27.76 -31.78 -27.88
N ALA C 189 -27.03 -31.01 -28.68
CA ALA C 189 -26.84 -29.59 -28.36
C ALA C 189 -28.18 -28.88 -28.30
N LYS C 190 -29.04 -29.12 -29.29
CA LYS C 190 -30.35 -28.50 -29.30
C LYS C 190 -31.15 -28.86 -28.06
N ALA C 191 -31.09 -30.14 -27.65
CA ALA C 191 -31.87 -30.56 -26.48
C ALA C 191 -31.40 -29.85 -25.23
N GLY C 192 -30.09 -29.72 -25.04
CA GLY C 192 -29.58 -29.07 -23.84
C GLY C 192 -29.91 -27.59 -23.81
N LEU C 193 -29.69 -26.89 -24.94
CA LEU C 193 -30.02 -25.47 -24.96
C LEU C 193 -31.52 -25.27 -24.81
N THR C 194 -32.33 -26.14 -25.40
CA THR C 194 -33.78 -26.03 -25.22
C THR C 194 -34.17 -26.15 -23.75
N PHE C 195 -33.51 -27.06 -23.01
CA PHE C 195 -33.85 -27.18 -21.59
C PHE C 195 -33.52 -25.90 -20.83
N LEU C 196 -32.38 -25.28 -21.17
CA LEU C 196 -32.01 -24.00 -20.58
C LEU C 196 -33.03 -22.93 -20.89
N VAL C 197 -33.42 -22.82 -22.16
CA VAL C 197 -34.37 -21.80 -22.54
C VAL C 197 -35.73 -22.05 -21.88
N ASP C 198 -36.10 -23.33 -21.71
CA ASP C 198 -37.35 -23.66 -21.01
C ASP C 198 -37.29 -23.27 -19.54
N LEU C 199 -36.13 -23.45 -18.88
CA LEU C 199 -35.98 -22.95 -17.52
C LEU C 199 -36.29 -21.46 -17.44
N ILE C 200 -35.85 -20.70 -18.44
CA ILE C 200 -36.06 -19.26 -18.43
C ILE C 200 -37.52 -18.95 -18.74
N LYS C 201 -38.10 -19.63 -19.74
CA LYS C 201 -39.49 -19.38 -20.07
C LYS C 201 -40.42 -19.71 -18.91
N ASN C 202 -40.08 -20.72 -18.12
CA ASN C 202 -40.86 -21.10 -16.95
C ASN C 202 -40.46 -20.36 -15.68
N LYS C 203 -39.68 -19.29 -15.81
CA LYS C 203 -39.37 -18.38 -14.70
C LYS C 203 -38.58 -19.08 -13.59
N HIS C 204 -37.80 -20.10 -13.95
CA HIS C 204 -36.89 -20.72 -12.99
C HIS C 204 -35.51 -20.09 -13.04
N MET C 205 -35.20 -19.40 -14.13
CA MET C 205 -33.99 -18.59 -14.24
C MET C 205 -34.33 -17.34 -15.04
N ASN C 206 -33.42 -16.38 -14.99
CA ASN C 206 -33.55 -15.10 -15.65
C ASN C 206 -32.40 -14.95 -16.64
N ALA C 207 -32.73 -14.58 -17.88
CA ALA C 207 -31.71 -14.51 -18.93
C ALA C 207 -30.61 -13.49 -18.63
N ASP C 208 -30.89 -12.47 -17.81
N ASP C 208 -30.88 -12.47 -17.82
CA ASP C 208 -29.94 -11.43 -17.48
CA ASP C 208 -29.87 -11.45 -17.54
C ASP C 208 -28.96 -11.81 -16.39
C ASP C 208 -28.93 -11.82 -16.40
N THR C 209 -29.12 -12.98 -15.77
CA THR C 209 -28.26 -13.38 -14.66
C THR C 209 -26.82 -13.53 -15.14
N ASP C 210 -25.90 -12.85 -14.46
CA ASP C 210 -24.48 -12.89 -14.81
C ASP C 210 -23.68 -13.46 -13.64
N TYR C 211 -22.36 -13.36 -13.73
CA TYR C 211 -21.52 -13.92 -12.68
C TYR C 211 -21.77 -13.26 -11.33
N SER C 212 -21.78 -11.93 -11.29
CA SER C 212 -21.92 -11.25 -10.01
C SER C 212 -23.30 -11.48 -9.39
N ILE C 213 -24.36 -11.49 -10.23
CA ILE C 213 -25.71 -11.68 -9.70
C ILE C 213 -25.85 -13.06 -9.08
N ALA C 214 -25.35 -14.10 -9.77
CA ALA C 214 -25.46 -15.45 -9.25
C ALA C 214 -24.61 -15.64 -8.01
N GLU C 215 -23.39 -15.09 -8.01
CA GLU C 215 -22.53 -15.24 -6.84
C GLU C 215 -23.15 -14.56 -5.63
N ALA C 216 -23.68 -13.36 -5.81
CA ALA C 216 -24.32 -12.66 -4.70
C ALA C 216 -25.51 -13.44 -4.18
N ALA C 217 -26.37 -13.93 -5.08
CA ALA C 217 -27.56 -14.65 -4.65
C ALA C 217 -27.21 -15.94 -3.89
N PHE C 218 -26.22 -16.70 -4.36
CA PHE C 218 -25.89 -17.92 -3.64
C PHE C 218 -25.22 -17.61 -2.31
N ASN C 219 -24.31 -16.64 -2.28
CA ASN C 219 -23.56 -16.42 -1.06
C ASN C 219 -24.37 -15.66 -0.02
N LYS C 220 -25.48 -15.06 -0.43
CA LYS C 220 -26.43 -14.46 0.49
C LYS C 220 -27.53 -15.44 0.92
N GLY C 221 -27.49 -16.68 0.44
CA GLY C 221 -28.46 -17.67 0.85
C GLY C 221 -29.80 -17.56 0.18
N GLU C 222 -29.88 -16.88 -0.97
CA GLU C 222 -31.16 -16.67 -1.65
C GLU C 222 -31.48 -17.76 -2.66
N THR C 223 -30.47 -18.38 -3.25
CA THR C 223 -30.69 -19.48 -4.18
C THR C 223 -29.99 -20.73 -3.64
N ALA C 224 -30.60 -21.88 -3.87
CA ALA C 224 -30.11 -23.10 -3.24
C ALA C 224 -28.90 -23.69 -3.96
N MET C 225 -28.68 -23.34 -5.23
CA MET C 225 -27.61 -23.94 -6.01
C MET C 225 -26.99 -22.93 -6.95
N THR C 226 -25.72 -23.15 -7.28
CA THR C 226 -25.06 -22.41 -8.33
C THR C 226 -24.13 -23.37 -9.05
N ILE C 227 -23.59 -22.94 -10.18
CA ILE C 227 -22.61 -23.72 -10.94
C ILE C 227 -21.40 -22.82 -11.08
N ASN C 228 -20.24 -23.29 -10.60
CA ASN C 228 -19.06 -22.44 -10.61
C ASN C 228 -17.83 -23.31 -10.40
N GLY C 229 -16.68 -22.67 -10.53
CA GLY C 229 -15.40 -23.36 -10.43
C GLY C 229 -14.75 -23.16 -9.07
N PRO C 230 -13.58 -23.77 -8.87
CA PRO C 230 -12.95 -23.75 -7.53
C PRO C 230 -12.59 -22.36 -7.04
N TRP C 231 -12.32 -21.42 -7.94
CA TRP C 231 -11.99 -20.06 -7.55
C TRP C 231 -13.10 -19.40 -6.74
N ALA C 232 -14.33 -19.88 -6.86
CA ALA C 232 -15.46 -19.30 -6.14
C ALA C 232 -15.56 -19.76 -4.69
N TRP C 233 -14.81 -20.79 -4.27
CA TRP C 233 -15.06 -21.41 -2.98
C TRP C 233 -14.72 -20.49 -1.82
N SER C 234 -13.67 -19.68 -1.94
CA SER C 234 -13.25 -18.92 -0.76
C SER C 234 -14.25 -17.82 -0.42
N ASN C 235 -14.92 -17.23 -1.42
CA ASN C 235 -15.97 -16.27 -1.10
C ASN C 235 -17.15 -16.94 -0.42
N ILE C 236 -17.45 -18.20 -0.77
CA ILE C 236 -18.50 -18.91 -0.06
C ILE C 236 -18.06 -19.21 1.37
N ASP C 237 -16.78 -19.59 1.55
CA ASP C 237 -16.24 -19.79 2.89
C ASP C 237 -16.52 -18.58 3.78
N THR C 238 -16.25 -17.38 3.27
CA THR C 238 -16.43 -16.16 4.06
C THR C 238 -17.91 -15.88 4.34
N SER C 239 -18.80 -16.33 3.46
CA SER C 239 -20.23 -16.08 3.60
C SER C 239 -20.89 -16.91 4.67
N ALA C 240 -20.23 -17.97 5.15
CA ALA C 240 -20.83 -18.88 6.11
C ALA C 240 -22.11 -19.56 5.61
N VAL C 241 -22.37 -19.55 4.29
CA VAL C 241 -23.28 -20.53 3.74
C VAL C 241 -22.68 -21.90 3.97
N ASN C 242 -23.49 -22.86 4.42
CA ASN C 242 -23.02 -24.22 4.62
C ASN C 242 -23.16 -24.93 3.28
N TYR C 243 -22.07 -25.05 2.54
CA TYR C 243 -22.15 -25.49 1.15
C TYR C 243 -21.46 -26.82 0.92
N GLY C 244 -21.87 -27.48 -0.16
CA GLY C 244 -21.18 -28.66 -0.65
C GLY C 244 -20.89 -28.50 -2.13
N VAL C 245 -19.92 -29.30 -2.59
CA VAL C 245 -19.51 -29.31 -4.00
C VAL C 245 -19.71 -30.74 -4.51
N THR C 246 -20.44 -30.89 -5.61
CA THR C 246 -20.82 -32.23 -5.99
C THR C 246 -20.91 -32.36 -7.52
N VAL C 247 -21.20 -33.58 -7.95
CA VAL C 247 -21.31 -33.87 -9.38
C VAL C 247 -22.47 -33.08 -9.97
N LEU C 248 -22.29 -32.57 -11.19
CA LEU C 248 -23.36 -31.85 -11.87
C LEU C 248 -24.55 -32.77 -12.12
N PRO C 249 -25.76 -32.22 -12.22
CA PRO C 249 -26.92 -33.06 -12.50
C PRO C 249 -26.78 -33.70 -13.88
N THR C 250 -27.38 -34.88 -14.04
CA THR C 250 -27.44 -35.48 -15.37
C THR C 250 -28.57 -34.85 -16.19
N PHE C 251 -28.47 -35.00 -17.50
CA PHE C 251 -29.50 -34.53 -18.44
C PHE C 251 -29.84 -35.68 -19.38
N LYS C 252 -31.12 -36.01 -19.47
CA LYS C 252 -31.56 -37.16 -20.27
C LYS C 252 -30.77 -38.41 -19.89
N GLY C 253 -30.49 -38.53 -18.59
CA GLY C 253 -29.73 -39.63 -18.04
C GLY C 253 -28.24 -39.61 -18.32
N GLN C 254 -27.73 -38.56 -18.95
CA GLN C 254 -26.31 -38.52 -19.26
C GLN C 254 -25.59 -37.50 -18.39
N PRO C 255 -24.35 -37.76 -18.00
CA PRO C 255 -23.61 -36.77 -17.21
C PRO C 255 -23.51 -35.44 -17.94
N SER C 256 -23.59 -34.35 -17.17
CA SER C 256 -23.19 -33.06 -17.71
C SER C 256 -21.69 -33.11 -17.99
N LYS C 257 -21.27 -32.44 -19.07
CA LYS C 257 -19.91 -32.60 -19.62
C LYS C 257 -19.23 -31.25 -19.71
N PRO C 258 -18.70 -30.76 -18.59
CA PRO C 258 -18.03 -29.46 -18.60
C PRO C 258 -16.78 -29.48 -19.45
N PHE C 259 -16.43 -28.35 -20.03
CA PHE C 259 -15.21 -28.21 -20.77
C PHE C 259 -14.17 -27.99 -19.69
N VAL C 260 -13.09 -28.75 -19.71
CA VAL C 260 -12.05 -28.68 -18.69
C VAL C 260 -10.96 -27.74 -19.16
N GLY C 261 -10.61 -26.77 -18.31
CA GLY C 261 -9.58 -25.78 -18.59
C GLY C 261 -8.35 -26.05 -17.74
N VAL C 262 -7.19 -25.78 -18.31
CA VAL C 262 -5.93 -25.84 -17.58
C VAL C 262 -5.44 -24.42 -17.47
N LEU C 263 -5.54 -23.84 -16.27
CA LEU C 263 -4.94 -22.53 -16.05
C LEU C 263 -3.46 -22.62 -16.39
N SER C 264 -2.99 -21.71 -17.25
CA SER C 264 -1.66 -21.79 -17.81
C SER C 264 -1.01 -20.42 -17.82
N ALA C 265 0.32 -20.40 -17.73
CA ALA C 265 1.09 -19.15 -17.74
C ALA C 265 2.04 -19.16 -18.92
N GLY C 266 1.84 -18.21 -19.84
CA GLY C 266 2.72 -18.05 -20.97
C GLY C 266 3.63 -16.86 -20.79
N ILE C 267 4.73 -16.89 -21.52
CA ILE C 267 5.72 -15.80 -21.52
C ILE C 267 5.61 -15.04 -22.82
N ASN C 268 5.46 -13.72 -22.72
CA ASN C 268 5.36 -12.85 -23.90
C ASN C 268 6.58 -12.99 -24.79
N ALA C 269 6.34 -13.21 -26.09
CA ALA C 269 7.46 -13.36 -27.02
C ALA C 269 8.35 -12.12 -27.04
N ALA C 270 7.80 -10.96 -26.72
CA ALA C 270 8.54 -9.70 -26.70
C ALA C 270 9.16 -9.39 -25.35
N SER C 271 9.02 -10.26 -24.36
CA SER C 271 9.56 -9.95 -23.03
C SER C 271 11.08 -9.93 -23.08
N PRO C 272 11.73 -8.90 -22.54
CA PRO C 272 13.17 -8.95 -22.34
C PRO C 272 13.58 -9.64 -21.05
N ASN C 273 12.62 -10.27 -20.37
CA ASN C 273 12.82 -10.87 -19.07
C ASN C 273 12.51 -12.36 -19.07
N LYS C 274 12.77 -13.07 -20.19
CA LYS C 274 12.32 -14.46 -20.30
C LYS C 274 13.01 -15.37 -19.29
N GLU C 275 14.30 -15.14 -19.03
CA GLU C 275 15.03 -15.93 -18.04
C GLU C 275 14.42 -15.76 -16.66
N LEU C 276 14.16 -14.52 -16.26
CA LEU C 276 13.55 -14.26 -14.96
C LEU C 276 12.15 -14.83 -14.88
N ALA C 277 11.39 -14.72 -15.97
CA ALA C 277 10.04 -15.24 -15.97
C ALA C 277 10.03 -16.75 -15.77
N LYS C 278 10.96 -17.46 -16.43
CA LYS C 278 11.07 -18.91 -16.23
C LYS C 278 11.45 -19.23 -14.80
N GLU C 279 12.37 -18.46 -14.23
CA GLU C 279 12.79 -18.73 -12.87
C GLU C 279 11.61 -18.57 -11.91
N PHE C 280 10.83 -17.51 -12.10
CA PHE C 280 9.66 -17.27 -11.26
C PHE C 280 8.65 -18.40 -11.40
N LEU C 281 8.30 -18.75 -12.64
CA LEU C 281 7.24 -19.73 -12.83
C LEU C 281 7.66 -21.12 -12.35
N GLU C 282 8.88 -21.56 -12.68
CA GLU C 282 9.31 -22.92 -12.34
C GLU C 282 9.63 -23.05 -10.86
N ASN C 283 10.35 -22.09 -10.31
CA ASN C 283 10.95 -22.31 -9.00
C ASN C 283 10.34 -21.46 -7.90
N TYR C 284 9.37 -20.62 -8.22
CA TYR C 284 8.62 -19.88 -7.20
C TYR C 284 7.14 -20.22 -7.23
N LEU C 285 6.48 -20.12 -8.38
CA LEU C 285 5.06 -20.44 -8.44
C LEU C 285 4.81 -21.94 -8.37
N LEU C 286 5.48 -22.72 -9.22
CA LEU C 286 5.20 -24.16 -9.33
C LEU C 286 5.97 -24.95 -8.28
N THR C 287 5.70 -24.57 -7.04
CA THR C 287 6.19 -25.23 -5.84
C THR C 287 5.01 -25.40 -4.89
N ASP C 288 5.15 -26.29 -3.91
CA ASP C 288 4.08 -26.43 -2.94
C ASP C 288 3.73 -25.09 -2.30
N GLU C 289 4.76 -24.35 -1.89
CA GLU C 289 4.55 -23.10 -1.17
C GLU C 289 3.99 -22.01 -2.08
N GLY C 290 4.40 -22.00 -3.35
CA GLY C 290 3.89 -21.00 -4.27
C GLY C 290 2.43 -21.24 -4.61
N LEU C 291 2.07 -22.48 -4.94
CA LEU C 291 0.69 -22.79 -5.27
C LEU C 291 -0.20 -22.60 -4.06
N GLU C 292 0.30 -22.92 -2.89
CA GLU C 292 -0.47 -22.73 -1.69
C GLU C 292 -0.78 -21.27 -1.45
N ALA C 293 0.17 -20.39 -1.70
CA ALA C 293 -0.08 -18.96 -1.52
C ALA C 293 -1.21 -18.47 -2.43
N VAL C 294 -1.23 -18.95 -3.68
CA VAL C 294 -2.33 -18.59 -4.57
C VAL C 294 -3.63 -19.24 -4.12
N ASN C 295 -3.55 -20.52 -3.75
CA ASN C 295 -4.74 -21.32 -3.43
C ASN C 295 -5.48 -20.76 -2.22
N LYS C 296 -4.73 -20.26 -1.22
CA LYS C 296 -5.39 -19.65 -0.07
C LYS C 296 -6.14 -18.38 -0.40
N ASP C 297 -5.77 -17.68 -1.46
CA ASP C 297 -6.50 -16.51 -1.93
C ASP C 297 -7.78 -16.97 -2.62
N LYS C 298 -7.64 -17.63 -3.76
CA LYS C 298 -8.76 -18.22 -4.49
C LYS C 298 -8.33 -19.62 -4.91
N PRO C 299 -9.07 -20.66 -4.57
CA PRO C 299 -8.60 -22.03 -4.85
C PRO C 299 -8.38 -22.26 -6.34
N LEU C 300 -7.31 -22.99 -6.65
CA LEU C 300 -6.91 -23.25 -8.02
C LEU C 300 -7.65 -24.42 -8.66
N GLY C 301 -8.17 -25.35 -7.87
CA GLY C 301 -8.64 -26.59 -8.44
C GLY C 301 -7.60 -27.69 -8.24
N ALA C 302 -7.55 -28.65 -9.15
CA ALA C 302 -6.61 -29.76 -9.08
C ALA C 302 -5.31 -29.37 -9.78
N VAL C 303 -4.26 -29.12 -8.99
CA VAL C 303 -3.08 -28.46 -9.54
C VAL C 303 -2.26 -29.42 -10.39
N ALA C 304 -1.45 -28.85 -11.29
CA ALA C 304 -0.62 -29.64 -12.19
C ALA C 304 0.60 -30.22 -11.49
N LEU C 305 0.99 -29.63 -10.37
CA LEU C 305 2.17 -30.05 -9.63
C LEU C 305 1.83 -31.27 -8.78
N LYS C 306 2.46 -32.41 -9.08
CA LYS C 306 2.08 -33.67 -8.45
C LYS C 306 2.20 -33.61 -6.94
N SER C 307 3.29 -33.00 -6.44
CA SER C 307 3.55 -33.04 -5.00
C SER C 307 2.46 -32.32 -4.22
N TYR C 308 1.96 -31.20 -4.74
CA TYR C 308 0.93 -30.46 -4.02
C TYR C 308 -0.45 -31.05 -4.29
N GLU C 309 -0.69 -31.61 -5.47
CA GLU C 309 -1.98 -32.23 -5.73
C GLU C 309 -2.22 -33.42 -4.82
N GLU C 310 -1.16 -34.11 -4.40
CA GLU C 310 -1.33 -35.19 -3.45
C GLU C 310 -1.92 -34.70 -2.13
N GLU C 311 -1.61 -33.46 -1.73
CA GLU C 311 -2.27 -32.88 -0.56
C GLU C 311 -3.72 -32.48 -0.87
N LEU C 312 -3.94 -31.85 -2.01
CA LEU C 312 -5.28 -31.33 -2.32
C LEU C 312 -6.29 -32.44 -2.61
N ALA C 313 -5.83 -33.58 -3.15
CA ALA C 313 -6.75 -34.61 -3.58
C ALA C 313 -7.59 -35.18 -2.44
N LYS C 314 -7.15 -35.00 -1.19
CA LYS C 314 -7.93 -35.48 -0.05
C LYS C 314 -9.15 -34.62 0.24
N ASP C 315 -9.25 -33.47 -0.41
CA ASP C 315 -10.39 -32.57 -0.21
C ASP C 315 -11.57 -33.06 -1.05
N PRO C 316 -12.72 -33.36 -0.44
CA PRO C 316 -13.90 -33.77 -1.22
C PRO C 316 -14.29 -32.80 -2.32
N ARG C 317 -14.04 -31.49 -2.13
CA ARG C 317 -14.36 -30.52 -3.18
C ARG C 317 -13.47 -30.72 -4.40
N ILE C 318 -12.22 -31.11 -4.18
CA ILE C 318 -11.33 -31.42 -5.30
C ILE C 318 -11.72 -32.75 -5.93
N ALA C 319 -12.10 -33.73 -5.10
CA ALA C 319 -12.61 -34.97 -5.64
C ALA C 319 -13.81 -34.72 -6.55
N ALA C 320 -14.72 -33.85 -6.11
CA ALA C 320 -15.89 -33.52 -6.93
C ALA C 320 -15.48 -32.81 -8.20
N THR C 321 -14.50 -31.91 -8.11
CA THR C 321 -13.98 -31.21 -9.28
C THR C 321 -13.45 -32.21 -10.32
N MET C 322 -12.68 -33.20 -9.87
CA MET C 322 -12.11 -34.14 -10.83
C MET C 322 -13.16 -35.10 -11.35
N GLU C 323 -14.17 -35.42 -10.53
CA GLU C 323 -15.27 -36.26 -11.01
C GLU C 323 -16.01 -35.58 -12.15
N ASN C 324 -16.30 -34.29 -12.00
CA ASN C 324 -16.90 -33.55 -13.10
C ASN C 324 -15.93 -33.42 -14.27
N ALA C 325 -14.64 -33.22 -13.99
CA ALA C 325 -13.69 -33.10 -15.09
C ALA C 325 -13.66 -34.38 -15.92
N GLN C 326 -13.69 -35.54 -15.25
CA GLN C 326 -13.60 -36.84 -15.92
C GLN C 326 -14.82 -37.15 -16.76
N LYS C 327 -15.93 -36.47 -16.52
CA LYS C 327 -17.10 -36.63 -17.36
C LYS C 327 -17.12 -35.66 -18.53
N GLY C 328 -16.22 -34.67 -18.54
CA GLY C 328 -16.15 -33.68 -19.59
C GLY C 328 -14.99 -33.91 -20.55
N GLU C 329 -14.62 -32.86 -21.26
CA GLU C 329 -13.49 -32.91 -22.19
C GLU C 329 -12.55 -31.76 -21.91
N ILE C 330 -11.24 -32.04 -21.96
CA ILE C 330 -10.25 -30.95 -21.96
C ILE C 330 -10.45 -30.14 -23.23
N MET C 331 -10.44 -28.81 -23.09
CA MET C 331 -10.71 -27.98 -24.24
C MET C 331 -9.61 -28.15 -25.28
N PRO C 332 -9.95 -28.06 -26.56
CA PRO C 332 -8.90 -27.89 -27.56
C PRO C 332 -8.16 -26.57 -27.30
N ASN C 333 -6.91 -26.50 -27.75
CA ASN C 333 -6.17 -25.24 -27.70
C ASN C 333 -6.00 -24.62 -29.08
N ILE C 334 -6.68 -25.14 -30.10
CA ILE C 334 -6.44 -24.71 -31.48
C ILE C 334 -6.91 -23.28 -31.70
N PRO C 335 -6.36 -22.57 -32.70
CA PRO C 335 -6.70 -21.16 -32.88
C PRO C 335 -8.16 -20.92 -33.16
N GLN C 336 -8.89 -21.92 -33.66
CA GLN C 336 -10.30 -21.77 -33.96
C GLN C 336 -11.17 -21.65 -32.71
N MET C 337 -10.60 -21.88 -31.52
CA MET C 337 -11.42 -21.81 -30.31
C MET C 337 -12.02 -20.43 -30.09
N SER C 338 -11.32 -19.38 -30.50
CA SER C 338 -11.85 -18.03 -30.33
C SER C 338 -13.14 -17.84 -31.12
N ALA C 339 -13.12 -18.24 -32.39
CA ALA C 339 -14.32 -18.15 -33.22
C ALA C 339 -15.43 -19.04 -32.66
N PHE C 340 -15.09 -20.22 -32.15
CA PHE C 340 -16.10 -21.10 -31.57
C PHE C 340 -16.78 -20.45 -30.38
N TRP C 341 -15.99 -19.92 -29.44
CA TRP C 341 -16.59 -19.32 -28.25
C TRP C 341 -17.44 -18.11 -28.60
N TYR C 342 -16.97 -17.29 -29.55
CA TYR C 342 -17.74 -16.10 -29.94
C TYR C 342 -19.08 -16.51 -30.54
N ALA C 343 -19.06 -17.50 -31.42
CA ALA C 343 -20.31 -17.96 -32.03
C ALA C 343 -21.25 -18.56 -30.99
N VAL C 344 -20.71 -19.37 -30.06
CA VAL C 344 -21.58 -20.02 -29.10
C VAL C 344 -22.11 -19.03 -28.07
N ARG C 345 -21.21 -18.13 -27.72
CA ARG C 345 -21.75 -17.04 -26.92
CA ARG C 345 -21.75 -16.97 -26.80
C ARG C 345 -23.09 -16.27 -27.39
N THR C 346 -22.87 -15.92 -28.68
CA THR C 346 -23.98 -15.28 -29.39
C THR C 346 -25.22 -16.16 -29.39
N ALA C 347 -25.06 -17.46 -29.65
CA ALA C 347 -26.21 -18.36 -29.72
C ALA C 347 -26.93 -18.46 -28.37
N VAL C 348 -26.17 -18.67 -27.28
CA VAL C 348 -26.80 -18.86 -25.98
C VAL C 348 -27.51 -17.58 -25.54
N ILE C 349 -26.86 -16.43 -25.73
CA ILE C 349 -27.49 -15.17 -25.33
C ILE C 349 -28.73 -14.90 -26.18
N ASN C 350 -28.65 -15.13 -27.49
CA ASN C 350 -29.81 -14.88 -28.35
C ASN C 350 -30.95 -15.85 -28.04
N ALA C 351 -30.63 -17.13 -27.75
CA ALA C 351 -31.71 -18.06 -27.42
C ALA C 351 -32.31 -17.75 -26.05
N ALA C 352 -31.46 -17.41 -25.07
CA ALA C 352 -31.95 -17.13 -23.73
C ALA C 352 -32.84 -15.88 -23.68
N SER C 353 -32.54 -14.88 -24.49
CA SER C 353 -33.31 -13.64 -24.49
C SER C 353 -34.51 -13.71 -25.39
N GLY C 354 -34.64 -14.75 -26.20
CA GLY C 354 -35.72 -14.84 -27.16
C GLY C 354 -35.45 -14.12 -28.46
N ARG C 355 -34.25 -13.58 -28.66
CA ARG C 355 -33.93 -12.95 -29.94
C ARG C 355 -33.91 -13.96 -31.08
N GLN C 356 -33.50 -15.20 -30.82
CA GLN C 356 -33.55 -16.27 -31.81
C GLN C 356 -34.19 -17.50 -31.18
N THR C 357 -34.82 -18.32 -32.03
CA THR C 357 -35.16 -19.66 -31.59
C THR C 357 -33.90 -20.46 -31.34
N VAL C 358 -34.05 -21.56 -30.59
CA VAL C 358 -32.91 -22.44 -30.35
C VAL C 358 -32.34 -22.95 -31.66
N ASP C 359 -33.20 -23.38 -32.59
CA ASP C 359 -32.70 -23.93 -33.85
C ASP C 359 -31.94 -22.87 -34.65
N ALA C 360 -32.50 -21.66 -34.72
CA ALA C 360 -31.85 -20.61 -35.51
C ALA C 360 -30.55 -20.16 -34.86
N ALA C 361 -30.54 -20.08 -33.54
CA ALA C 361 -29.33 -19.66 -32.83
C ALA C 361 -28.19 -20.65 -33.05
N LEU C 362 -28.47 -21.95 -32.89
CA LEU C 362 -27.40 -22.93 -33.02
C LEU C 362 -27.01 -23.16 -34.47
N ALA C 363 -27.95 -23.07 -35.43
CA ALA C 363 -27.58 -23.18 -36.83
C ALA C 363 -26.58 -22.10 -37.23
N ALA C 364 -26.80 -20.87 -36.76
CA ALA C 364 -25.88 -19.78 -37.07
C ALA C 364 -24.52 -20.01 -36.42
N ALA C 365 -24.51 -20.43 -35.15
CA ALA C 365 -23.24 -20.69 -34.47
C ALA C 365 -22.47 -21.81 -35.15
N GLN C 366 -23.19 -22.85 -35.58
CA GLN C 366 -22.55 -23.96 -36.29
C GLN C 366 -21.83 -23.47 -37.53
N THR C 367 -22.56 -22.74 -38.38
CA THR C 367 -21.99 -22.30 -39.65
C THR C 367 -20.83 -21.34 -39.42
N ASN C 368 -20.98 -20.44 -38.46
CA ASN C 368 -19.96 -19.41 -38.26
C ASN C 368 -18.73 -19.93 -37.53
N ALA C 369 -18.90 -20.88 -36.59
CA ALA C 369 -17.70 -21.50 -36.02
C ALA C 369 -16.88 -22.20 -37.10
N ALA C 370 -17.55 -22.83 -38.06
CA ALA C 370 -16.83 -23.58 -39.09
C ALA C 370 -16.36 -22.70 -40.24
N ALA C 371 -17.06 -21.61 -40.54
CA ALA C 371 -16.87 -20.92 -41.80
C ALA C 371 -16.45 -19.46 -41.68
N ALA C 372 -16.37 -18.92 -40.47
CA ALA C 372 -16.02 -17.50 -40.32
C ALA C 372 -14.68 -17.19 -40.97
N ALA C 373 -13.68 -18.05 -40.74
CA ALA C 373 -12.36 -17.82 -41.32
C ALA C 373 -12.42 -17.72 -42.83
N GLU C 374 -13.25 -18.55 -43.47
CA GLU C 374 -13.36 -18.50 -44.92
C GLU C 374 -14.07 -17.23 -45.39
N TYR C 375 -15.13 -16.79 -44.68
CA TYR C 375 -15.78 -15.55 -45.05
C TYR C 375 -14.84 -14.36 -44.87
N LYS C 376 -14.03 -14.38 -43.82
CA LYS C 376 -13.04 -13.31 -43.62
C LYS C 376 -12.00 -13.31 -44.73
N LYS C 377 -11.58 -14.49 -45.19
CA LYS C 377 -10.61 -14.54 -46.29
C LYS C 377 -11.18 -13.94 -47.57
N ILE C 378 -12.45 -14.22 -47.85
CA ILE C 378 -13.12 -13.63 -49.01
C ILE C 378 -13.20 -12.11 -48.86
N LEU C 379 -13.67 -11.65 -47.69
CA LEU C 379 -13.84 -10.22 -47.49
C LEU C 379 -12.51 -9.48 -47.64
N LEU C 380 -11.43 -10.07 -47.13
CA LEU C 380 -10.12 -9.41 -47.22
C LEU C 380 -9.55 -9.46 -48.63
N LEU C 381 -9.43 -10.67 -49.20
CA LEU C 381 -8.67 -10.82 -50.44
C LEU C 381 -9.48 -10.49 -51.69
N LYS C 382 -10.78 -10.77 -51.68
CA LYS C 382 -11.63 -10.43 -52.80
C LYS C 382 -12.40 -9.13 -52.57
N GLY C 383 -12.34 -8.57 -51.37
CA GLY C 383 -13.01 -7.33 -51.11
C GLY C 383 -12.02 -6.19 -50.89
N PHE C 384 -11.45 -6.14 -49.69
CA PHE C 384 -10.69 -4.95 -49.30
C PHE C 384 -9.38 -4.82 -50.07
N GLU C 385 -8.71 -5.93 -50.34
CA GLU C 385 -7.45 -5.83 -51.09
C GLU C 385 -7.66 -5.56 -52.57
N LEU C 386 -8.91 -5.46 -53.02
CA LEU C 386 -9.20 -5.08 -54.40
C LEU C 386 -9.73 -3.65 -54.51
N MET C 387 -9.70 -2.88 -53.43
CA MET C 387 -10.08 -1.49 -53.49
C MET C 387 -8.90 -0.62 -53.06
N ASP C 388 -8.81 0.56 -53.66
CA ASP C 388 -7.69 1.45 -53.36
C ASP C 388 -7.90 2.13 -52.00
N ASP C 389 -6.84 2.83 -51.56
CA ASP C 389 -6.87 3.46 -50.24
C ASP C 389 -8.00 4.48 -50.15
N TYR C 390 -8.29 5.19 -51.24
CA TYR C 390 -9.38 6.15 -51.24
C TYR C 390 -10.70 5.49 -50.89
N HIS C 391 -11.02 4.37 -51.56
CA HIS C 391 -12.28 3.68 -51.30
C HIS C 391 -12.28 3.01 -49.93
N PHE C 392 -11.12 2.50 -49.49
CA PHE C 392 -11.03 1.89 -48.16
C PHE C 392 -11.30 2.92 -47.06
N THR C 393 -10.74 4.12 -47.19
CA THR C 393 -11.06 5.18 -46.24
C THR C 393 -12.56 5.51 -46.26
N SER C 394 -13.16 5.56 -47.44
CA SER C 394 -14.58 5.86 -47.55
C SER C 394 -15.43 4.77 -46.88
N ILE C 395 -15.06 3.51 -47.08
CA ILE C 395 -15.83 2.43 -46.48
C ILE C 395 -15.68 2.41 -44.97
N LYS C 396 -14.49 2.74 -44.47
CA LYS C 396 -14.32 2.87 -43.01
C LYS C 396 -15.19 3.97 -42.44
N SER C 397 -15.40 5.04 -43.22
CA SER C 397 -16.28 6.11 -42.75
C SER C 397 -17.74 5.64 -42.72
N LEU C 398 -18.15 4.90 -43.74
CA LEU C 398 -19.51 4.37 -43.78
C LEU C 398 -19.76 3.35 -42.67
N LEU C 399 -18.73 2.63 -42.26
CA LEU C 399 -18.81 1.64 -41.21
C LEU C 399 -18.57 2.22 -39.81
N ALA C 400 -18.38 3.54 -39.71
CA ALA C 400 -17.90 4.11 -38.46
C ALA C 400 -18.89 3.88 -37.32
N TYR C 401 -20.18 4.02 -37.60
CA TYR C 401 -21.16 3.80 -36.53
C TYR C 401 -21.28 2.32 -36.20
N ASP C 402 -21.29 1.46 -37.23
CA ASP C 402 -21.47 0.03 -37.00
C ASP C 402 -20.29 -0.57 -36.24
N LEU C 403 -19.08 -0.14 -36.55
CA LEU C 403 -17.89 -0.68 -35.89
C LEU C 403 -17.34 0.24 -34.80
N GLY C 404 -17.94 1.41 -34.60
CA GLY C 404 -17.49 2.30 -33.53
C GLY C 404 -16.13 2.92 -33.80
N LEU C 405 -15.92 3.42 -35.01
CA LEU C 405 -14.60 3.88 -35.42
C LEU C 405 -14.46 5.38 -35.18
N THR C 406 -13.46 5.77 -34.42
CA THR C 406 -13.15 7.16 -34.21
C THR C 406 -12.42 7.71 -35.42
N THR C 407 -12.06 8.98 -35.37
CA THR C 407 -11.33 9.55 -36.47
C THR C 407 -9.98 8.87 -36.58
N LYS C 408 -9.30 8.71 -35.48
CA LYS C 408 -8.01 8.07 -35.48
C LYS C 408 -8.05 6.64 -35.90
N MET C 409 -9.06 5.91 -35.50
CA MET C 409 -9.12 4.52 -35.92
C MET C 409 -9.51 4.40 -37.39
N GLN C 410 -10.37 5.29 -37.88
CA GLN C 410 -10.60 5.35 -39.31
C GLN C 410 -9.32 5.63 -40.06
N GLU C 411 -8.37 6.33 -39.43
CA GLU C 411 -7.10 6.63 -40.06
C GLU C 411 -6.12 5.46 -39.95
N GLU C 412 -6.05 4.81 -38.80
CA GLU C 412 -4.98 3.87 -38.52
C GLU C 412 -5.31 2.42 -38.84
N TYR C 413 -6.58 2.05 -38.96
CA TYR C 413 -6.93 0.64 -39.07
C TYR C 413 -6.75 0.15 -40.50
N ASN C 414 -6.00 -0.94 -40.65
CA ASN C 414 -5.75 -1.46 -41.99
C ASN C 414 -6.83 -2.47 -42.38
N ARG C 415 -6.72 -3.01 -43.60
CA ARG C 415 -7.76 -3.89 -44.13
C ARG C 415 -7.87 -5.20 -43.35
N ILE C 416 -6.79 -5.68 -42.76
CA ILE C 416 -6.89 -6.89 -41.95
C ILE C 416 -7.69 -6.62 -40.69
N LYS C 417 -7.39 -5.51 -40.01
CA LYS C 417 -8.10 -5.12 -38.80
C LYS C 417 -9.58 -4.90 -39.07
N ILE C 418 -9.90 -4.18 -40.15
CA ILE C 418 -11.30 -3.92 -40.46
C ILE C 418 -12.03 -5.22 -40.78
N THR C 419 -11.38 -6.12 -41.52
CA THR C 419 -11.97 -7.43 -41.78
C THR C 419 -12.32 -8.15 -40.48
N ASP C 420 -11.37 -8.19 -39.53
CA ASP C 420 -11.63 -8.76 -38.22
C ASP C 420 -12.83 -8.10 -37.55
N LEU C 421 -12.83 -6.77 -37.50
CA LEU C 421 -13.89 -6.05 -36.79
C LEU C 421 -15.23 -6.21 -37.48
N MET C 422 -15.23 -6.17 -38.82
CA MET C 422 -16.47 -6.28 -39.57
C MET C 422 -17.14 -7.63 -39.38
N GLU C 423 -16.36 -8.72 -39.34
CA GLU C 423 -16.97 -10.03 -39.15
C GLU C 423 -17.43 -10.23 -37.71
N LYS C 424 -16.74 -9.62 -36.74
CA LYS C 424 -17.26 -9.62 -35.37
C LYS C 424 -18.67 -9.03 -35.31
N LYS C 425 -18.89 -7.93 -36.04
CA LYS C 425 -20.18 -7.26 -36.03
C LYS C 425 -21.19 -7.97 -36.95
N PHE C 426 -20.75 -8.41 -38.10
CA PHE C 426 -21.59 -9.02 -39.12
C PHE C 426 -21.04 -10.42 -39.35
N GLN C 427 -21.49 -11.38 -38.54
CA GLN C 427 -20.83 -12.68 -38.49
C GLN C 427 -21.09 -13.49 -39.75
N GLY C 428 -20.09 -14.26 -40.14
CA GLY C 428 -20.26 -15.19 -41.26
C GLY C 428 -20.55 -14.45 -42.56
N VAL C 429 -21.57 -14.93 -43.28
CA VAL C 429 -21.89 -14.37 -44.58
C VAL C 429 -22.31 -12.91 -44.48
N ALA C 430 -22.73 -12.47 -43.29
CA ALA C 430 -23.23 -11.11 -43.12
C ALA C 430 -22.17 -10.07 -43.44
N CYS C 431 -20.88 -10.40 -43.27
CA CYS C 431 -19.87 -9.39 -43.55
C CYS C 431 -19.70 -9.17 -45.04
N LEU C 432 -19.88 -10.24 -45.84
CA LEU C 432 -19.88 -10.08 -47.29
C LEU C 432 -21.11 -9.31 -47.76
N ASP C 433 -22.28 -9.63 -47.19
CA ASP C 433 -23.50 -8.91 -47.56
C ASP C 433 -23.36 -7.43 -47.27
N LYS C 434 -22.77 -7.09 -46.12
CA LYS C 434 -22.63 -5.68 -45.75
C LYS C 434 -21.71 -4.95 -46.73
N LEU C 435 -20.56 -5.55 -47.07
CA LEU C 435 -19.68 -4.89 -48.04
C LEU C 435 -20.37 -4.73 -49.38
N ILE C 436 -21.04 -5.79 -49.85
CA ILE C 436 -21.79 -5.69 -51.10
C ILE C 436 -22.79 -4.54 -51.03
N GLU C 437 -23.52 -4.45 -49.93
CA GLU C 437 -24.50 -3.38 -49.75
C GLU C 437 -23.83 -2.01 -49.77
N LEU C 438 -22.70 -1.86 -49.06
CA LEU C 438 -22.06 -0.55 -48.93
C LEU C 438 -21.39 -0.09 -50.21
N ALA C 439 -21.03 -1.02 -51.10
CA ALA C 439 -20.24 -0.67 -52.27
C ALA C 439 -20.95 -0.93 -53.60
N LYS C 440 -22.18 -1.45 -53.57
CA LYS C 440 -22.87 -1.75 -54.82
C LYS C 440 -23.27 -0.50 -55.60
N ASP C 441 -23.12 0.69 -55.02
CA ASP C 441 -23.45 1.93 -55.71
C ASP C 441 -22.24 2.82 -55.95
N MET C 442 -21.05 2.38 -55.56
CA MET C 442 -19.83 3.13 -55.89
C MET C 442 -19.39 2.77 -57.31
N PRO C 443 -19.19 3.77 -58.19
CA PRO C 443 -18.85 3.45 -59.59
C PRO C 443 -17.58 2.62 -59.75
N SER C 444 -16.48 3.04 -59.12
CA SER C 444 -15.19 2.36 -59.31
C SER C 444 -15.15 0.98 -58.67
N LEU C 445 -16.16 0.59 -57.90
CA LEU C 445 -16.16 -0.68 -57.19
C LEU C 445 -17.20 -1.66 -57.71
N LYS C 446 -17.98 -1.30 -58.73
CA LYS C 446 -19.01 -2.21 -59.23
C LYS C 446 -18.40 -3.50 -59.76
N ASN C 447 -17.20 -3.44 -60.35
CA ASN C 447 -16.48 -4.65 -60.72
C ASN C 447 -16.23 -5.52 -59.49
N LEU C 448 -15.63 -4.92 -58.45
CA LEU C 448 -15.37 -5.63 -57.20
C LEU C 448 -16.65 -6.25 -56.65
N VAL C 449 -17.73 -5.47 -56.62
CA VAL C 449 -18.98 -5.95 -56.01
C VAL C 449 -19.49 -7.16 -56.77
N ASN C 450 -19.40 -7.13 -58.11
CA ASN C 450 -19.89 -8.25 -58.91
C ASN C 450 -19.19 -9.55 -58.50
N ASN C 451 -17.87 -9.54 -58.43
CA ASN C 451 -17.14 -10.77 -58.10
C ASN C 451 -17.32 -11.19 -56.66
N LEU C 452 -17.62 -10.25 -55.75
CA LEU C 452 -17.98 -10.66 -54.39
C LEU C 452 -19.30 -11.44 -54.39
N ARG C 453 -20.24 -11.04 -55.23
CA ARG C 453 -21.48 -11.82 -55.37
C ARG C 453 -21.17 -13.25 -55.79
N LYS C 454 -20.23 -13.42 -56.71
CA LYS C 454 -19.87 -14.77 -57.15
C LYS C 454 -19.15 -15.54 -56.04
N GLU C 455 -18.27 -14.87 -55.29
CA GLU C 455 -17.61 -15.53 -54.18
C GLU C 455 -18.61 -15.97 -53.12
N LYS C 456 -19.65 -15.16 -52.89
CA LYS C 456 -20.68 -15.53 -51.93
C LYS C 456 -21.36 -16.82 -52.33
N SER C 457 -21.74 -16.95 -53.61
CA SER C 457 -22.41 -18.16 -54.07
C SER C 457 -21.50 -19.37 -53.95
N LYS C 458 -20.20 -19.18 -54.19
CA LYS C 458 -19.27 -20.30 -54.18
C LYS C 458 -19.19 -20.95 -52.80
N VAL C 459 -19.01 -20.15 -51.75
CA VAL C 459 -18.88 -20.72 -50.41
C VAL C 459 -20.20 -21.29 -49.92
N ALA C 460 -21.32 -20.71 -50.35
CA ALA C 460 -22.62 -21.23 -49.95
C ALA C 460 -22.79 -22.68 -50.39
N LYS C 461 -22.51 -22.96 -51.66
CA LYS C 461 -22.56 -24.33 -52.15
C LYS C 461 -21.51 -25.21 -51.48
N LYS C 462 -20.34 -24.64 -51.17
CA LYS C 462 -19.31 -25.40 -50.49
C LYS C 462 -19.74 -25.77 -49.07
N ILE C 463 -20.46 -24.88 -48.40
CA ILE C 463 -21.02 -25.20 -47.09
C ILE C 463 -22.07 -26.31 -47.21
N LYS C 464 -22.76 -26.39 -48.34
CA LYS C 464 -23.73 -27.45 -48.56
C LYS C 464 -23.06 -28.83 -48.56
N THR C 465 -21.83 -28.91 -49.04
CA THR C 465 -21.07 -30.16 -49.06
C THR C 465 -20.64 -30.61 -47.67
N LYS D 2 3.36 13.94 -9.05
CA LYS D 2 2.82 12.84 -9.83
C LYS D 2 2.55 13.28 -11.26
N ILE D 3 2.33 14.58 -11.43
CA ILE D 3 2.13 15.16 -12.76
C ILE D 3 3.48 15.62 -13.28
N GLU D 4 3.77 15.29 -14.53
CA GLU D 4 5.10 15.52 -15.09
C GLU D 4 5.31 17.01 -15.37
N GLU D 5 6.43 17.54 -14.89
CA GLU D 5 6.77 18.94 -15.14
C GLU D 5 7.35 19.07 -16.55
N GLY D 6 6.98 20.15 -17.24
CA GLY D 6 7.54 20.44 -18.54
C GLY D 6 6.76 19.93 -19.73
N LYS D 7 5.53 19.47 -19.52
CA LYS D 7 4.62 19.09 -20.59
C LYS D 7 3.22 19.43 -20.11
N LEU D 8 2.24 19.33 -21.02
CA LEU D 8 0.84 19.51 -20.67
C LEU D 8 0.07 18.25 -21.07
N VAL D 9 -0.73 17.75 -20.13
CA VAL D 9 -1.69 16.70 -20.41
C VAL D 9 -3.08 17.30 -20.26
N ILE D 10 -3.93 17.08 -21.25
CA ILE D 10 -5.27 17.67 -21.30
C ILE D 10 -6.28 16.53 -21.41
N TRP D 11 -7.35 16.61 -20.60
CA TRP D 11 -8.46 15.68 -20.72
C TRP D 11 -9.71 16.43 -21.19
N ILE D 12 -10.36 15.89 -22.20
CA ILE D 12 -11.58 16.45 -22.76
C ILE D 12 -12.47 15.29 -23.19
N ASN D 13 -13.80 15.49 -23.14
CA ASN D 13 -14.71 14.38 -23.40
C ASN D 13 -14.66 13.89 -24.85
N GLY D 14 -14.97 12.61 -25.02
CA GLY D 14 -14.86 11.97 -26.33
C GLY D 14 -15.83 12.46 -27.38
N ASP D 15 -16.83 13.27 -27.02
CA ASP D 15 -17.72 13.84 -28.02
C ASP D 15 -17.28 15.23 -28.47
N LYS D 16 -16.13 15.72 -28.04
CA LYS D 16 -15.68 17.06 -28.40
C LYS D 16 -14.55 16.95 -29.44
N GLY D 17 -14.12 18.11 -29.92
CA GLY D 17 -13.11 18.20 -30.97
C GLY D 17 -11.70 18.00 -30.49
N TYR D 18 -11.39 16.82 -29.95
CA TYR D 18 -10.08 16.62 -29.34
C TYR D 18 -8.96 16.52 -30.36
N ASN D 19 -9.24 16.13 -31.60
CA ASN D 19 -8.17 16.19 -32.61
C ASN D 19 -7.86 17.62 -33.00
N GLY D 20 -8.87 18.48 -33.09
CA GLY D 20 -8.61 19.89 -33.30
C GLY D 20 -7.84 20.51 -32.15
N LEU D 21 -8.17 20.12 -30.92
CA LEU D 21 -7.43 20.62 -29.76
C LEU D 21 -5.98 20.17 -29.82
N ALA D 22 -5.73 18.92 -30.21
CA ALA D 22 -4.35 18.46 -30.32
C ALA D 22 -3.57 19.26 -31.36
N GLU D 23 -4.25 19.76 -32.41
CA GLU D 23 -3.60 20.63 -33.38
CA GLU D 23 -3.60 20.63 -33.38
C GLU D 23 -3.17 21.95 -32.74
N VAL D 24 -4.01 22.51 -31.87
CA VAL D 24 -3.60 23.70 -31.12
C VAL D 24 -2.40 23.36 -30.24
N GLY D 25 -2.40 22.17 -29.65
CA GLY D 25 -1.26 21.76 -28.85
C GLY D 25 0.02 21.66 -29.67
N LYS D 26 -0.10 21.21 -30.93
CA LYS D 26 1.09 21.10 -31.78
C LYS D 26 1.68 22.47 -32.08
N LYS D 27 0.81 23.47 -32.32
CA LYS D 27 1.29 24.84 -32.48
C LYS D 27 2.00 25.32 -31.22
N PHE D 28 1.41 25.07 -30.06
CA PHE D 28 2.04 25.42 -28.79
C PHE D 28 3.42 24.79 -28.68
N GLU D 29 3.53 23.51 -29.03
CA GLU D 29 4.81 22.83 -28.90
C GLU D 29 5.84 23.41 -29.85
N LYS D 30 5.39 23.83 -31.03
CA LYS D 30 6.28 24.43 -32.02
C LYS D 30 6.84 25.77 -31.55
N ASP D 31 6.04 26.53 -30.80
CA ASP D 31 6.48 27.83 -30.30
C ASP D 31 7.30 27.74 -29.02
N THR D 32 7.02 26.75 -28.16
CA THR D 32 7.58 26.73 -26.82
C THR D 32 8.46 25.52 -26.54
N GLY D 33 8.39 24.46 -27.35
CA GLY D 33 9.06 23.22 -27.05
C GLY D 33 8.29 22.31 -26.12
N ILE D 34 7.16 22.76 -25.60
CA ILE D 34 6.40 22.03 -24.58
C ILE D 34 5.40 21.12 -25.29
N LYS D 35 5.54 19.81 -25.09
CA LYS D 35 4.61 18.86 -25.70
C LYS D 35 3.26 18.92 -25.02
N VAL D 36 2.21 18.76 -25.82
CA VAL D 36 0.83 18.77 -25.38
C VAL D 36 0.18 17.45 -25.77
N THR D 37 -0.32 16.71 -24.79
CA THR D 37 -0.96 15.42 -25.01
C THR D 37 -2.43 15.56 -24.65
N VAL D 38 -3.31 15.30 -25.61
CA VAL D 38 -4.75 15.38 -25.39
C VAL D 38 -5.29 13.96 -25.28
N GLU D 39 -6.02 13.68 -24.22
CA GLU D 39 -6.66 12.38 -24.03
C GLU D 39 -8.16 12.58 -23.80
N HIS D 40 -8.96 11.54 -24.11
CA HIS D 40 -10.40 11.57 -23.89
C HIS D 40 -10.82 10.32 -23.13
N PRO D 41 -10.52 10.24 -21.83
CA PRO D 41 -10.88 9.05 -21.06
C PRO D 41 -12.39 8.85 -20.94
N ASP D 42 -12.79 7.59 -20.78
CA ASP D 42 -14.17 7.28 -20.44
C ASP D 42 -14.50 7.78 -19.04
N LYS D 43 -15.76 8.17 -18.86
CA LYS D 43 -16.28 8.63 -17.56
C LYS D 43 -15.40 9.73 -16.97
N LEU D 44 -15.05 10.67 -17.86
CA LEU D 44 -14.09 11.71 -17.53
C LEU D 44 -14.49 12.50 -16.28
N GLU D 45 -15.78 12.83 -16.16
CA GLU D 45 -16.24 13.72 -15.12
C GLU D 45 -16.18 13.06 -13.74
N GLU D 46 -16.06 11.75 -13.70
CA GLU D 46 -15.85 10.99 -12.48
C GLU D 46 -14.38 10.64 -12.26
N LYS D 47 -13.66 10.33 -13.33
CA LYS D 47 -12.26 9.97 -13.21
C LYS D 47 -11.43 11.16 -12.74
N PHE D 48 -11.71 12.37 -13.25
CA PHE D 48 -10.93 13.53 -12.82
C PHE D 48 -10.98 13.73 -11.32
N PRO D 49 -12.14 13.77 -10.65
CA PRO D 49 -12.11 13.96 -9.20
C PRO D 49 -11.46 12.81 -8.47
N GLN D 50 -11.48 11.61 -9.05
CA GLN D 50 -10.86 10.46 -8.40
C GLN D 50 -9.34 10.61 -8.39
N VAL D 51 -8.74 10.94 -9.53
CA VAL D 51 -7.28 11.00 -9.57
C VAL D 51 -6.76 12.33 -9.04
N ALA D 52 -7.48 13.43 -9.24
CA ALA D 52 -6.95 14.73 -8.79
C ALA D 52 -7.00 14.85 -7.27
N ALA D 53 -7.88 14.08 -6.62
CA ALA D 53 -7.96 14.11 -5.16
C ALA D 53 -6.62 13.80 -4.51
N THR D 54 -5.78 13.01 -5.18
CA THR D 54 -4.49 12.61 -4.64
C THR D 54 -3.34 13.34 -5.30
N GLY D 55 -3.64 14.36 -6.12
CA GLY D 55 -2.60 15.11 -6.79
C GLY D 55 -2.18 14.57 -8.14
N ASP D 56 -2.95 13.66 -8.73
CA ASP D 56 -2.62 13.10 -10.03
C ASP D 56 -3.55 13.69 -11.08
N GLY D 57 -3.46 13.17 -12.31
CA GLY D 57 -4.37 13.53 -13.36
C GLY D 57 -3.79 14.51 -14.36
N PRO D 58 -4.66 15.10 -15.18
CA PRO D 58 -4.20 16.01 -16.23
C PRO D 58 -3.84 17.39 -15.69
N ASP D 59 -3.04 18.12 -16.46
CA ASP D 59 -2.83 19.53 -16.14
C ASP D 59 -4.11 20.33 -16.35
N ILE D 60 -4.88 19.99 -17.37
CA ILE D 60 -6.05 20.77 -17.79
C ILE D 60 -7.22 19.81 -17.95
N ILE D 61 -8.37 20.18 -17.40
CA ILE D 61 -9.58 19.37 -17.47
C ILE D 61 -10.68 20.17 -18.17
N PHE D 62 -11.31 19.57 -19.18
CA PHE D 62 -12.46 20.18 -19.86
C PHE D 62 -13.74 19.45 -19.45
N TRP D 63 -14.77 20.22 -19.10
CA TRP D 63 -16.12 19.71 -18.91
C TRP D 63 -17.06 20.90 -18.95
N ALA D 64 -18.36 20.64 -19.03
CA ALA D 64 -19.29 21.73 -18.83
C ALA D 64 -19.15 22.27 -17.40
N HIS D 65 -19.52 23.55 -17.24
CA HIS D 65 -19.23 24.25 -16.00
C HIS D 65 -19.98 23.68 -14.79
N ASP D 66 -21.02 22.86 -14.98
CA ASP D 66 -21.84 22.45 -13.84
C ASP D 66 -21.07 21.58 -12.85
N ARG D 67 -20.03 20.88 -13.31
CA ARG D 67 -19.24 20.05 -12.39
C ARG D 67 -18.15 20.83 -11.65
N PHE D 68 -17.86 22.08 -12.05
CA PHE D 68 -16.63 22.73 -11.60
C PHE D 68 -16.74 23.27 -10.18
N GLY D 69 -17.93 23.63 -9.71
CA GLY D 69 -18.03 24.04 -8.31
C GLY D 69 -17.69 22.93 -7.35
N GLY D 70 -18.15 21.71 -7.65
CA GLY D 70 -17.75 20.57 -6.86
C GLY D 70 -16.25 20.34 -6.90
N TYR D 71 -15.64 20.43 -8.09
CA TYR D 71 -14.19 20.29 -8.17
C TYR D 71 -13.48 21.35 -7.33
N ALA D 72 -13.97 22.59 -7.38
CA ALA D 72 -13.31 23.67 -6.65
C ALA D 72 -13.48 23.48 -5.15
N GLN D 73 -14.68 23.08 -4.71
CA GLN D 73 -14.91 22.85 -3.29
C GLN D 73 -14.01 21.74 -2.77
N SER D 74 -13.67 20.78 -3.64
CA SER D 74 -12.79 19.68 -3.31
C SER D 74 -11.32 20.03 -3.43
N GLY D 75 -10.99 21.30 -3.71
CA GLY D 75 -9.60 21.71 -3.79
C GLY D 75 -8.86 21.18 -5.00
N LEU D 76 -9.56 20.84 -6.07
CA LEU D 76 -8.92 20.21 -7.24
C LEU D 76 -8.49 21.22 -8.31
N LEU D 77 -8.85 22.49 -8.18
CA LEU D 77 -8.67 23.46 -9.25
C LEU D 77 -7.83 24.66 -8.79
N ALA D 78 -6.98 25.13 -9.68
CA ALA D 78 -6.24 26.36 -9.44
C ALA D 78 -7.13 27.57 -9.72
N GLU D 79 -7.01 28.60 -8.89
CA GLU D 79 -7.74 29.82 -9.17
C GLU D 79 -7.21 30.48 -10.43
N ILE D 80 -8.14 30.94 -11.26
CA ILE D 80 -7.86 31.62 -12.52
C ILE D 80 -7.90 33.13 -12.27
N THR D 81 -6.84 33.84 -12.66
CA THR D 81 -6.78 35.30 -12.51
C THR D 81 -6.22 35.93 -13.78
N PRO D 82 -6.99 35.94 -14.85
CA PRO D 82 -6.52 36.58 -16.09
C PRO D 82 -6.47 38.08 -15.94
N ALA D 83 -5.55 38.69 -16.69
CA ALA D 83 -5.50 40.14 -16.78
C ALA D 83 -6.82 40.68 -17.31
N ALA D 84 -7.16 41.90 -16.89
CA ALA D 84 -8.40 42.51 -17.32
C ALA D 84 -8.51 42.54 -18.84
N ALA D 85 -7.39 42.73 -19.53
CA ALA D 85 -7.42 42.78 -20.98
C ALA D 85 -7.87 41.45 -21.57
N PHE D 86 -7.45 40.34 -20.96
CA PHE D 86 -7.94 39.06 -21.45
C PHE D 86 -9.39 38.84 -21.06
N GLN D 87 -9.77 39.20 -19.83
CA GLN D 87 -11.13 38.95 -19.39
C GLN D 87 -12.13 39.67 -20.30
N ASP D 88 -11.80 40.88 -20.75
CA ASP D 88 -12.72 41.63 -21.61
C ASP D 88 -12.94 40.97 -22.96
N LYS D 89 -12.10 40.01 -23.36
CA LYS D 89 -12.27 39.34 -24.64
C LYS D 89 -13.41 38.32 -24.63
N LEU D 90 -13.90 37.90 -23.46
CA LEU D 90 -14.96 36.92 -23.33
C LEU D 90 -16.23 37.56 -22.78
N TYR D 91 -17.38 37.00 -23.15
CA TYR D 91 -18.66 37.53 -22.67
C TYR D 91 -18.76 37.42 -21.15
N PRO D 92 -19.19 38.50 -20.47
CA PRO D 92 -19.28 38.44 -19.00
C PRO D 92 -20.11 37.28 -18.47
N PHE D 93 -21.23 36.95 -19.10
CA PHE D 93 -22.05 35.87 -18.57
C PHE D 93 -21.32 34.53 -18.63
N THR D 94 -20.35 34.36 -19.54
CA THR D 94 -19.61 33.10 -19.53
C THR D 94 -18.62 33.06 -18.36
N TRP D 95 -18.05 34.21 -17.97
CA TRP D 95 -17.24 34.24 -16.76
C TRP D 95 -18.08 33.93 -15.52
N ASP D 96 -19.34 34.36 -15.50
CA ASP D 96 -20.22 34.05 -14.37
C ASP D 96 -20.37 32.54 -14.18
N ALA D 97 -20.42 31.79 -15.29
CA ALA D 97 -20.62 30.35 -15.17
C ALA D 97 -19.45 29.65 -14.51
N VAL D 98 -18.25 30.23 -14.57
CA VAL D 98 -17.04 29.62 -14.03
C VAL D 98 -16.55 30.34 -12.77
N ARG D 99 -17.43 31.13 -12.13
CA ARG D 99 -17.09 31.82 -10.90
C ARG D 99 -17.77 31.08 -9.75
N TYR D 100 -16.99 30.73 -8.72
CA TYR D 100 -17.50 29.96 -7.60
C TYR D 100 -16.94 30.52 -6.31
N ASN D 101 -17.84 30.90 -5.39
CA ASN D 101 -17.44 31.48 -4.10
CA ASN D 101 -17.41 31.45 -4.10
C ASN D 101 -16.51 32.67 -4.31
N GLY D 102 -16.81 33.46 -5.34
CA GLY D 102 -16.08 34.67 -5.66
C GLY D 102 -14.84 34.50 -6.51
N LYS D 103 -14.44 33.28 -6.83
CA LYS D 103 -13.18 33.04 -7.52
C LYS D 103 -13.45 32.44 -8.90
N LEU D 104 -12.70 32.89 -9.91
CA LEU D 104 -12.75 32.24 -11.22
C LEU D 104 -12.00 30.92 -11.13
N ILE D 105 -12.63 29.82 -11.53
CA ILE D 105 -12.06 28.50 -11.34
C ILE D 105 -11.87 27.76 -12.66
N ALA D 106 -12.11 28.42 -13.79
CA ALA D 106 -11.91 27.81 -15.10
C ALA D 106 -11.96 28.92 -16.14
N TYR D 107 -11.50 28.58 -17.34
CA TYR D 107 -11.70 29.43 -18.49
C TYR D 107 -12.93 28.98 -19.24
N PRO D 108 -13.90 29.85 -19.51
CA PRO D 108 -15.06 29.46 -20.31
C PRO D 108 -14.71 29.42 -21.79
N ILE D 109 -15.21 28.39 -22.49
CA ILE D 109 -14.88 28.15 -23.89
C ILE D 109 -16.06 28.40 -24.81
N ALA D 110 -17.20 27.75 -24.54
CA ALA D 110 -18.32 27.87 -25.48
C ALA D 110 -19.62 27.51 -24.78
N VAL D 111 -20.71 28.03 -25.34
CA VAL D 111 -22.05 27.88 -24.79
C VAL D 111 -22.74 26.76 -25.56
N GLU D 112 -23.22 25.74 -24.85
CA GLU D 112 -23.87 24.58 -25.45
C GLU D 112 -25.34 24.54 -25.09
N ALA D 113 -26.19 24.29 -26.08
CA ALA D 113 -27.59 23.99 -25.81
C ALA D 113 -28.05 22.95 -26.82
N LEU D 114 -28.92 22.06 -26.38
CA LEU D 114 -29.54 21.10 -27.28
C LEU D 114 -30.50 21.79 -28.24
N SER D 115 -30.55 21.27 -29.47
CA SER D 115 -31.55 21.67 -30.45
C SER D 115 -32.23 20.43 -31.04
N LEU D 116 -33.34 20.68 -31.74
CA LEU D 116 -33.96 19.65 -32.56
C LEU D 116 -33.24 19.59 -33.90
N ILE D 117 -32.73 18.42 -34.25
CA ILE D 117 -32.05 18.20 -35.53
C ILE D 117 -32.97 17.29 -36.34
N TYR D 118 -33.23 17.67 -37.60
CA TYR D 118 -34.23 16.95 -38.36
C TYR D 118 -33.75 16.75 -39.79
N ASN D 119 -34.22 15.66 -40.40
CA ASN D 119 -33.85 15.25 -41.76
C ASN D 119 -34.84 15.90 -42.73
N LYS D 120 -34.36 16.89 -43.49
CA LYS D 120 -35.26 17.68 -44.34
C LYS D 120 -35.89 16.85 -45.45
N ASP D 121 -35.24 15.76 -45.85
CA ASP D 121 -35.79 14.94 -46.92
C ASP D 121 -36.92 14.03 -46.42
N LEU D 122 -36.83 13.56 -45.18
CA LEU D 122 -37.92 12.79 -44.60
C LEU D 122 -39.00 13.70 -44.01
N LEU D 123 -38.63 14.90 -43.59
CA LEU D 123 -39.50 15.74 -42.77
C LEU D 123 -39.21 17.19 -43.09
N PRO D 124 -39.71 17.68 -44.23
CA PRO D 124 -39.44 19.08 -44.59
C PRO D 124 -40.02 20.08 -43.62
N ASN D 125 -41.07 19.72 -42.89
CA ASN D 125 -41.73 20.64 -41.96
C ASN D 125 -41.80 19.97 -40.59
N PRO D 126 -40.78 20.15 -39.77
CA PRO D 126 -40.69 19.42 -38.50
C PRO D 126 -41.73 19.93 -37.51
N PRO D 127 -42.14 19.07 -36.56
CA PRO D 127 -43.25 19.43 -35.68
C PRO D 127 -42.87 20.54 -34.71
N LYS D 128 -43.82 21.43 -34.46
CA LYS D 128 -43.60 22.46 -33.46
C LYS D 128 -43.92 21.97 -32.06
N THR D 129 -44.61 20.84 -31.90
CA THR D 129 -45.02 20.37 -30.59
C THR D 129 -44.58 18.93 -30.38
N TRP D 130 -44.30 18.60 -29.12
CA TRP D 130 -44.10 17.21 -28.74
C TRP D 130 -45.35 16.39 -29.00
N GLU D 131 -46.52 16.99 -28.81
CA GLU D 131 -47.78 16.27 -28.89
C GLU D 131 -48.04 15.69 -30.28
N GLU D 132 -47.39 16.24 -31.32
CA GLU D 132 -47.55 15.76 -32.70
C GLU D 132 -46.74 14.52 -33.00
N ILE D 133 -45.74 14.21 -32.18
CA ILE D 133 -44.74 13.22 -32.56
C ILE D 133 -45.31 11.81 -32.65
N PRO D 134 -46.22 11.37 -31.76
CA PRO D 134 -46.80 10.02 -31.96
C PRO D 134 -47.45 9.84 -33.32
N ALA D 135 -48.25 10.81 -33.77
CA ALA D 135 -48.91 10.68 -35.08
C ALA D 135 -47.87 10.66 -36.20
N LEU D 136 -46.84 11.48 -36.08
CA LEU D 136 -45.78 11.51 -37.08
C LEU D 136 -45.02 10.19 -37.13
N ASP D 137 -44.73 9.62 -35.97
CA ASP D 137 -44.06 8.32 -35.95
C ASP D 137 -44.90 7.24 -36.61
N LYS D 138 -46.21 7.25 -36.40
CA LYS D 138 -47.05 6.25 -37.04
C LYS D 138 -46.97 6.36 -38.55
N GLU D 139 -47.02 7.59 -39.09
CA GLU D 139 -46.84 7.80 -40.53
C GLU D 139 -45.49 7.27 -41.00
N LEU D 140 -44.43 7.60 -40.27
CA LEU D 140 -43.11 7.24 -40.74
C LEU D 140 -42.87 5.74 -40.60
N LYS D 141 -43.50 5.09 -39.62
CA LYS D 141 -43.30 3.66 -39.44
C LYS D 141 -43.83 2.88 -40.63
N ALA D 142 -44.88 3.39 -41.27
CA ALA D 142 -45.41 2.77 -42.48
C ALA D 142 -44.42 2.85 -43.63
N LYS D 143 -43.50 3.83 -43.60
CA LYS D 143 -42.43 3.95 -44.58
C LYS D 143 -41.14 3.26 -44.15
N GLY D 144 -41.17 2.49 -43.07
CA GLY D 144 -39.95 1.88 -42.56
C GLY D 144 -39.00 2.84 -41.87
N LYS D 145 -39.51 3.97 -41.37
CA LYS D 145 -38.71 4.96 -40.66
C LYS D 145 -39.32 5.19 -39.28
N SER D 146 -38.70 6.08 -38.51
CA SER D 146 -39.25 6.48 -37.23
C SER D 146 -39.13 8.00 -37.11
N ALA D 147 -39.89 8.57 -36.18
CA ALA D 147 -39.90 10.03 -36.06
C ALA D 147 -38.70 10.55 -35.27
N LEU D 148 -38.36 9.92 -34.16
CA LEU D 148 -37.44 10.56 -33.22
C LEU D 148 -36.63 9.53 -32.46
N MET D 149 -35.30 9.73 -32.39
CA MET D 149 -34.44 8.95 -31.51
C MET D 149 -33.38 9.87 -30.91
N PHE D 150 -33.24 9.81 -29.59
CA PHE D 150 -32.20 10.54 -28.88
C PHE D 150 -31.77 9.76 -27.66
N ASN D 151 -30.66 10.18 -27.07
CA ASN D 151 -30.06 9.49 -25.93
C ASN D 151 -30.98 9.52 -24.71
N LEU D 152 -31.50 8.35 -24.31
CA LEU D 152 -32.32 8.23 -23.12
C LEU D 152 -31.55 7.76 -21.90
N GLN D 153 -30.24 7.59 -22.00
CA GLN D 153 -29.46 7.14 -20.87
C GLN D 153 -28.88 8.28 -20.04
N GLU D 154 -28.85 9.50 -20.59
CA GLU D 154 -28.31 10.65 -19.87
C GLU D 154 -29.42 11.67 -19.68
N PRO D 155 -29.72 12.09 -18.45
CA PRO D 155 -30.89 12.96 -18.23
C PRO D 155 -30.75 14.34 -18.84
N TYR D 156 -29.53 14.75 -19.20
CA TYR D 156 -29.34 15.98 -19.96
C TYR D 156 -30.28 16.07 -21.17
N PHE D 157 -30.51 14.94 -21.86
CA PHE D 157 -31.28 14.98 -23.10
C PHE D 157 -32.78 14.98 -22.86
N THR D 158 -33.23 14.52 -21.70
CA THR D 158 -34.64 14.53 -21.34
CA THR D 158 -34.64 14.54 -21.37
C THR D 158 -35.04 15.75 -20.55
N TRP D 159 -34.08 16.41 -19.90
CA TRP D 159 -34.38 17.61 -19.13
C TRP D 159 -35.19 18.66 -19.89
N PRO D 160 -34.93 18.95 -21.18
CA PRO D 160 -35.71 20.02 -21.82
C PRO D 160 -37.20 19.78 -21.74
N LEU D 161 -37.62 18.50 -21.84
CA LEU D 161 -39.04 18.15 -21.76
C LEU D 161 -39.55 18.14 -20.32
N ILE D 162 -38.74 17.61 -19.38
CA ILE D 162 -39.09 17.63 -17.96
C ILE D 162 -39.28 19.06 -17.46
N ALA D 163 -38.43 19.98 -17.90
CA ALA D 163 -38.49 21.35 -17.41
C ALA D 163 -39.51 22.20 -18.13
N ALA D 164 -40.06 21.74 -19.27
CA ALA D 164 -40.88 22.60 -20.12
C ALA D 164 -42.08 23.16 -19.38
N ASP D 165 -42.82 22.28 -18.69
CA ASP D 165 -44.05 22.64 -17.99
C ASP D 165 -43.82 22.97 -16.53
N GLY D 166 -42.56 23.06 -16.08
CA GLY D 166 -42.31 23.57 -14.74
C GLY D 166 -41.25 22.90 -13.89
N GLY D 167 -40.68 21.77 -14.30
CA GLY D 167 -39.64 21.15 -13.50
C GLY D 167 -38.40 22.02 -13.43
N TYR D 168 -37.65 21.91 -12.32
CA TYR D 168 -36.40 22.66 -12.18
C TYR D 168 -35.46 21.91 -11.23
N ALA D 169 -34.21 22.37 -11.18
CA ALA D 169 -33.19 21.71 -10.35
C ALA D 169 -33.18 22.28 -8.95
N PHE D 170 -32.46 23.38 -8.75
CA PHE D 170 -32.48 24.12 -7.49
C PHE D 170 -33.09 25.49 -7.72
N LYS D 171 -33.98 25.89 -6.82
CA LYS D 171 -34.57 27.22 -6.89
C LYS D 171 -33.51 28.29 -6.65
N TYR D 172 -33.51 29.32 -7.48
CA TYR D 172 -32.61 30.45 -7.33
C TYR D 172 -33.34 31.52 -6.51
N ALA D 173 -32.81 31.81 -5.33
CA ALA D 173 -33.53 32.62 -4.33
C ALA D 173 -32.61 33.69 -3.77
N ALA D 174 -32.93 34.95 -4.06
CA ALA D 174 -32.18 36.09 -3.52
C ALA D 174 -30.69 35.92 -3.77
N GLY D 175 -30.33 35.66 -5.02
CA GLY D 175 -28.95 35.64 -5.44
C GLY D 175 -28.20 34.36 -5.19
N LYS D 176 -28.89 33.31 -4.75
CA LYS D 176 -28.20 32.10 -4.31
C LYS D 176 -29.14 30.92 -4.53
N TYR D 177 -28.56 29.77 -4.88
CA TYR D 177 -29.37 28.57 -5.04
C TYR D 177 -29.73 28.02 -3.67
N ASP D 178 -31.00 27.65 -3.52
CA ASP D 178 -31.51 27.05 -2.29
C ASP D 178 -31.41 25.54 -2.45
N ILE D 179 -30.40 24.95 -1.80
CA ILE D 179 -30.11 23.53 -2.02
C ILE D 179 -31.15 22.63 -1.40
N LYS D 180 -32.10 23.17 -0.65
CA LYS D 180 -33.19 22.40 -0.10
C LYS D 180 -34.49 22.55 -0.89
N ASP D 181 -34.51 23.39 -1.92
CA ASP D 181 -35.69 23.62 -2.75
C ASP D 181 -35.38 23.05 -4.13
N VAL D 182 -35.80 21.79 -4.34
CA VAL D 182 -35.56 21.05 -5.58
C VAL D 182 -36.86 20.93 -6.34
N GLY D 183 -36.81 21.00 -7.67
CA GLY D 183 -38.05 21.05 -8.44
C GLY D 183 -38.31 19.90 -9.38
N VAL D 184 -37.88 18.69 -9.02
CA VAL D 184 -37.97 17.56 -9.96
C VAL D 184 -39.22 16.72 -9.74
N ASP D 185 -40.02 17.00 -8.72
CA ASP D 185 -41.22 16.20 -8.51
CA ASP D 185 -41.20 16.23 -8.38
C ASP D 185 -42.49 17.04 -8.52
N ASN D 186 -42.45 18.22 -9.15
CA ASN D 186 -43.67 19.01 -9.26
C ASN D 186 -44.50 18.53 -10.47
N ALA D 187 -45.64 19.18 -10.66
CA ALA D 187 -46.60 18.72 -11.66
C ALA D 187 -46.03 18.81 -13.07
N GLY D 188 -45.26 19.87 -13.33
CA GLY D 188 -44.65 20.03 -14.65
C GLY D 188 -43.63 18.95 -14.95
N ALA D 189 -42.76 18.64 -13.99
CA ALA D 189 -41.79 17.57 -14.18
C ALA D 189 -42.50 16.24 -14.39
N LYS D 190 -43.51 15.96 -13.57
CA LYS D 190 -44.27 14.72 -13.72
C LYS D 190 -44.89 14.61 -15.12
N ALA D 191 -45.43 15.71 -15.63
CA ALA D 191 -46.11 15.64 -16.93
C ALA D 191 -45.13 15.35 -18.05
N GLY D 192 -43.97 16.02 -18.02
CA GLY D 192 -42.98 15.81 -19.07
C GLY D 192 -42.44 14.39 -19.08
N LEU D 193 -42.09 13.86 -17.91
CA LEU D 193 -41.54 12.51 -17.86
C LEU D 193 -42.60 11.48 -18.22
N THR D 194 -43.86 11.74 -17.84
CA THR D 194 -44.93 10.84 -18.23
C THR D 194 -45.06 10.78 -19.76
N PHE D 195 -44.96 11.93 -20.43
CA PHE D 195 -45.02 11.92 -21.89
C PHE D 195 -43.88 11.10 -22.50
N LEU D 196 -42.67 11.26 -21.98
CA LEU D 196 -41.54 10.46 -22.47
C LEU D 196 -41.82 8.97 -22.28
N VAL D 197 -42.30 8.59 -21.11
CA VAL D 197 -42.53 7.19 -20.81
C VAL D 197 -43.65 6.63 -21.69
N ASP D 198 -44.66 7.45 -21.98
CA ASP D 198 -45.73 7.01 -22.86
C ASP D 198 -45.24 6.86 -24.30
N LEU D 199 -44.32 7.72 -24.75
CA LEU D 199 -43.70 7.49 -26.06
C LEU D 199 -43.06 6.11 -26.12
N ILE D 200 -42.40 5.69 -25.04
CA ILE D 200 -41.77 4.37 -25.00
C ILE D 200 -42.83 3.27 -24.96
N LYS D 201 -43.83 3.42 -24.09
CA LYS D 201 -44.84 2.38 -23.95
C LYS D 201 -45.60 2.16 -25.25
N ASN D 202 -45.72 3.20 -26.08
CA ASN D 202 -46.47 3.09 -27.32
C ASN D 202 -45.55 2.95 -28.54
N LYS D 203 -44.30 2.52 -28.31
CA LYS D 203 -43.41 2.05 -29.36
C LYS D 203 -42.96 3.15 -30.30
N HIS D 204 -42.93 4.39 -29.81
CA HIS D 204 -42.35 5.49 -30.57
C HIS D 204 -40.90 5.74 -30.20
N MET D 205 -40.46 5.21 -29.05
CA MET D 205 -39.07 5.22 -28.66
C MET D 205 -38.79 3.94 -27.90
N ASN D 206 -37.51 3.62 -27.75
CA ASN D 206 -37.06 2.44 -27.00
C ASN D 206 -36.23 2.89 -25.82
N ALA D 207 -36.51 2.32 -24.65
CA ALA D 207 -35.82 2.73 -23.43
C ALA D 207 -34.32 2.48 -23.49
N ASP D 208 -33.85 1.58 -24.35
CA ASP D 208 -32.42 1.27 -24.39
CA ASP D 208 -32.42 1.28 -24.38
C ASP D 208 -31.63 2.19 -25.31
N THR D 209 -32.30 3.10 -26.02
CA THR D 209 -31.59 3.98 -26.96
C THR D 209 -30.59 4.85 -26.23
N ASP D 210 -29.34 4.84 -26.70
CA ASP D 210 -28.27 5.64 -26.11
C ASP D 210 -27.69 6.58 -27.16
N TYR D 211 -26.58 7.22 -26.82
CA TYR D 211 -26.00 8.22 -27.71
C TYR D 211 -25.63 7.59 -29.05
N SER D 212 -24.94 6.46 -29.01
CA SER D 212 -24.45 5.82 -30.24
CA SER D 212 -24.45 5.83 -30.23
C SER D 212 -25.60 5.33 -31.11
N ILE D 213 -26.59 4.68 -30.48
CA ILE D 213 -27.73 4.18 -31.24
C ILE D 213 -28.46 5.32 -31.95
N ALA D 214 -28.74 6.41 -31.23
CA ALA D 214 -29.46 7.53 -31.82
C ALA D 214 -28.66 8.20 -32.93
N GLU D 215 -27.35 8.37 -32.72
CA GLU D 215 -26.52 9.03 -33.73
C GLU D 215 -26.45 8.19 -35.00
N ALA D 216 -26.26 6.88 -34.86
CA ALA D 216 -26.23 6.01 -36.03
C ALA D 216 -27.54 6.05 -36.80
N ALA D 217 -28.67 5.98 -36.08
CA ALA D 217 -29.96 5.94 -36.77
C ALA D 217 -30.25 7.25 -37.51
N PHE D 218 -29.93 8.40 -36.91
CA PHE D 218 -30.18 9.65 -37.61
C PHE D 218 -29.23 9.81 -38.79
N ASN D 219 -27.94 9.56 -38.56
CA ASN D 219 -26.96 9.82 -39.62
C ASN D 219 -27.05 8.81 -40.74
N LYS D 220 -27.66 7.65 -40.48
CA LYS D 220 -27.95 6.67 -41.54
C LYS D 220 -29.31 6.91 -42.19
N GLY D 221 -30.06 7.92 -41.77
CA GLY D 221 -31.31 8.22 -42.42
C GLY D 221 -32.48 7.36 -42.00
N GLU D 222 -32.37 6.71 -40.83
CA GLU D 222 -33.42 5.80 -40.39
C GLU D 222 -34.48 6.47 -39.53
N THR D 223 -34.13 7.58 -38.87
CA THR D 223 -35.08 8.31 -38.02
C THR D 223 -35.09 9.77 -38.46
N ALA D 224 -36.26 10.40 -38.42
CA ALA D 224 -36.40 11.72 -38.99
C ALA D 224 -35.85 12.84 -38.09
N MET D 225 -35.72 12.59 -36.79
CA MET D 225 -35.31 13.64 -35.86
C MET D 225 -34.40 13.06 -34.79
N THR D 226 -33.50 13.91 -34.27
CA THR D 226 -32.75 13.60 -33.06
C THR D 226 -32.66 14.88 -32.24
N ILE D 227 -32.19 14.74 -31.00
CA ILE D 227 -31.93 15.87 -30.11
C ILE D 227 -30.46 15.78 -29.71
N ASN D 228 -29.70 16.84 -29.99
CA ASN D 228 -28.26 16.79 -29.75
C ASN D 228 -27.70 18.21 -29.78
N GLY D 229 -26.41 18.31 -29.42
CA GLY D 229 -25.73 19.58 -29.34
C GLY D 229 -24.85 19.83 -30.55
N PRO D 230 -24.20 20.99 -30.59
CA PRO D 230 -23.41 21.37 -31.77
C PRO D 230 -22.29 20.40 -32.11
N TRP D 231 -21.72 19.71 -31.12
CA TRP D 231 -20.64 18.77 -31.39
C TRP D 231 -21.05 17.68 -32.38
N ALA D 232 -22.36 17.39 -32.47
CA ALA D 232 -22.84 16.34 -33.35
C ALA D 232 -22.88 16.73 -34.83
N TRP D 233 -22.76 18.02 -35.16
CA TRP D 233 -23.08 18.44 -36.53
C TRP D 233 -22.07 17.93 -37.55
N SER D 234 -20.79 17.82 -37.18
CA SER D 234 -19.82 17.47 -38.22
C SER D 234 -19.97 16.02 -38.67
N ASN D 235 -20.39 15.11 -37.78
CA ASN D 235 -20.68 13.74 -38.23
C ASN D 235 -21.87 13.70 -39.17
N ILE D 236 -22.89 14.53 -38.92
CA ILE D 236 -24.01 14.61 -39.85
C ILE D 236 -23.54 15.20 -41.18
N ASP D 237 -22.63 16.18 -41.14
CA ASP D 237 -22.08 16.75 -42.37
C ASP D 237 -21.49 15.67 -43.26
N THR D 238 -20.74 14.75 -42.66
CA THR D 238 -20.08 13.68 -43.40
C THR D 238 -21.08 12.66 -43.94
N SER D 239 -22.21 12.52 -43.27
CA SER D 239 -23.26 11.59 -43.69
C SER D 239 -24.02 12.10 -44.90
N ALA D 240 -24.87 11.24 -45.43
CA ALA D 240 -25.71 11.57 -46.58
C ALA D 240 -26.96 12.38 -46.21
N VAL D 241 -27.12 12.81 -44.95
CA VAL D 241 -28.37 13.40 -44.49
C VAL D 241 -28.36 14.90 -44.71
N ASN D 242 -29.44 15.41 -45.30
CA ASN D 242 -29.69 16.84 -45.48
C ASN D 242 -30.47 17.30 -44.25
N TYR D 243 -29.79 18.00 -43.33
CA TYR D 243 -30.33 18.25 -42.01
C TYR D 243 -30.54 19.73 -41.74
N GLY D 244 -31.46 20.00 -40.81
CA GLY D 244 -31.63 21.33 -40.26
C GLY D 244 -31.56 21.29 -38.74
N VAL D 245 -31.28 22.44 -38.15
CA VAL D 245 -31.19 22.62 -36.70
C VAL D 245 -32.22 23.67 -36.31
N THR D 246 -33.10 23.36 -35.36
CA THR D 246 -34.23 24.26 -35.11
C THR D 246 -34.64 24.25 -33.64
N VAL D 247 -35.64 25.06 -33.32
CA VAL D 247 -36.13 25.16 -31.95
C VAL D 247 -36.75 23.82 -31.54
N LEU D 248 -36.53 23.45 -30.28
CA LEU D 248 -37.10 22.22 -29.77
C LEU D 248 -38.63 22.32 -29.76
N PRO D 249 -39.34 21.19 -29.83
CA PRO D 249 -40.81 21.26 -29.82
C PRO D 249 -41.31 21.79 -28.48
N THR D 250 -42.48 22.42 -28.50
CA THR D 250 -43.12 22.82 -27.25
C THR D 250 -43.82 21.61 -26.62
N PHE D 251 -44.10 21.74 -25.32
CA PHE D 251 -44.86 20.73 -24.59
C PHE D 251 -45.91 21.44 -23.76
N LYS D 252 -47.17 21.05 -23.96
CA LYS D 252 -48.29 21.74 -23.32
C LYS D 252 -48.24 23.23 -23.60
N GLY D 253 -47.77 23.59 -24.80
CA GLY D 253 -47.66 24.96 -25.24
C GLY D 253 -46.47 25.73 -24.68
N GLN D 254 -45.65 25.12 -23.81
CA GLN D 254 -44.48 25.75 -23.22
C GLN D 254 -43.23 25.37 -24.01
N PRO D 255 -42.26 26.28 -24.16
CA PRO D 255 -41.00 25.90 -24.80
C PRO D 255 -40.32 24.80 -24.02
N SER D 256 -39.66 23.89 -24.73
CA SER D 256 -38.70 23.01 -24.07
C SER D 256 -37.57 23.85 -23.52
N LYS D 257 -37.08 23.48 -22.33
CA LYS D 257 -36.13 24.32 -21.60
C LYS D 257 -34.85 23.55 -21.35
N PRO D 258 -33.93 23.53 -22.31
CA PRO D 258 -32.70 22.77 -22.10
C PRO D 258 -31.84 23.44 -21.05
N PHE D 259 -31.15 22.62 -20.27
N PHE D 259 -31.03 22.63 -20.35
CA PHE D 259 -30.05 23.16 -19.52
CA PHE D 259 -30.06 23.14 -19.39
C PHE D 259 -29.06 23.75 -20.50
C PHE D 259 -28.78 23.51 -20.14
N VAL D 260 -28.40 24.81 -20.08
CA VAL D 260 -27.34 25.38 -20.89
C VAL D 260 -26.01 25.15 -20.19
N GLY D 261 -25.04 24.62 -20.93
CA GLY D 261 -23.73 24.33 -20.40
C GLY D 261 -22.69 25.25 -21.02
N VAL D 262 -21.68 25.61 -20.23
CA VAL D 262 -20.53 26.34 -20.73
C VAL D 262 -19.36 25.38 -20.66
N LEU D 263 -18.92 24.89 -21.83
CA LEU D 263 -17.68 24.12 -21.87
C LEU D 263 -16.55 24.97 -21.30
N SER D 264 -15.82 24.40 -20.35
CA SER D 264 -14.89 25.15 -19.52
C SER D 264 -13.60 24.36 -19.34
N ALA D 265 -12.50 25.07 -19.15
CA ALA D 265 -11.21 24.40 -18.99
C ALA D 265 -10.59 24.84 -17.68
N GLY D 266 -10.40 23.89 -16.76
CA GLY D 266 -9.79 24.16 -15.48
C GLY D 266 -8.38 23.66 -15.43
N ILE D 267 -7.60 24.22 -14.51
CA ILE D 267 -6.20 23.83 -14.30
C ILE D 267 -6.12 23.07 -12.98
N ASN D 268 -5.59 21.84 -13.04
CA ASN D 268 -5.38 21.01 -11.87
C ASN D 268 -4.59 21.75 -10.79
N ALA D 269 -5.16 21.80 -9.57
CA ALA D 269 -4.46 22.42 -8.44
C ALA D 269 -3.06 21.84 -8.22
N ALA D 270 -2.85 20.58 -8.59
CA ALA D 270 -1.58 19.89 -8.39
C ALA D 270 -0.65 20.02 -9.58
N SER D 271 -1.06 20.71 -10.64
CA SER D 271 -0.20 20.84 -11.83
C SER D 271 1.08 21.61 -11.50
N PRO D 272 2.24 21.10 -11.89
CA PRO D 272 3.47 21.90 -11.82
C PRO D 272 3.68 22.80 -13.03
N ASN D 273 2.66 22.90 -13.89
CA ASN D 273 2.74 23.58 -15.18
C ASN D 273 1.67 24.66 -15.32
N LYS D 274 1.31 25.33 -14.21
CA LYS D 274 0.18 26.23 -14.27
C LYS D 274 0.44 27.43 -15.18
N GLU D 275 1.67 27.94 -15.17
CA GLU D 275 2.00 29.07 -16.04
C GLU D 275 1.88 28.68 -17.51
N LEU D 276 2.39 27.50 -17.87
CA LEU D 276 2.29 27.03 -19.24
C LEU D 276 0.83 26.72 -19.61
N ALA D 277 0.05 26.19 -18.66
CA ALA D 277 -1.36 25.92 -18.95
C ALA D 277 -2.10 27.21 -19.24
N LYS D 278 -1.81 28.28 -18.48
CA LYS D 278 -2.45 29.56 -18.73
C LYS D 278 -2.03 30.13 -20.08
N GLU D 279 -0.76 30.01 -20.43
CA GLU D 279 -0.31 30.45 -21.75
C GLU D 279 -1.08 29.74 -22.86
N PHE D 280 -1.20 28.42 -22.75
CA PHE D 280 -1.91 27.64 -23.76
C PHE D 280 -3.37 28.06 -23.86
N LEU D 281 -4.05 28.14 -22.73
CA LEU D 281 -5.48 28.39 -22.76
C LEU D 281 -5.78 29.80 -23.23
N GLU D 282 -5.09 30.81 -22.67
CA GLU D 282 -5.37 32.19 -23.01
C GLU D 282 -4.91 32.53 -24.42
N ASN D 283 -3.68 32.15 -24.78
CA ASN D 283 -3.06 32.71 -25.97
C ASN D 283 -2.93 31.74 -27.13
N TYR D 284 -3.32 30.48 -26.96
CA TYR D 284 -3.40 29.55 -28.07
C TYR D 284 -4.81 29.05 -28.31
N LEU D 285 -5.53 28.59 -27.26
CA LEU D 285 -6.88 28.11 -27.50
C LEU D 285 -7.88 29.26 -27.67
N LEU D 286 -7.90 30.22 -26.74
CA LEU D 286 -8.92 31.27 -26.73
C LEU D 286 -8.49 32.42 -27.66
N THR D 287 -8.26 32.02 -28.91
CA THR D 287 -7.98 32.90 -30.02
C THR D 287 -8.90 32.50 -31.16
N ASP D 288 -9.08 33.38 -32.15
CA ASP D 288 -9.85 32.99 -33.32
C ASP D 288 -9.29 31.72 -33.96
N GLU D 289 -7.96 31.65 -34.09
CA GLU D 289 -7.35 30.53 -34.80
C GLU D 289 -7.41 29.24 -33.97
N GLY D 290 -7.31 29.35 -32.64
CA GLY D 290 -7.37 28.15 -31.81
C GLY D 290 -8.77 27.57 -31.77
N LEU D 291 -9.77 28.43 -31.57
CA LEU D 291 -11.16 27.95 -31.53
C LEU D 291 -11.58 27.42 -32.88
N GLU D 292 -11.11 28.04 -33.96
CA GLU D 292 -11.43 27.53 -35.29
C GLU D 292 -10.89 26.12 -35.49
N ALA D 293 -9.66 25.87 -35.01
CA ALA D 293 -9.10 24.53 -35.12
C ALA D 293 -9.97 23.50 -34.41
N VAL D 294 -10.46 23.83 -33.21
CA VAL D 294 -11.31 22.87 -32.50
C VAL D 294 -12.66 22.76 -33.18
N ASN D 295 -13.21 23.91 -33.58
CA ASN D 295 -14.57 23.98 -34.14
C ASN D 295 -14.67 23.20 -35.44
N LYS D 296 -13.61 23.24 -36.26
CA LYS D 296 -13.60 22.50 -37.53
C LYS D 296 -13.65 21.00 -37.30
N ASP D 297 -13.13 20.53 -36.16
CA ASP D 297 -13.21 19.13 -35.79
C ASP D 297 -14.62 18.76 -35.35
N LYS D 298 -15.13 19.40 -34.29
CA LYS D 298 -16.49 19.20 -33.81
C LYS D 298 -16.96 20.57 -33.34
N PRO D 299 -18.10 21.07 -33.82
CA PRO D 299 -18.47 22.44 -33.49
C PRO D 299 -18.65 22.65 -31.99
N LEU D 300 -18.18 23.80 -31.52
CA LEU D 300 -18.22 24.16 -30.11
C LEU D 300 -19.57 24.70 -29.66
N GLY D 301 -20.36 25.25 -30.58
CA GLY D 301 -21.52 26.04 -30.18
C GLY D 301 -21.23 27.52 -30.27
N ALA D 302 -21.85 28.32 -29.41
CA ALA D 302 -21.65 29.77 -29.39
C ALA D 302 -20.48 30.08 -28.46
N VAL D 303 -19.33 30.46 -29.05
CA VAL D 303 -18.11 30.52 -28.25
C VAL D 303 -18.12 31.72 -27.32
N ALA D 304 -17.29 31.62 -26.28
CA ALA D 304 -17.18 32.69 -25.30
C ALA D 304 -16.34 33.85 -25.80
N LEU D 305 -15.51 33.62 -26.80
CA LEU D 305 -14.63 34.65 -27.35
C LEU D 305 -15.42 35.55 -28.30
N LYS D 306 -15.52 36.84 -27.94
CA LYS D 306 -16.39 37.74 -28.69
C LYS D 306 -15.98 37.84 -30.15
N SER D 307 -14.67 37.96 -30.41
CA SER D 307 -14.20 38.16 -31.79
C SER D 307 -14.61 37.02 -32.70
N TYR D 308 -14.54 35.78 -32.22
CA TYR D 308 -14.89 34.64 -33.07
C TYR D 308 -16.39 34.39 -33.08
N GLU D 309 -17.09 34.67 -31.97
CA GLU D 309 -18.53 34.47 -31.99
C GLU D 309 -19.21 35.40 -32.99
N GLU D 310 -18.61 36.57 -33.27
CA GLU D 310 -19.24 37.46 -34.24
C GLU D 310 -19.33 36.81 -35.61
N GLU D 311 -18.39 35.92 -35.94
CA GLU D 311 -18.51 35.18 -37.19
C GLU D 311 -19.48 34.02 -37.06
N LEU D 312 -19.34 33.21 -36.00
CA LEU D 312 -20.20 32.04 -35.86
C LEU D 312 -21.67 32.42 -35.77
N ALA D 313 -21.99 33.60 -35.22
CA ALA D 313 -23.39 33.95 -35.02
C ALA D 313 -24.17 34.07 -36.32
N LYS D 314 -23.48 34.23 -37.46
CA LYS D 314 -24.14 34.29 -38.76
C LYS D 314 -24.63 32.93 -39.24
N ASP D 315 -24.26 31.87 -38.55
CA ASP D 315 -24.64 30.51 -38.91
C ASP D 315 -26.04 30.21 -38.36
N PRO D 316 -27.02 29.85 -39.20
CA PRO D 316 -28.36 29.57 -38.67
C PRO D 316 -28.40 28.47 -37.63
N ARG D 317 -27.45 27.53 -37.69
CA ARG D 317 -27.39 26.49 -36.67
C ARG D 317 -27.01 27.07 -35.31
N ILE D 318 -26.14 28.09 -35.31
CA ILE D 318 -25.79 28.76 -34.06
C ILE D 318 -26.97 29.62 -33.59
N ALA D 319 -27.68 30.26 -34.53
CA ALA D 319 -28.85 31.03 -34.13
C ALA D 319 -29.89 30.13 -33.46
N ALA D 320 -30.09 28.93 -34.02
CA ALA D 320 -30.99 27.96 -33.41
C ALA D 320 -30.49 27.54 -32.03
N THR D 321 -29.18 27.30 -31.90
CA THR D 321 -28.60 26.93 -30.61
C THR D 321 -28.92 28.00 -29.57
N MET D 322 -28.71 29.27 -29.92
CA MET D 322 -28.93 30.35 -28.96
C MET D 322 -30.43 30.58 -28.72
N GLU D 323 -31.28 30.34 -29.72
CA GLU D 323 -32.71 30.42 -29.49
C GLU D 323 -33.16 29.39 -28.45
N ASN D 324 -32.67 28.15 -28.57
CA ASN D 324 -32.97 27.15 -27.57
C ASN D 324 -32.35 27.50 -26.21
N ALA D 325 -31.11 28.01 -26.22
CA ALA D 325 -30.45 28.39 -24.99
C ALA D 325 -31.27 29.44 -24.23
N GLN D 326 -31.84 30.40 -24.96
CA GLN D 326 -32.54 31.50 -24.32
C GLN D 326 -33.87 31.07 -23.74
N LYS D 327 -34.38 29.91 -24.15
CA LYS D 327 -35.56 29.35 -23.51
C LYS D 327 -35.21 28.51 -22.29
N GLY D 328 -33.93 28.22 -22.05
CA GLY D 328 -33.52 27.37 -20.97
C GLY D 328 -32.83 28.13 -19.86
N GLU D 329 -32.11 27.39 -19.02
CA GLU D 329 -31.43 27.98 -17.89
C GLU D 329 -29.96 27.57 -17.91
N ILE D 330 -29.06 28.51 -17.62
CA ILE D 330 -27.66 28.15 -17.42
C ILE D 330 -27.58 27.28 -16.18
N MET D 331 -26.86 26.15 -16.28
CA MET D 331 -26.81 25.22 -15.16
C MET D 331 -26.17 25.89 -13.95
N PRO D 332 -26.62 25.56 -12.74
CA PRO D 332 -25.84 25.92 -11.56
C PRO D 332 -24.48 25.23 -11.63
N ASN D 333 -23.48 25.84 -11.00
CA ASN D 333 -22.19 25.18 -10.87
C ASN D 333 -21.95 24.65 -9.45
N ILE D 334 -22.98 24.64 -8.61
CA ILE D 334 -22.79 24.37 -7.19
C ILE D 334 -22.43 22.90 -6.95
N PRO D 335 -21.76 22.58 -5.85
CA PRO D 335 -21.31 21.20 -5.62
C PRO D 335 -22.43 20.19 -5.58
N GLN D 336 -23.66 20.61 -5.29
CA GLN D 336 -24.79 19.70 -5.22
C GLN D 336 -25.25 19.20 -6.60
N MET D 337 -24.69 19.74 -7.67
CA MET D 337 -25.11 19.29 -9.01
C MET D 337 -24.79 17.82 -9.25
N SER D 338 -23.70 17.30 -8.69
CA SER D 338 -23.38 15.89 -8.87
C SER D 338 -24.50 15.02 -8.32
N ALA D 339 -24.94 15.30 -7.10
CA ALA D 339 -26.02 14.52 -6.49
C ALA D 339 -27.34 14.71 -7.23
N PHE D 340 -27.60 15.93 -7.71
CA PHE D 340 -28.80 16.16 -8.52
C PHE D 340 -28.79 15.29 -9.76
N TRP D 341 -27.68 15.30 -10.51
CA TRP D 341 -27.67 14.58 -11.77
C TRP D 341 -27.78 13.07 -11.54
N TYR D 342 -27.11 12.57 -10.50
CA TYR D 342 -27.19 11.14 -10.18
C TYR D 342 -28.62 10.76 -9.85
N ALA D 343 -29.30 11.56 -9.04
CA ALA D 343 -30.68 11.26 -8.65
C ALA D 343 -31.62 11.30 -9.86
N VAL D 344 -31.45 12.31 -10.72
CA VAL D 344 -32.35 12.45 -11.86
C VAL D 344 -32.07 11.36 -12.90
N ARG D 345 -30.79 11.02 -13.10
CA ARG D 345 -30.46 9.91 -13.99
CA ARG D 345 -30.45 9.91 -13.99
C ARG D 345 -31.17 8.64 -13.54
N THR D 346 -31.09 8.33 -12.25
CA THR D 346 -31.79 7.15 -11.70
C THR D 346 -33.28 7.22 -11.98
N ALA D 347 -33.90 8.39 -11.77
CA ALA D 347 -35.34 8.51 -11.95
C ALA D 347 -35.74 8.28 -13.40
N VAL D 348 -35.02 8.91 -14.33
CA VAL D 348 -35.37 8.78 -15.75
C VAL D 348 -35.17 7.35 -16.22
N ILE D 349 -34.06 6.73 -15.84
CA ILE D 349 -33.81 5.37 -16.28
C ILE D 349 -34.85 4.42 -15.69
N ASN D 350 -35.16 4.58 -14.40
CA ASN D 350 -36.12 3.67 -13.77
C ASN D 350 -37.53 3.87 -14.33
N ALA D 351 -37.90 5.11 -14.67
CA ALA D 351 -39.23 5.35 -15.22
C ALA D 351 -39.33 4.82 -16.64
N ALA D 352 -38.29 5.06 -17.45
CA ALA D 352 -38.32 4.62 -18.84
C ALA D 352 -38.34 3.10 -18.96
N SER D 353 -37.72 2.41 -18.02
CA SER D 353 -37.66 0.96 -18.04
C SER D 353 -38.85 0.31 -17.36
N GLY D 354 -39.71 1.10 -16.75
CA GLY D 354 -40.83 0.57 -16.00
C GLY D 354 -40.48 0.07 -14.62
N ARG D 355 -39.23 0.25 -14.17
CA ARG D 355 -38.81 -0.19 -12.85
C ARG D 355 -39.53 0.58 -11.75
N GLN D 356 -39.80 1.86 -11.97
CA GLN D 356 -40.61 2.67 -11.06
C GLN D 356 -41.66 3.41 -11.87
N THR D 357 -42.76 3.75 -11.21
CA THR D 357 -43.70 4.69 -11.81
C THR D 357 -43.05 6.08 -11.89
N VAL D 358 -43.63 6.93 -12.74
CA VAL D 358 -43.12 8.30 -12.83
C VAL D 358 -43.17 8.98 -11.47
N ASP D 359 -44.30 8.86 -10.77
CA ASP D 359 -44.44 9.56 -9.50
C ASP D 359 -43.42 9.08 -8.48
N ALA D 360 -43.22 7.77 -8.37
CA ALA D 360 -42.28 7.24 -7.39
C ALA D 360 -40.85 7.60 -7.76
N ALA D 361 -40.52 7.50 -9.05
CA ALA D 361 -39.17 7.82 -9.50
C ALA D 361 -38.82 9.27 -9.20
N LEU D 362 -39.73 10.20 -9.49
CA LEU D 362 -39.43 11.62 -9.29
C LEU D 362 -39.51 12.00 -7.82
N ALA D 363 -40.37 11.33 -7.03
CA ALA D 363 -40.40 11.61 -5.60
C ALA D 363 -39.08 11.22 -4.95
N ALA D 364 -38.53 10.08 -5.34
CA ALA D 364 -37.23 9.67 -4.83
C ALA D 364 -36.12 10.62 -5.26
N ALA D 365 -36.12 11.06 -6.52
CA ALA D 365 -35.11 12.00 -6.99
C ALA D 365 -35.20 13.32 -6.25
N GLN D 366 -36.42 13.78 -5.98
CA GLN D 366 -36.62 15.04 -5.27
C GLN D 366 -36.00 14.99 -3.88
N THR D 367 -36.36 13.98 -3.11
CA THR D 367 -35.81 13.86 -1.77
C THR D 367 -34.30 13.71 -1.80
N ASN D 368 -33.80 12.87 -2.70
CA ASN D 368 -32.38 12.51 -2.64
C ASN D 368 -31.49 13.60 -3.19
N ALA D 369 -31.95 14.36 -4.18
CA ALA D 369 -31.13 15.51 -4.59
C ALA D 369 -30.99 16.51 -3.45
N ALA D 370 -32.00 16.60 -2.58
CA ALA D 370 -31.98 17.56 -1.48
C ALA D 370 -31.36 17.00 -0.21
N ALA D 371 -31.40 15.69 0.00
CA ALA D 371 -31.11 15.12 1.31
C ALA D 371 -30.01 14.07 1.32
N ALA D 372 -29.45 13.71 0.16
CA ALA D 372 -28.41 12.68 0.14
C ALA D 372 -27.23 13.06 1.03
N ALA D 373 -26.85 14.34 1.04
CA ALA D 373 -25.70 14.77 1.83
C ALA D 373 -25.99 14.60 3.32
N GLU D 374 -27.22 14.90 3.74
CA GLU D 374 -27.59 14.72 5.14
C GLU D 374 -27.61 13.25 5.51
N TYR D 375 -28.15 12.39 4.63
CA TYR D 375 -28.17 10.96 4.93
C TYR D 375 -26.75 10.42 5.04
N LYS D 376 -25.84 10.89 4.17
CA LYS D 376 -24.47 10.41 4.21
C LYS D 376 -23.76 10.86 5.48
N LYS D 377 -24.02 12.10 5.93
CA LYS D 377 -23.45 12.56 7.19
C LYS D 377 -23.93 11.71 8.36
N ILE D 378 -25.21 11.33 8.35
CA ILE D 378 -25.75 10.48 9.42
C ILE D 378 -25.11 9.09 9.36
N LEU D 379 -25.04 8.52 8.15
CA LEU D 379 -24.43 7.21 7.99
C LEU D 379 -22.97 7.22 8.45
N LEU D 380 -22.24 8.28 8.13
CA LEU D 380 -20.84 8.33 8.54
C LEU D 380 -20.70 8.58 10.03
N LEU D 381 -21.29 9.67 10.51
CA LEU D 381 -20.98 10.14 11.87
C LEU D 381 -21.69 9.35 12.94
N LYS D 382 -22.92 8.91 12.68
CA LYS D 382 -23.69 8.13 13.63
C LYS D 382 -23.67 6.64 13.33
N GLY D 383 -23.13 6.24 12.17
CA GLY D 383 -23.02 4.84 11.85
C GLY D 383 -21.59 4.37 11.91
N PHE D 384 -20.83 4.62 10.85
CA PHE D 384 -19.51 4.01 10.71
C PHE D 384 -18.53 4.52 11.75
N GLU D 385 -18.59 5.80 12.10
CA GLU D 385 -17.63 6.32 13.08
C GLU D 385 -17.91 5.82 14.49
N LEU D 386 -19.04 5.16 14.71
CA LEU D 386 -19.38 4.63 16.02
C LEU D 386 -19.14 3.13 16.13
N MET D 387 -18.51 2.52 15.15
CA MET D 387 -18.13 1.11 15.24
C MET D 387 -16.61 1.00 15.14
N ASP D 388 -16.06 0.00 15.84
CA ASP D 388 -14.62 -0.19 15.80
C ASP D 388 -14.19 -0.79 14.46
N ASP D 389 -12.87 -0.88 14.27
CA ASP D 389 -12.32 -1.36 13.00
C ASP D 389 -12.67 -2.82 12.75
N TYR D 390 -12.83 -3.62 13.80
CA TYR D 390 -13.25 -5.00 13.63
C TYR D 390 -14.63 -5.08 12.99
N HIS D 391 -15.59 -4.32 13.52
CA HIS D 391 -16.94 -4.35 12.94
C HIS D 391 -16.97 -3.69 11.58
N PHE D 392 -16.20 -2.62 11.37
CA PHE D 392 -16.17 -1.96 10.07
C PHE D 392 -15.67 -2.90 8.98
N THR D 393 -14.63 -3.68 9.29
CA THR D 393 -14.20 -4.73 8.36
C THR D 393 -15.30 -5.76 8.13
N SER D 394 -16.00 -6.14 9.19
CA SER D 394 -17.08 -7.12 9.04
C SER D 394 -18.19 -6.58 8.14
N ILE D 395 -18.59 -5.32 8.37
CA ILE D 395 -19.63 -4.72 7.54
C ILE D 395 -19.18 -4.59 6.10
N LYS D 396 -17.90 -4.29 5.87
CA LYS D 396 -17.40 -4.22 4.49
C LYS D 396 -17.47 -5.58 3.82
N SER D 397 -17.23 -6.66 4.57
CA SER D 397 -17.39 -7.99 4.01
C SER D 397 -18.85 -8.28 3.66
N LEU D 398 -19.77 -7.93 4.54
CA LEU D 398 -21.20 -8.15 4.28
C LEU D 398 -21.72 -7.30 3.13
N LEU D 399 -21.07 -6.17 2.85
CA LEU D 399 -21.44 -5.30 1.74
C LEU D 399 -20.69 -5.62 0.45
N ALA D 400 -19.84 -6.65 0.45
CA ALA D 400 -18.90 -6.83 -0.65
C ALA D 400 -19.62 -7.05 -1.98
N TYR D 401 -20.71 -7.81 -1.97
CA TYR D 401 -21.42 -8.07 -3.22
C TYR D 401 -22.19 -6.84 -3.68
N ASP D 402 -22.83 -6.14 -2.75
CA ASP D 402 -23.64 -4.97 -3.13
C ASP D 402 -22.78 -3.83 -3.63
N LEU D 403 -21.56 -3.69 -3.13
CA LEU D 403 -20.71 -2.56 -3.49
C LEU D 403 -19.57 -2.94 -4.44
N GLY D 404 -19.44 -4.21 -4.79
CA GLY D 404 -18.35 -4.64 -5.67
C GLY D 404 -16.98 -4.53 -5.04
N LEU D 405 -16.84 -4.96 -3.79
CA LEU D 405 -15.62 -4.75 -3.03
C LEU D 405 -14.72 -5.97 -3.15
N THR D 406 -13.59 -5.82 -3.82
CA THR D 406 -12.67 -6.90 -3.87
C THR D 406 -12.06 -7.00 -2.48
N THR D 407 -11.34 -8.09 -2.23
CA THR D 407 -10.76 -8.25 -0.92
C THR D 407 -9.76 -7.13 -0.61
N LYS D 408 -9.03 -6.63 -1.58
CA LYS D 408 -8.13 -5.51 -1.34
C LYS D 408 -8.90 -4.24 -1.00
N MET D 409 -10.05 -4.03 -1.66
CA MET D 409 -10.89 -2.89 -1.30
C MET D 409 -11.44 -3.04 0.10
N GLN D 410 -11.82 -4.26 0.49
CA GLN D 410 -12.32 -4.48 1.84
C GLN D 410 -11.26 -4.16 2.87
N GLU D 411 -9.99 -4.34 2.53
CA GLU D 411 -8.90 -4.06 3.47
C GLU D 411 -8.57 -2.58 3.52
N GLU D 412 -8.64 -1.88 2.38
CA GLU D 412 -8.11 -0.54 2.27
C GLU D 412 -9.14 0.57 2.45
N TYR D 413 -10.40 0.34 2.06
CA TYR D 413 -11.36 1.44 1.98
C TYR D 413 -11.74 1.96 3.36
N ASN D 414 -11.73 3.28 3.52
CA ASN D 414 -12.06 3.88 4.81
C ASN D 414 -13.54 4.21 4.89
N ARG D 415 -13.96 4.75 6.05
CA ARG D 415 -15.39 4.92 6.31
C ARG D 415 -16.00 6.01 5.43
N ILE D 416 -15.23 7.02 5.05
CA ILE D 416 -15.73 8.04 4.13
C ILE D 416 -16.01 7.41 2.77
N LYS D 417 -15.05 6.62 2.28
CA LYS D 417 -15.20 5.94 0.99
C LYS D 417 -16.40 5.01 1.00
N ILE D 418 -16.55 4.21 2.06
CA ILE D 418 -17.68 3.28 2.09
C ILE D 418 -18.99 4.06 2.17
N THR D 419 -19.01 5.18 2.91
CA THR D 419 -20.24 5.97 2.98
C THR D 419 -20.64 6.48 1.60
N ASP D 420 -19.67 6.99 0.84
CA ASP D 420 -19.95 7.43 -0.53
C ASP D 420 -20.49 6.28 -1.37
N LEU D 421 -19.79 5.15 -1.38
CA LEU D 421 -20.19 4.02 -2.22
C LEU D 421 -21.56 3.48 -1.79
N MET D 422 -21.79 3.40 -0.48
CA MET D 422 -23.02 2.82 0.04
C MET D 422 -24.24 3.66 -0.35
N GLU D 423 -24.14 4.99 -0.24
CA GLU D 423 -25.28 5.81 -0.63
C GLU D 423 -25.46 5.84 -2.14
N LYS D 424 -24.39 5.63 -2.92
CA LYS D 424 -24.59 5.51 -4.36
C LYS D 424 -25.46 4.31 -4.70
N LYS D 425 -25.22 3.18 -4.02
CA LYS D 425 -26.00 1.96 -4.27
C LYS D 425 -27.36 2.00 -3.59
N PHE D 426 -27.43 2.57 -2.39
CA PHE D 426 -28.64 2.62 -1.57
C PHE D 426 -28.92 4.11 -1.31
N GLN D 427 -29.64 4.75 -2.23
CA GLN D 427 -29.72 6.21 -2.23
C GLN D 427 -30.59 6.72 -1.09
N GLY D 428 -30.20 7.86 -0.54
CA GLY D 428 -31.02 8.51 0.47
C GLY D 428 -31.17 7.65 1.71
N VAL D 429 -32.41 7.54 2.19
CA VAL D 429 -32.68 6.82 3.43
C VAL D 429 -32.30 5.34 3.32
N ALA D 430 -32.19 4.80 2.10
CA ALA D 430 -31.91 3.38 1.94
C ALA D 430 -30.57 2.99 2.52
N CYS D 431 -29.59 3.91 2.51
CA CYS D 431 -28.29 3.54 3.08
C CYS D 431 -28.37 3.40 4.59
N LEU D 432 -29.21 4.19 5.26
CA LEU D 432 -29.43 3.99 6.69
C LEU D 432 -30.19 2.69 6.94
N ASP D 433 -31.24 2.46 6.15
CA ASP D 433 -32.00 1.21 6.29
C ASP D 433 -31.10 0.01 6.11
N LYS D 434 -30.15 0.09 5.17
CA LYS D 434 -29.27 -1.05 4.90
C LYS D 434 -28.31 -1.28 6.07
N LEU D 435 -27.74 -0.23 6.65
CA LEU D 435 -26.82 -0.45 7.77
C LEU D 435 -27.58 -0.93 9.00
N ILE D 436 -28.80 -0.44 9.21
CA ILE D 436 -29.62 -0.94 10.32
C ILE D 436 -29.88 -2.43 10.15
N GLU D 437 -30.24 -2.85 8.94
CA GLU D 437 -30.55 -4.25 8.68
C GLU D 437 -29.30 -5.12 8.87
N LEU D 438 -28.14 -4.64 8.42
CA LEU D 438 -26.91 -5.43 8.51
C LEU D 438 -26.47 -5.62 9.95
N ALA D 439 -26.66 -4.61 10.80
CA ALA D 439 -26.10 -4.62 12.14
C ALA D 439 -27.15 -4.84 13.23
N LYS D 440 -28.40 -5.09 12.86
CA LYS D 440 -29.46 -5.20 13.86
C LYS D 440 -29.25 -6.40 14.77
N ASP D 441 -28.58 -7.45 14.31
CA ASP D 441 -28.36 -8.65 15.10
C ASP D 441 -26.93 -8.79 15.60
N MET D 442 -26.06 -7.85 15.29
CA MET D 442 -24.73 -7.86 15.88
C MET D 442 -24.83 -7.43 17.35
N PRO D 443 -24.24 -8.19 18.28
CA PRO D 443 -24.46 -7.87 19.71
C PRO D 443 -23.85 -6.55 20.12
N SER D 444 -22.64 -6.26 19.65
CA SER D 444 -21.94 -5.04 20.08
C SER D 444 -22.51 -3.79 19.42
N LEU D 445 -23.19 -3.92 18.28
CA LEU D 445 -23.71 -2.77 17.56
C LEU D 445 -25.18 -2.50 17.86
N LYS D 446 -25.83 -3.37 18.63
CA LYS D 446 -27.24 -3.17 18.99
C LYS D 446 -27.52 -1.75 19.45
N ASN D 447 -26.58 -1.16 20.20
CA ASN D 447 -26.75 0.22 20.66
C ASN D 447 -26.73 1.19 19.49
N LEU D 448 -25.68 1.14 18.68
CA LEU D 448 -25.55 2.02 17.51
C LEU D 448 -26.76 1.91 16.60
N VAL D 449 -27.26 0.69 16.38
CA VAL D 449 -28.43 0.49 15.52
C VAL D 449 -29.63 1.22 16.09
N ASN D 450 -29.84 1.10 17.40
CA ASN D 450 -30.95 1.80 18.04
C ASN D 450 -30.88 3.30 17.80
N ASN D 451 -29.67 3.88 17.88
CA ASN D 451 -29.53 5.32 17.65
C ASN D 451 -29.73 5.68 16.19
N LEU D 452 -29.27 4.83 15.26
CA LEU D 452 -29.52 5.09 13.84
C LEU D 452 -31.01 5.18 13.56
N ARG D 453 -31.81 4.31 14.18
CA ARG D 453 -33.25 4.37 14.01
C ARG D 453 -33.79 5.74 14.38
N LYS D 454 -33.35 6.28 15.52
CA LYS D 454 -33.87 7.56 15.96
C LYS D 454 -33.32 8.70 15.11
N GLU D 455 -32.11 8.54 14.57
CA GLU D 455 -31.59 9.53 13.63
C GLU D 455 -32.35 9.49 12.31
N LYS D 456 -32.84 8.32 11.92
CA LYS D 456 -33.67 8.23 10.72
C LYS D 456 -35.00 8.97 10.91
N SER D 457 -35.63 8.81 12.07
CA SER D 457 -36.89 9.52 12.32
C SER D 457 -36.70 11.02 12.34
N LYS D 458 -35.54 11.49 12.83
CA LYS D 458 -35.29 12.92 12.90
C LYS D 458 -35.24 13.55 11.51
N VAL D 459 -34.58 12.90 10.56
CA VAL D 459 -34.46 13.49 9.23
C VAL D 459 -35.78 13.42 8.48
N ALA D 460 -36.58 12.37 8.72
CA ALA D 460 -37.84 12.21 8.00
C ALA D 460 -38.75 13.42 8.19
N LYS D 461 -38.81 13.97 9.40
CA LYS D 461 -39.70 15.08 9.67
C LYS D 461 -39.07 16.42 9.30
N LYS D 462 -37.73 16.54 9.41
CA LYS D 462 -37.07 17.69 8.82
C LYS D 462 -37.31 17.76 7.31
N ILE D 463 -37.42 16.59 6.67
CA ILE D 463 -37.76 16.55 5.25
C ILE D 463 -39.20 16.97 5.03
N LYS D 464 -40.12 16.48 5.87
CA LYS D 464 -41.54 16.78 5.68
C LYS D 464 -41.85 18.25 5.95
N THR D 465 -41.15 18.88 6.89
CA THR D 465 -41.34 20.31 7.12
C THR D 465 -40.92 21.12 5.90
N GLN D 466 -39.98 20.61 5.10
CA GLN D 466 -39.64 21.21 3.83
C GLN D 466 -40.62 20.83 2.72
N GLU D 467 -41.85 20.49 3.07
CA GLU D 467 -42.87 20.14 2.09
C GLU D 467 -44.22 20.76 2.45
C1 GLC E . 11.88 22.53 16.26
C2 GLC E . 11.88 21.01 16.34
C3 GLC E . 11.80 20.54 17.79
C4 GLC E . 12.88 21.21 18.63
C5 GLC E . 12.72 22.72 18.52
C6 GLC E . 13.86 23.42 19.24
O1 GLC E . 10.60 23.01 16.58
O2 GLC E . 10.74 20.56 15.63
O3 GLC E . 11.94 19.13 17.85
O4 GLC E . 12.70 20.84 19.99
O5 GLC E . 12.79 23.13 17.17
O6 GLC E . 13.54 24.79 19.43
C1 GLC E . 13.56 19.82 20.49
C2 GLC E . 12.78 18.82 21.33
C3 GLC E . 12.16 19.54 22.52
C4 GLC E . 13.28 20.13 23.36
C5 GLC E . 14.18 21.01 22.49
C6 GLC E . 15.46 21.45 23.20
O2 GLC E . 11.77 18.21 20.53
O3 GLC E . 11.44 18.61 23.30
O4 GLC E . 12.68 20.88 24.42
O5 GLC E . 14.59 20.37 21.29
O6 GLC E . 15.95 22.64 22.61
C1 GLC F . 23.36 -20.49 22.67
C2 GLC F . 22.64 -19.16 22.59
C3 GLC F . 22.60 -18.67 21.15
C4 GLC F . 24.00 -18.66 20.53
C5 GLC F . 24.62 -20.05 20.68
C6 GLC F . 26.08 -20.06 20.23
O1 GLC F . 22.62 -21.46 22.01
O2 GLC F . 21.32 -19.31 23.06
O3 GLC F . 22.04 -17.37 21.09
O4 GLC F . 23.88 -18.39 19.14
O5 GLC F . 24.62 -20.43 22.03
O6 GLC F . 26.49 -21.38 19.91
C1 GLC F . 24.19 -17.08 18.72
C2 GLC F . 23.14 -16.61 17.72
C3 GLC F . 23.18 -17.47 16.48
C4 GLC F . 24.60 -17.39 15.89
C5 GLC F . 25.64 -17.76 16.95
C6 GLC F . 27.05 -17.49 16.42
O2 GLC F . 21.86 -16.63 18.34
O3 GLC F . 22.23 -17.02 15.55
O4 GLC F . 24.70 -18.31 14.80
O5 GLC F . 25.48 -17.00 18.14
O6 GLC F . 28.00 -18.12 17.26
C1 GLC G . -13.14 -18.89 -15.52
C2 GLC G . -12.33 -19.98 -16.21
C3 GLC G . -12.21 -19.72 -17.70
C4 GLC G . -13.58 -19.49 -18.35
C5 GLC G . -14.24 -18.33 -17.61
C6 GLC G . -15.66 -18.12 -18.14
O1 GLC G . -12.36 -17.74 -15.40
O2 GLC G . -11.05 -20.01 -15.61
O3 GLC G . -11.56 -20.83 -18.32
O4 GLC G . -13.37 -19.15 -19.71
O5 GLC G . -14.34 -18.59 -16.21
O6 GLC G . -16.12 -16.83 -17.78
C1 GLC G . -13.60 -20.17 -20.67
C2 GLC G . -12.49 -20.15 -21.71
C3 GLC G . -12.51 -18.83 -22.45
C4 GLC G . -13.88 -18.64 -23.11
C5 GLC G . -14.98 -18.80 -22.07
C6 GLC G . -16.37 -18.81 -22.72
O2 GLC G . -11.23 -20.38 -21.09
O3 GLC G . -11.51 -18.78 -23.44
O4 GLC G . -13.94 -17.36 -23.71
O5 GLC G . -14.85 -19.98 -21.30
O6 GLC G . -17.38 -18.52 -21.77
C1 GLC H . -22.31 16.67 -23.66
C2 GLC H . -22.44 18.03 -22.97
C3 GLC H . -22.47 17.84 -21.46
C4 GLC H . -23.58 16.86 -21.04
C5 GLC H . -23.37 15.54 -21.81
C6 GLC H . -24.57 14.62 -21.59
O1 GLC H . -21.06 16.11 -23.37
O2 GLC H . -21.33 18.81 -23.32
O3 GLC H . -22.67 19.08 -20.81
O4 GLC H . -23.48 16.61 -19.65
O5 GLC H . -23.29 15.76 -23.20
O6 GLC H . -24.18 13.28 -21.90
C1 GLC H . -24.39 17.26 -18.78
C2 GLC H . -23.63 17.79 -17.56
C3 GLC H . -23.05 16.63 -16.78
C4 GLC H . -24.19 15.70 -16.37
C5 GLC H . -25.00 15.28 -17.59
C6 GLC H . -26.26 14.52 -17.14
O2 GLC H . -22.63 18.68 -17.99
O3 GLC H . -22.37 17.10 -15.63
O4 GLC H . -23.67 14.53 -15.77
O5 GLC H . -25.42 16.38 -18.36
O6 GLC H . -26.82 13.83 -18.27
C1 EDO I . 12.10 6.33 21.45
O1 EDO I . 12.79 5.96 22.66
C2 EDO I . 13.13 6.42 20.34
O2 EDO I . 13.86 5.17 20.36
C1 EDO J . 7.80 26.13 22.73
O1 EDO J . 9.19 26.05 22.38
C2 EDO J . 7.01 26.82 21.64
O2 EDO J . 5.62 26.42 21.66
C1 EDO K . 31.76 33.87 26.59
O1 EDO K . 31.30 35.24 26.56
C2 EDO K . 31.88 33.40 28.02
O2 EDO K . 32.49 34.43 28.80
C ACT L . 49.07 -13.95 25.25
O ACT L . 50.17 -13.54 24.82
OXT ACT L . 49.10 -15.06 25.81
CH3 ACT L . 47.80 -13.15 25.08
C1 EDO M . -6.06 -30.11 -25.78
O1 EDO M . -5.96 -31.37 -26.47
C2 EDO M . -5.29 -29.07 -26.61
O2 EDO M . -5.73 -29.16 -27.97
C1 EDO N . -5.62 -14.40 -30.38
O1 EDO N . -5.93 -15.67 -30.96
C2 EDO N . -4.73 -13.64 -31.34
O2 EDO N . -3.45 -14.28 -31.33
C1 EDO O . 2.89 -25.13 1.65
O1 EDO O . 2.39 -25.11 2.99
C2 EDO O . 2.19 -26.26 0.90
O2 EDO O . 2.47 -27.51 1.58
C ACT P . -47.59 8.76 -26.49
O ACT P . -48.71 8.38 -26.05
OXT ACT P . -47.13 8.10 -27.44
CH3 ACT P . -46.86 9.93 -25.88
#